data_9FID
#
_entry.id   9FID
#
_cell.length_a   58.480
_cell.length_b   196.980
_cell.length_c   99.870
_cell.angle_alpha   90.000
_cell.angle_beta   106.820
_cell.angle_gamma   90.000
#
_symmetry.space_group_name_H-M   'P 1 21 1'
#
loop_
_entity.id
_entity.type
_entity.pdbx_description
1 polymer Furin
2 polymer 'Neuroendocrine convertase 1'
3 non-polymer 'CALCIUM ION'
4 non-polymer 'SODIUM ION'
5 water water
#
loop_
_entity_poly.entity_id
_entity_poly.type
_entity_poly.pdbx_seq_one_letter_code
_entity_poly.pdbx_strand_id
1 'polypeptide(L)'
;DVYQEPTDPKFPQQWYLSGVTQRDLNVKAAWAQGYTGHGIVVSILDDGIEKNHPDLAGNYDPGASFDVNDQDPDPQPRYT
QMNDNRHGTRCAGEVAAVANNGVCGVGVAYNARIGGVRMLDGEVTDAVEARSLGLNPNHIHIYSASWGPEDDGKTVDGPA
RLAEEAFFRGVSQGRGGLGSIFVWASGNGGREHDSCNCDGYTNSIYTLSISSATQFGNVPWYSEACSSTLATTYSSGNQN
EKQIVTTDLRQKCTESHTGTSASAPLAAGIIALTLEANKNLTWRDMQHLVVQTSKPAHLNANDWATNGVGRKVSHSYGYG
LLDAGAMVALAQNWTTVAPQRKCIIDILTEPKDIGKRLEVRKTVTACLGEPNHITRLEHAQARLTLSYNRRGDLAIHLVS
PMGTRSTLLAARPHDYSADGFNDWAFMTTHSWDEDPSGEWVLEIENTSEANNYGTLTKFTLVLYGTASGSLVPRGSHHHH
HH
;
A,B,C
2 'polypeptide(L)'
;MGHHHHHHSGHMKRQFVNEWAAEIPGGPEAASAIAEELGYDLLGQIGSLENHYLFKHKNHPRKSARSAFHITKRLSDDDR
VIWAEQQYEKERSKR
;
D,E,F
#
# COMPACT_ATOMS: atom_id res chain seq x y z
N TYR A 3 29.75 5.11 -17.24
CA TYR A 3 28.35 4.86 -16.89
C TYR A 3 27.54 6.15 -16.88
N GLN A 4 26.39 6.12 -17.55
CA GLN A 4 25.49 7.26 -17.64
C GLN A 4 24.38 7.10 -16.61
N GLU A 5 24.29 8.05 -15.69
CA GLU A 5 23.31 7.98 -14.61
C GLU A 5 21.93 8.39 -15.11
N PRO A 6 20.89 8.11 -14.32
CA PRO A 6 19.52 8.39 -14.78
C PRO A 6 19.31 9.84 -15.18
N THR A 7 18.47 10.01 -16.20
CA THR A 7 18.08 11.33 -16.69
C THR A 7 16.67 11.71 -16.25
N ASP A 8 16.05 10.94 -15.36
CA ASP A 8 14.67 11.19 -14.98
C ASP A 8 14.54 12.57 -14.33
N PRO A 9 13.40 13.22 -14.48
CA PRO A 9 13.29 14.62 -14.01
C PRO A 9 13.45 14.77 -12.52
N LYS A 10 12.95 13.82 -11.73
CA LYS A 10 13.02 13.94 -10.27
C LYS A 10 14.19 13.18 -9.67
N PHE A 11 15.06 12.61 -10.49
CA PHE A 11 16.24 11.93 -9.95
C PHE A 11 17.14 12.87 -9.15
N PRO A 12 17.43 14.09 -9.60
CA PRO A 12 18.25 14.99 -8.76
C PRO A 12 17.65 15.26 -7.38
N GLN A 13 16.34 15.10 -7.21
CA GLN A 13 15.72 15.26 -5.91
C GLN A 13 15.81 14.01 -5.05
N GLN A 14 16.31 12.89 -5.59
CA GLN A 14 16.47 11.66 -4.83
C GLN A 14 17.84 11.67 -4.15
N TRP A 15 17.98 12.61 -3.22
CA TRP A 15 19.24 12.84 -2.52
C TRP A 15 19.77 11.58 -1.87
N TYR A 16 18.88 10.68 -1.44
CA TYR A 16 19.26 9.45 -0.76
C TYR A 16 19.89 8.42 -1.68
N LEU A 17 19.84 8.62 -3.00
CA LEU A 17 20.40 7.66 -3.95
C LEU A 17 21.85 8.02 -4.31
N SER A 18 22.04 9.14 -5.00
CA SER A 18 23.39 9.59 -5.34
C SER A 18 23.57 11.07 -5.00
N ARG A 23 26.26 11.84 1.62
CA ARG A 23 25.19 11.46 2.54
C ARG A 23 24.10 10.71 1.78
N ASP A 24 24.45 9.54 1.25
CA ASP A 24 23.50 8.75 0.48
C ASP A 24 23.79 7.27 0.69
N LEU A 25 22.93 6.44 0.08
CA LEU A 25 23.00 4.99 0.20
C LEU A 25 24.03 4.35 -0.73
N ASN A 26 24.81 5.15 -1.46
CA ASN A 26 25.85 4.64 -2.36
C ASN A 26 25.26 3.69 -3.40
N VAL A 27 24.11 4.08 -3.96
CA VAL A 27 23.43 3.24 -4.94
C VAL A 27 24.07 3.37 -6.32
N LYS A 28 24.51 4.58 -6.69
CA LYS A 28 25.17 4.78 -7.97
C LYS A 28 26.37 3.84 -8.14
N ALA A 29 27.09 3.59 -7.05
CA ALA A 29 28.26 2.71 -7.13
C ALA A 29 27.86 1.30 -7.55
N ALA A 30 26.70 0.84 -7.10
CA ALA A 30 26.23 -0.48 -7.52
C ALA A 30 25.76 -0.45 -8.98
N TRP A 31 25.16 0.66 -9.41
CA TRP A 31 24.72 0.77 -10.80
C TRP A 31 25.90 0.71 -11.76
N ALA A 32 26.99 1.38 -11.41
CA ALA A 32 28.16 1.42 -12.28
C ALA A 32 28.86 0.07 -12.38
N GLN A 33 28.71 -0.78 -11.37
CA GLN A 33 29.23 -2.14 -11.42
C GLN A 33 28.40 -3.04 -12.30
N GLY A 34 27.32 -2.53 -12.88
CA GLY A 34 26.45 -3.30 -13.74
C GLY A 34 25.23 -3.89 -13.07
N TYR A 35 24.92 -3.46 -11.86
CA TYR A 35 23.84 -4.04 -11.05
C TYR A 35 22.69 -3.05 -10.94
N THR A 36 21.58 -3.35 -11.62
CA THR A 36 20.38 -2.54 -11.56
C THR A 36 19.14 -3.33 -11.17
N GLY A 37 19.26 -4.63 -10.91
CA GLY A 37 18.16 -5.44 -10.48
C GLY A 37 17.53 -6.34 -11.52
N HIS A 38 18.14 -6.49 -12.69
CA HIS A 38 17.56 -7.33 -13.73
C HIS A 38 17.50 -8.78 -13.25
N GLY A 39 16.34 -9.41 -13.41
CA GLY A 39 16.13 -10.78 -13.01
C GLY A 39 15.62 -10.98 -11.61
N ILE A 40 15.56 -9.93 -10.79
CA ILE A 40 15.12 -10.04 -9.41
C ILE A 40 13.66 -9.60 -9.34
N VAL A 41 12.85 -10.36 -8.60
CA VAL A 41 11.44 -10.08 -8.42
C VAL A 41 11.22 -9.64 -6.98
N VAL A 42 10.52 -8.52 -6.81
CA VAL A 42 10.22 -7.97 -5.50
C VAL A 42 8.72 -7.71 -5.43
N SER A 43 8.12 -8.05 -4.29
CA SER A 43 6.69 -7.88 -4.08
C SER A 43 6.46 -6.97 -2.88
N ILE A 44 5.53 -6.04 -3.03
CA ILE A 44 5.14 -5.11 -1.97
C ILE A 44 3.89 -5.65 -1.32
N LEU A 45 3.99 -6.02 -0.04
CA LEU A 45 2.83 -6.48 0.73
C LEU A 45 2.24 -5.25 1.41
N ASP A 46 1.12 -4.76 0.86
CA ASP A 46 0.56 -3.50 1.33
C ASP A 46 -0.90 -3.35 0.91
N ASP A 47 -1.31 -2.17 0.44
CA ASP A 47 -2.71 -1.89 0.13
C ASP A 47 -2.98 -1.89 -1.38
N GLY A 48 -2.09 -2.46 -2.17
CA GLY A 48 -2.24 -2.50 -3.61
C GLY A 48 -1.14 -1.72 -4.32
N ILE A 49 -1.09 -1.90 -5.63
CA ILE A 49 -0.08 -1.27 -6.47
C ILE A 49 -0.74 -0.83 -7.77
N GLU A 50 -0.51 0.42 -8.16
CA GLU A 50 -1.04 0.96 -9.40
C GLU A 50 -0.18 0.44 -10.55
N LYS A 51 -0.55 -0.74 -11.05
CA LYS A 51 0.29 -1.41 -12.04
C LYS A 51 0.30 -0.68 -13.37
N ASN A 52 -0.65 0.21 -13.61
CA ASN A 52 -0.70 1.01 -14.83
C ASN A 52 0.04 2.34 -14.69
N HIS A 53 0.64 2.60 -13.54
CA HIS A 53 1.36 3.86 -13.35
C HIS A 53 2.46 3.97 -14.39
N PRO A 54 2.61 5.12 -15.05
CA PRO A 54 3.60 5.22 -16.14
C PRO A 54 5.03 4.93 -15.72
N ASP A 55 5.34 4.98 -14.42
CA ASP A 55 6.67 4.67 -13.93
C ASP A 55 6.74 3.30 -13.25
N LEU A 56 5.67 2.50 -13.34
CA LEU A 56 5.65 1.17 -12.75
C LEU A 56 5.26 0.11 -13.77
N ALA A 57 4.42 0.49 -14.73
CA ALA A 57 3.89 -0.49 -15.68
C ALA A 57 5.01 -1.22 -16.40
N GLY A 58 6.06 -0.50 -16.80
CA GLY A 58 7.16 -1.13 -17.52
C GLY A 58 7.87 -2.22 -16.75
N ASN A 59 7.81 -2.18 -15.42
CA ASN A 59 8.44 -3.19 -14.57
C ASN A 59 7.43 -4.08 -13.85
N TYR A 60 6.14 -3.87 -14.07
CA TYR A 60 5.13 -4.61 -13.31
C TYR A 60 5.17 -6.10 -13.65
N ASP A 61 4.96 -6.92 -12.63
CA ASP A 61 4.94 -8.38 -12.78
C ASP A 61 3.69 -8.95 -12.13
N PRO A 62 2.72 -9.43 -12.91
CA PRO A 62 1.54 -10.08 -12.30
C PRO A 62 1.88 -11.35 -11.55
N GLY A 63 2.98 -12.01 -11.88
CA GLY A 63 3.39 -13.21 -11.16
C GLY A 63 3.84 -12.96 -9.74
N ALA A 64 4.09 -11.71 -9.36
CA ALA A 64 4.46 -11.34 -8.00
C ALA A 64 3.35 -10.58 -7.29
N SER A 65 2.13 -10.64 -7.83
CA SER A 65 1.02 -9.82 -7.35
C SER A 65 -0.20 -10.69 -7.06
N PHE A 66 -1.00 -10.23 -6.09
CA PHE A 66 -2.29 -10.83 -5.82
C PHE A 66 -3.11 -9.91 -4.92
N ASP A 67 -4.43 -9.99 -5.08
CA ASP A 67 -5.36 -9.24 -4.25
C ASP A 67 -5.97 -10.22 -3.26
N VAL A 68 -5.44 -10.22 -2.04
CA VAL A 68 -5.97 -11.09 -1.00
C VAL A 68 -7.28 -10.55 -0.45
N ASN A 69 -7.43 -9.23 -0.38
CA ASN A 69 -8.65 -8.65 0.18
C ASN A 69 -9.87 -9.01 -0.65
N ASP A 70 -9.77 -8.95 -1.97
CA ASP A 70 -10.90 -9.23 -2.86
C ASP A 70 -10.76 -10.55 -3.61
N GLN A 71 -9.75 -11.35 -3.30
CA GLN A 71 -9.65 -12.72 -3.81
C GLN A 71 -9.59 -12.74 -5.34
N ASP A 72 -8.65 -12.00 -5.91
CA ASP A 72 -8.51 -11.96 -7.36
C ASP A 72 -7.07 -11.58 -7.71
N PRO A 73 -6.63 -11.89 -8.92
CA PRO A 73 -5.22 -11.60 -9.27
C PRO A 73 -4.88 -10.13 -9.32
N ASP A 74 -5.83 -9.25 -9.63
CA ASP A 74 -5.52 -7.84 -9.85
C ASP A 74 -5.41 -7.09 -8.54
N PRO A 75 -4.22 -6.57 -8.18
CA PRO A 75 -4.05 -5.89 -6.88
C PRO A 75 -4.26 -4.39 -6.98
N GLN A 76 -5.09 -3.94 -7.91
CA GLN A 76 -5.24 -2.52 -8.15
C GLN A 76 -5.75 -1.84 -6.88
N PRO A 77 -5.20 -0.67 -6.51
CA PRO A 77 -5.68 0.00 -5.31
C PRO A 77 -7.10 0.51 -5.46
N ARG A 78 -7.80 0.55 -4.33
CA ARG A 78 -9.16 1.11 -4.28
C ARG A 78 -9.06 2.63 -4.22
N TYR A 79 -9.69 3.31 -5.18
CA TYR A 79 -9.61 4.76 -5.28
C TYR A 79 -10.67 5.42 -4.42
N THR A 80 -10.23 6.34 -3.55
CA THR A 80 -11.10 7.09 -2.66
C THR A 80 -10.74 8.57 -2.72
N GLN A 81 -11.63 9.40 -2.17
CA GLN A 81 -11.39 10.85 -2.21
C GLN A 81 -10.10 11.21 -1.48
N MET A 82 -9.82 10.58 -0.34
CA MET A 82 -8.63 10.89 0.44
C MET A 82 -7.38 10.16 -0.04
N ASN A 83 -7.50 9.35 -1.09
CA ASN A 83 -6.36 8.58 -1.60
C ASN A 83 -5.76 7.70 -0.50
N ASP A 84 -6.63 7.01 0.24
CA ASP A 84 -6.17 6.21 1.38
C ASP A 84 -5.26 5.06 0.96
N ASN A 85 -5.41 4.56 -0.27
CA ASN A 85 -4.69 3.37 -0.72
C ASN A 85 -3.55 3.72 -1.66
N ARG A 86 -2.81 4.78 -1.33
CA ARG A 86 -1.67 5.21 -2.10
C ARG A 86 -0.35 4.61 -1.62
N HIS A 87 -0.36 3.99 -0.43
CA HIS A 87 0.89 3.60 0.22
C HIS A 87 1.64 2.54 -0.57
N GLY A 88 0.95 1.48 -0.98
CA GLY A 88 1.63 0.42 -1.71
C GLY A 88 2.31 0.91 -2.96
N THR A 89 1.65 1.83 -3.68
CA THR A 89 2.24 2.37 -4.90
C THR A 89 3.49 3.19 -4.60
N ARG A 90 3.48 3.96 -3.51
CA ARG A 90 4.65 4.75 -3.14
C ARG A 90 5.85 3.87 -2.82
N CYS A 91 5.63 2.76 -2.09
CA CYS A 91 6.75 1.87 -1.78
C CYS A 91 7.27 1.16 -3.02
N ALA A 92 6.39 0.83 -3.97
CA ALA A 92 6.81 0.13 -5.16
C ALA A 92 7.72 1.00 -6.02
N GLY A 93 7.44 2.30 -6.09
CA GLY A 93 8.27 3.20 -6.87
C GLY A 93 9.67 3.36 -6.31
N GLU A 94 9.81 3.26 -4.98
CA GLU A 94 11.14 3.32 -4.38
C GLU A 94 12.00 2.15 -4.84
N VAL A 95 11.39 0.99 -5.06
CA VAL A 95 12.13 -0.21 -5.43
C VAL A 95 12.46 -0.21 -6.91
N ALA A 96 11.43 -0.18 -7.76
CA ALA A 96 11.60 -0.49 -9.17
C ALA A 96 10.84 0.50 -10.06
N ALA A 97 10.96 1.78 -9.78
CA ALA A 97 10.46 2.78 -10.72
C ALA A 97 11.35 2.82 -11.95
N VAL A 98 10.73 2.90 -13.13
CA VAL A 98 11.46 2.83 -14.38
C VAL A 98 12.38 4.04 -14.53
N ALA A 99 13.56 3.80 -15.10
CA ALA A 99 14.56 4.84 -15.30
C ALA A 99 14.59 5.34 -16.74
N ASN A 100 15.07 6.57 -16.90
CA ASN A 100 15.35 7.17 -18.21
C ASN A 100 14.13 7.16 -19.11
N ASN A 101 12.96 7.48 -18.55
CA ASN A 101 11.74 7.60 -19.33
C ASN A 101 11.06 8.94 -19.10
N GLY A 102 11.75 9.91 -18.51
CA GLY A 102 11.22 11.24 -18.35
C GLY A 102 10.02 11.35 -17.42
N VAL A 103 9.84 10.42 -16.51
CA VAL A 103 8.69 10.40 -15.61
C VAL A 103 9.18 10.25 -14.18
N CYS A 104 8.91 11.26 -13.36
CA CYS A 104 9.15 11.19 -11.90
C CYS A 104 10.61 10.83 -11.69
N GLY A 105 10.94 9.84 -10.87
CA GLY A 105 12.32 9.49 -10.60
C GLY A 105 12.67 8.08 -11.01
N VAL A 106 13.54 7.43 -10.24
CA VAL A 106 13.94 6.05 -10.49
C VAL A 106 13.87 5.26 -9.19
N GLY A 107 13.72 3.94 -9.34
CA GLY A 107 13.83 3.06 -8.20
C GLY A 107 15.26 2.64 -7.94
N VAL A 108 15.50 2.13 -6.73
CA VAL A 108 16.84 1.65 -6.40
C VAL A 108 17.25 0.54 -7.34
N ALA A 109 16.35 -0.39 -7.63
CA ALA A 109 16.57 -1.46 -8.60
C ALA A 109 15.64 -1.24 -9.79
N TYR A 110 15.98 -0.25 -10.62
CA TYR A 110 15.07 0.18 -11.67
C TYR A 110 14.93 -0.81 -12.83
N ASN A 111 15.66 -1.92 -12.83
CA ASN A 111 15.48 -2.96 -13.83
C ASN A 111 14.87 -4.25 -13.26
N ALA A 112 14.42 -4.22 -12.02
CA ALA A 112 13.79 -5.37 -11.40
C ALA A 112 12.29 -5.41 -11.70
N ARG A 113 11.72 -6.60 -11.61
CA ARG A 113 10.29 -6.77 -11.76
C ARG A 113 9.63 -6.56 -10.40
N ILE A 114 8.54 -5.78 -10.38
CA ILE A 114 7.89 -5.36 -9.15
C ILE A 114 6.47 -5.88 -9.13
N GLY A 115 6.06 -6.43 -7.99
CA GLY A 115 4.70 -6.87 -7.79
C GLY A 115 4.15 -6.32 -6.49
N GLY A 116 2.85 -6.50 -6.31
CA GLY A 116 2.20 -6.04 -5.11
C GLY A 116 1.11 -6.96 -4.64
N VAL A 117 1.02 -7.18 -3.34
CA VAL A 117 -0.04 -7.99 -2.74
C VAL A 117 -0.95 -7.02 -1.98
N ARG A 118 -2.19 -6.89 -2.46
CA ARG A 118 -3.18 -6.06 -1.80
C ARG A 118 -3.77 -6.86 -0.65
N MET A 119 -3.34 -6.55 0.57
CA MET A 119 -3.77 -7.32 1.73
C MET A 119 -4.05 -6.47 2.97
N LEU A 120 -3.83 -5.16 2.93
CA LEU A 120 -4.13 -4.29 4.06
C LEU A 120 -5.45 -3.56 3.93
N ASP A 121 -6.02 -3.48 2.73
CA ASP A 121 -7.29 -2.81 2.51
C ASP A 121 -8.44 -3.78 2.74
N GLY A 122 -8.52 -4.27 3.97
CA GLY A 122 -9.55 -5.22 4.33
C GLY A 122 -9.27 -5.79 5.71
N GLU A 123 -10.00 -6.86 6.03
CA GLU A 123 -9.81 -7.54 7.31
C GLU A 123 -8.48 -8.29 7.27
N VAL A 124 -7.52 -7.86 8.09
CA VAL A 124 -6.21 -8.49 8.11
C VAL A 124 -6.24 -9.53 9.23
N THR A 125 -6.35 -10.80 8.84
CA THR A 125 -6.36 -11.92 9.76
C THR A 125 -5.01 -12.64 9.70
N ASP A 126 -4.85 -13.61 10.61
CA ASP A 126 -3.67 -14.46 10.56
C ASP A 126 -3.57 -15.15 9.20
N ALA A 127 -4.71 -15.59 8.66
CA ALA A 127 -4.70 -16.28 7.37
C ALA A 127 -4.34 -15.31 6.23
N VAL A 128 -4.84 -14.09 6.29
CA VAL A 128 -4.53 -13.12 5.23
C VAL A 128 -3.04 -12.85 5.18
N GLU A 129 -2.39 -12.71 6.34
CA GLU A 129 -0.96 -12.46 6.36
C GLU A 129 -0.19 -13.65 5.80
N ALA A 130 -0.59 -14.87 6.17
CA ALA A 130 0.10 -16.06 5.69
C ALA A 130 -0.07 -16.24 4.18
N ARG A 131 -1.23 -15.86 3.62
CA ARG A 131 -1.39 -15.96 2.18
C ARG A 131 -0.41 -15.04 1.45
N SER A 132 -0.16 -13.85 2.00
CA SER A 132 0.69 -12.88 1.33
C SER A 132 2.16 -13.24 1.48
N LEU A 133 2.58 -13.64 2.69
CA LEU A 133 3.98 -13.99 2.92
C LEU A 133 4.39 -15.22 2.12
N GLY A 134 3.42 -16.05 1.70
CA GLY A 134 3.74 -17.28 1.01
C GLY A 134 3.28 -17.32 -0.43
N LEU A 135 3.05 -16.17 -1.05
CA LEU A 135 2.62 -16.12 -2.45
C LEU A 135 3.80 -16.41 -3.35
N ASN A 136 3.64 -17.42 -4.22
CA ASN A 136 4.59 -17.78 -5.27
C ASN A 136 6.03 -17.63 -4.76
N PRO A 137 6.43 -18.42 -3.75
CA PRO A 137 7.73 -18.19 -3.11
C PRO A 137 8.94 -18.54 -3.96
N ASN A 138 8.78 -19.22 -5.10
CA ASN A 138 9.89 -19.52 -5.99
C ASN A 138 9.93 -18.60 -7.20
N HIS A 139 9.04 -17.60 -7.24
CA HIS A 139 9.08 -16.54 -8.24
C HIS A 139 9.45 -15.21 -7.61
N ILE A 140 8.82 -14.86 -6.50
CA ILE A 140 9.18 -13.67 -5.74
C ILE A 140 10.44 -13.96 -4.93
N HIS A 141 11.43 -13.08 -5.05
CA HIS A 141 12.66 -13.23 -4.26
C HIS A 141 12.60 -12.45 -2.96
N ILE A 142 12.03 -11.24 -2.99
CA ILE A 142 12.08 -10.31 -1.87
C ILE A 142 10.66 -9.83 -1.58
N TYR A 143 10.27 -9.91 -0.33
CA TYR A 143 9.00 -9.37 0.14
C TYR A 143 9.30 -8.14 0.98
N SER A 144 8.65 -7.02 0.64
CA SER A 144 8.83 -5.77 1.36
C SER A 144 7.53 -5.45 2.08
N ALA A 145 7.62 -5.29 3.40
CA ALA A 145 6.46 -5.01 4.23
C ALA A 145 6.85 -3.98 5.28
N SER A 146 6.03 -2.93 5.39
CA SER A 146 6.24 -1.88 6.37
C SER A 146 5.26 -1.96 7.53
N TRP A 147 4.26 -2.84 7.45
CA TRP A 147 3.18 -2.89 8.41
C TRP A 147 3.49 -3.79 9.61
N GLY A 148 2.72 -3.58 10.68
CA GLY A 148 2.84 -4.33 11.91
C GLY A 148 1.81 -3.88 12.94
N PRO A 149 2.01 -4.24 14.20
CA PRO A 149 1.06 -3.84 15.24
C PRO A 149 1.05 -2.35 15.49
N GLU A 150 -0.03 -1.89 16.12
CA GLU A 150 -0.23 -0.49 16.42
C GLU A 150 0.95 0.08 17.19
N ASP A 151 1.47 1.21 16.72
CA ASP A 151 2.62 1.87 17.35
C ASP A 151 2.17 2.86 18.43
N ASP A 152 1.30 2.41 19.32
CA ASP A 152 0.77 3.25 20.39
C ASP A 152 1.66 3.24 21.63
N GLY A 153 2.71 2.42 21.66
CA GLY A 153 3.59 2.36 22.80
C GLY A 153 3.07 1.52 23.95
N LYS A 154 2.07 0.69 23.70
CA LYS A 154 1.49 -0.15 24.73
C LYS A 154 1.03 -1.51 24.20
N THR A 155 1.35 -1.85 22.97
CA THR A 155 0.94 -3.10 22.36
C THR A 155 2.11 -4.06 22.30
N VAL A 156 1.87 -5.32 22.65
CA VAL A 156 2.83 -6.40 22.47
C VAL A 156 2.15 -7.43 21.59
N ASP A 157 2.54 -7.49 20.31
CA ASP A 157 1.85 -8.32 19.34
C ASP A 157 2.84 -8.77 18.28
N GLY A 158 2.57 -9.94 17.70
CA GLY A 158 3.41 -10.47 16.66
C GLY A 158 2.63 -11.40 15.74
N PRO A 159 3.33 -12.01 14.78
CA PRO A 159 2.67 -12.97 13.89
C PRO A 159 2.08 -14.14 14.66
N ALA A 160 0.89 -14.54 14.27
CA ALA A 160 0.24 -15.69 14.89
C ALA A 160 0.74 -16.96 14.20
N ARG A 161 0.07 -18.09 14.47
CA ARG A 161 0.61 -19.39 14.07
C ARG A 161 0.81 -19.46 12.56
N LEU A 162 -0.22 -19.11 11.78
CA LEU A 162 -0.13 -19.22 10.33
C LEU A 162 0.95 -18.31 9.77
N ALA A 163 0.94 -17.04 10.18
CA ALA A 163 1.97 -16.11 9.70
C ALA A 163 3.36 -16.56 10.15
N GLU A 164 3.47 -17.01 11.40
CA GLU A 164 4.75 -17.49 11.90
C GLU A 164 5.25 -18.67 11.07
N GLU A 165 4.35 -19.62 10.79
CA GLU A 165 4.73 -20.75 9.94
C GLU A 165 5.11 -20.29 8.55
N ALA A 166 4.37 -19.33 8.00
CA ALA A 166 4.67 -18.84 6.65
C ALA A 166 6.06 -18.23 6.60
N PHE A 167 6.46 -17.51 7.65
CA PHE A 167 7.83 -16.99 7.71
C PHE A 167 8.85 -18.11 7.66
N PHE A 168 8.63 -19.16 8.44
CA PHE A 168 9.58 -20.27 8.47
C PHE A 168 9.59 -21.03 7.15
N ARG A 169 8.40 -21.31 6.62
CA ARG A 169 8.30 -21.98 5.32
C ARG A 169 9.02 -21.18 4.25
N GLY A 170 8.95 -19.85 4.32
CA GLY A 170 9.60 -19.03 3.31
C GLY A 170 11.11 -19.15 3.34
N VAL A 171 11.71 -19.01 4.52
CA VAL A 171 13.17 -19.04 4.61
C VAL A 171 13.73 -20.45 4.45
N SER A 172 12.90 -21.46 4.67
CA SER A 172 13.35 -22.85 4.60
C SER A 172 13.28 -23.39 3.18
N GLN A 173 12.18 -23.14 2.48
CA GLN A 173 11.95 -23.73 1.18
C GLN A 173 11.76 -22.72 0.07
N GLY A 174 11.63 -21.43 0.39
CA GLY A 174 11.46 -20.43 -0.64
C GLY A 174 12.72 -20.20 -1.44
N ARG A 175 12.52 -19.67 -2.65
CA ARG A 175 13.63 -19.37 -3.56
C ARG A 175 14.47 -20.62 -3.82
N GLY A 176 13.81 -21.74 -4.06
CA GLY A 176 14.54 -22.98 -4.31
C GLY A 176 15.35 -23.44 -3.12
N GLY A 177 14.94 -23.08 -1.90
CA GLY A 177 15.64 -23.46 -0.70
C GLY A 177 16.57 -22.39 -0.14
N LEU A 178 16.87 -21.36 -0.92
CA LEU A 178 17.76 -20.30 -0.43
C LEU A 178 17.07 -19.42 0.60
N GLY A 179 15.75 -19.34 0.55
CA GLY A 179 14.99 -18.61 1.56
C GLY A 179 14.45 -17.29 1.06
N SER A 180 13.15 -17.07 1.27
CA SER A 180 12.55 -15.79 0.93
C SER A 180 13.18 -14.69 1.77
N ILE A 181 13.40 -13.54 1.14
CA ILE A 181 13.93 -12.36 1.85
C ILE A 181 12.75 -11.51 2.29
N PHE A 182 12.58 -11.37 3.60
CA PHE A 182 11.52 -10.56 4.19
C PHE A 182 12.16 -9.29 4.74
N VAL A 183 11.93 -8.17 4.06
CA VAL A 183 12.46 -6.87 4.46
C VAL A 183 11.36 -6.14 5.21
N TRP A 184 11.62 -5.78 6.47
CA TRP A 184 10.59 -5.21 7.33
C TRP A 184 11.02 -3.86 7.90
N ALA A 185 10.02 -3.02 8.13
CA ALA A 185 10.19 -1.70 8.70
C ALA A 185 10.03 -1.77 10.21
N SER A 186 10.95 -1.12 10.95
CA SER A 186 11.00 -1.32 12.39
C SER A 186 9.84 -0.68 13.14
N GLY A 187 9.24 0.38 12.59
CA GLY A 187 8.08 1.00 13.19
C GLY A 187 8.12 2.51 13.31
N ASN A 188 6.95 3.13 13.54
CA ASN A 188 6.81 4.57 13.61
C ASN A 188 6.35 5.06 14.98
N GLY A 189 6.58 4.27 16.04
CA GLY A 189 6.09 4.62 17.36
C GLY A 189 7.03 5.47 18.19
N GLY A 190 7.89 6.25 17.53
CA GLY A 190 8.84 7.06 18.28
C GLY A 190 8.17 8.04 19.23
N ARG A 191 7.10 8.69 18.76
CA ARG A 191 6.44 9.72 19.58
C ARG A 191 5.85 9.13 20.85
N GLU A 192 5.50 7.84 20.83
CA GLU A 192 4.95 7.17 21.99
C GLU A 192 6.00 6.40 22.77
N HIS A 193 7.29 6.60 22.45
CA HIS A 193 8.38 5.89 23.11
C HIS A 193 8.21 4.39 23.01
N ASP A 194 7.84 3.93 21.82
CA ASP A 194 7.67 2.51 21.54
C ASP A 194 9.03 1.83 21.38
N SER A 195 9.05 0.52 21.60
CA SER A 195 10.25 -0.31 21.43
C SER A 195 9.91 -1.44 20.49
N CYS A 196 10.59 -1.50 19.35
CA CYS A 196 10.21 -2.43 18.29
C CYS A 196 10.51 -3.89 18.61
N ASN A 197 11.03 -4.21 19.80
CA ASN A 197 11.05 -5.60 20.24
C ASN A 197 9.69 -6.07 20.73
N CYS A 198 8.74 -5.16 20.94
CA CYS A 198 7.36 -5.51 21.22
C CYS A 198 6.55 -5.70 19.95
N ASP A 199 7.20 -5.62 18.80
CA ASP A 199 6.59 -5.87 17.50
C ASP A 199 7.19 -7.17 16.96
N GLY A 200 6.39 -8.24 16.99
CA GLY A 200 6.89 -9.56 16.62
C GLY A 200 7.32 -9.70 15.18
N TYR A 201 6.88 -8.79 14.30
CA TYR A 201 7.27 -8.89 12.90
C TYR A 201 8.69 -8.41 12.67
N THR A 202 9.06 -7.25 13.24
CA THR A 202 10.44 -6.79 13.15
C THR A 202 11.34 -7.55 14.10
N ASN A 203 10.81 -7.98 15.24
CA ASN A 203 11.59 -8.74 16.20
C ASN A 203 12.00 -10.11 15.67
N SER A 204 11.34 -10.58 14.60
CA SER A 204 11.61 -11.90 14.06
C SER A 204 13.03 -11.98 13.50
N ILE A 205 13.63 -13.18 13.66
CA ILE A 205 14.91 -13.46 13.03
C ILE A 205 14.74 -13.69 11.54
N TYR A 206 13.53 -14.02 11.09
CA TYR A 206 13.26 -14.28 9.68
C TYR A 206 13.13 -13.01 8.85
N THR A 207 12.98 -11.86 9.49
CA THR A 207 12.77 -10.59 8.78
C THR A 207 14.00 -9.71 8.92
N LEU A 208 14.33 -9.02 7.84
CA LEU A 208 15.46 -8.07 7.82
C LEU A 208 14.91 -6.71 8.25
N SER A 209 15.10 -6.37 9.52
CA SER A 209 14.53 -5.16 10.08
C SER A 209 15.37 -3.93 9.72
N ILE A 210 14.70 -2.87 9.26
CA ILE A 210 15.36 -1.67 8.77
C ILE A 210 14.76 -0.45 9.47
N SER A 211 15.63 0.48 9.89
CA SER A 211 15.21 1.71 10.55
C SER A 211 15.52 2.92 9.66
N SER A 212 15.21 4.11 10.18
CA SER A 212 15.27 5.35 9.41
C SER A 212 16.28 6.31 9.99
N ALA A 213 16.88 7.11 9.10
CA ALA A 213 17.74 8.23 9.46
C ALA A 213 17.32 9.45 8.66
N THR A 214 17.43 10.63 9.28
CA THR A 214 17.08 11.86 8.59
C THR A 214 18.20 12.27 7.63
N GLN A 215 17.91 13.26 6.79
CA GLN A 215 18.90 13.71 5.81
C GLN A 215 20.16 14.20 6.50
N PHE A 216 20.02 14.88 7.64
CA PHE A 216 21.17 15.40 8.37
C PHE A 216 21.83 14.34 9.24
N GLY A 217 21.36 13.09 9.17
CA GLY A 217 22.00 12.01 9.90
C GLY A 217 21.57 11.87 11.33
N ASN A 218 20.31 12.18 11.64
CA ASN A 218 19.79 12.12 12.99
C ASN A 218 18.68 11.07 13.07
N VAL A 219 18.35 10.70 14.31
CA VAL A 219 17.29 9.73 14.57
C VAL A 219 15.94 10.43 14.41
N PRO A 220 15.10 10.03 13.45
CA PRO A 220 13.84 10.74 13.22
C PRO A 220 12.91 10.65 14.42
N TRP A 221 11.93 11.55 14.45
CA TRP A 221 11.01 11.63 15.59
C TRP A 221 10.19 10.37 15.74
N TYR A 222 9.89 9.69 14.64
CA TYR A 222 9.08 8.48 14.63
C TYR A 222 9.89 7.21 14.86
N SER A 223 11.21 7.32 14.96
CA SER A 223 12.06 6.14 15.02
C SER A 223 11.85 5.38 16.32
N GLU A 224 11.77 4.05 16.21
CA GLU A 224 11.70 3.17 17.36
C GLU A 224 13.04 2.48 17.57
N ALA A 225 13.50 2.45 18.81
CA ALA A 225 14.77 1.81 19.15
C ALA A 225 14.51 0.43 19.72
N CYS A 226 15.27 -0.55 19.23
CA CYS A 226 15.22 -1.91 19.74
C CYS A 226 16.47 -2.63 19.24
N SER A 227 16.74 -3.78 19.84
CA SER A 227 17.93 -4.56 19.51
C SER A 227 17.73 -5.47 18.31
N SER A 228 16.52 -5.56 17.76
CA SER A 228 16.25 -6.44 16.63
C SER A 228 16.52 -5.79 15.28
N THR A 229 16.67 -4.47 15.23
CA THR A 229 16.96 -3.79 13.98
C THR A 229 18.33 -4.18 13.46
N LEU A 230 18.45 -4.32 12.13
CA LEU A 230 19.70 -4.72 11.50
C LEU A 230 20.47 -3.54 10.90
N ALA A 231 19.83 -2.74 10.06
CA ALA A 231 20.51 -1.64 9.40
C ALA A 231 19.50 -0.50 9.20
N THR A 232 19.97 0.56 8.53
CA THR A 232 19.20 1.79 8.37
C THR A 232 19.37 2.33 6.97
N THR A 233 18.29 2.87 6.42
CA THR A 233 18.33 3.67 5.20
C THR A 233 17.69 5.02 5.50
N TYR A 234 17.93 5.98 4.61
CA TYR A 234 17.43 7.32 4.81
C TYR A 234 15.91 7.37 4.67
N SER A 235 15.31 8.38 5.31
CA SER A 235 13.89 8.65 5.17
C SER A 235 13.63 10.09 5.61
N SER A 236 12.39 10.37 6.01
CA SER A 236 12.00 11.73 6.34
C SER A 236 12.49 12.12 7.73
N GLY A 237 12.54 13.43 7.95
CA GLY A 237 12.91 14.00 9.23
C GLY A 237 12.07 15.21 9.57
N ASN A 238 12.71 16.33 9.86
CA ASN A 238 12.00 17.56 10.15
C ASN A 238 11.71 18.32 8.86
N GLN A 239 11.08 19.49 8.98
CA GLN A 239 10.63 20.23 7.80
C GLN A 239 11.77 20.88 7.03
N ASN A 240 12.98 20.93 7.60
CA ASN A 240 14.13 21.42 6.85
C ASN A 240 14.85 20.31 6.10
N GLU A 241 14.41 19.06 6.25
CA GLU A 241 15.07 17.92 5.66
C GLU A 241 14.22 17.36 4.52
N LYS A 242 14.88 16.96 3.44
CA LYS A 242 14.16 16.43 2.30
C LYS A 242 13.62 15.02 2.62
N GLN A 243 12.64 14.60 1.83
CA GLN A 243 11.95 13.34 2.03
C GLN A 243 12.13 12.46 0.79
N ILE A 244 11.37 11.36 0.75
CA ILE A 244 11.55 10.34 -0.28
C ILE A 244 10.67 10.69 -1.48
N VAL A 245 11.27 10.70 -2.67
CA VAL A 245 10.59 11.00 -3.92
C VAL A 245 10.28 9.69 -4.62
N THR A 246 9.00 9.45 -4.89
CA THR A 246 8.58 8.18 -5.47
C THR A 246 7.30 8.37 -6.28
N THR A 247 6.74 7.26 -6.74
CA THR A 247 5.49 7.25 -7.50
C THR A 247 4.30 7.38 -6.55
N ASP A 248 3.28 8.11 -7.00
CA ASP A 248 2.08 8.34 -6.20
C ASP A 248 0.84 7.83 -6.95
N LEU A 249 -0.25 7.71 -6.20
CA LEU A 249 -1.50 7.21 -6.75
C LEU A 249 -2.05 8.17 -7.82
N ARG A 250 -2.82 7.61 -8.75
CA ARG A 250 -3.38 8.35 -9.88
C ARG A 250 -2.28 8.86 -10.81
N GLN A 251 -1.28 8.01 -11.05
CA GLN A 251 -0.22 8.29 -12.02
C GLN A 251 0.45 9.63 -11.75
N LYS A 252 0.59 9.97 -10.48
CA LYS A 252 1.24 11.21 -10.06
C LYS A 252 2.60 10.89 -9.45
N CYS A 253 3.34 11.96 -9.17
CA CYS A 253 4.66 11.87 -8.55
C CYS A 253 4.62 12.61 -7.22
N THR A 254 5.31 12.10 -6.21
CA THR A 254 5.31 12.71 -4.90
C THR A 254 6.74 12.91 -4.41
N GLU A 255 6.93 13.99 -3.66
CA GLU A 255 8.21 14.29 -3.03
C GLU A 255 8.13 14.27 -1.51
N SER A 256 7.06 13.71 -0.95
CA SER A 256 6.81 13.76 0.49
C SER A 256 6.40 12.41 1.04
N HIS A 257 7.09 11.36 0.63
CA HIS A 257 6.92 10.04 1.22
C HIS A 257 7.76 9.97 2.50
N THR A 258 7.11 9.60 3.61
CA THR A 258 7.69 9.76 4.94
C THR A 258 7.69 8.43 5.69
N GLY A 259 8.25 8.48 6.90
CA GLY A 259 8.16 7.40 7.84
C GLY A 259 9.10 6.26 7.51
N THR A 260 9.04 5.25 8.39
CA THR A 260 9.86 4.06 8.26
C THR A 260 9.38 3.16 7.13
N SER A 261 8.16 3.38 6.63
CA SER A 261 7.71 2.67 5.44
C SER A 261 8.47 3.11 4.19
N ALA A 262 9.11 4.27 4.22
CA ALA A 262 9.92 4.73 3.10
C ALA A 262 11.34 4.20 3.17
N SER A 263 11.73 3.55 4.25
CA SER A 263 13.06 2.98 4.39
C SER A 263 13.11 1.51 3.97
N ALA A 264 12.11 0.72 4.35
CA ALA A 264 12.11 -0.70 4.02
C ALA A 264 12.18 -0.94 2.52
N PRO A 265 11.38 -0.29 1.68
CA PRO A 265 11.50 -0.54 0.23
C PRO A 265 12.85 -0.15 -0.33
N LEU A 266 13.47 0.91 0.19
CA LEU A 266 14.82 1.26 -0.23
C LEU A 266 15.79 0.14 0.10
N ALA A 267 15.63 -0.46 1.28
CA ALA A 267 16.47 -1.60 1.64
C ALA A 267 16.22 -2.79 0.73
N ALA A 268 14.96 -3.06 0.41
CA ALA A 268 14.64 -4.16 -0.48
C ALA A 268 15.25 -3.95 -1.85
N GLY A 269 15.27 -2.70 -2.33
CA GLY A 269 15.91 -2.42 -3.60
C GLY A 269 17.39 -2.66 -3.58
N ILE A 270 18.07 -2.26 -2.49
CA ILE A 270 19.49 -2.52 -2.37
C ILE A 270 19.76 -4.01 -2.31
N ILE A 271 18.91 -4.75 -1.60
CA ILE A 271 19.06 -6.20 -1.57
C ILE A 271 18.77 -6.79 -2.95
N ALA A 272 17.84 -6.19 -3.70
CA ALA A 272 17.61 -6.64 -5.07
C ALA A 272 18.85 -6.44 -5.92
N LEU A 273 19.56 -5.33 -5.72
CA LEU A 273 20.85 -5.14 -6.39
C LEU A 273 21.85 -6.20 -5.93
N THR A 274 21.83 -6.53 -4.65
CA THR A 274 22.77 -7.52 -4.12
C THR A 274 22.48 -8.91 -4.68
N LEU A 275 21.19 -9.27 -4.79
CA LEU A 275 20.85 -10.58 -5.31
C LEU A 275 21.26 -10.74 -6.77
N GLU A 276 21.26 -9.65 -7.55
CA GLU A 276 21.73 -9.75 -8.92
C GLU A 276 23.21 -10.05 -8.96
N ALA A 277 23.98 -9.49 -8.02
CA ALA A 277 25.41 -9.75 -7.95
C ALA A 277 25.71 -11.16 -7.47
N ASN A 278 24.76 -11.80 -6.78
CA ASN A 278 24.96 -13.18 -6.34
C ASN A 278 23.57 -13.76 -6.04
N LYS A 279 23.04 -14.53 -7.00
CA LYS A 279 21.73 -15.14 -6.86
C LYS A 279 21.71 -16.35 -5.96
N ASN A 280 22.87 -16.85 -5.54
CA ASN A 280 22.95 -17.99 -4.64
C ASN A 280 22.90 -17.61 -3.17
N LEU A 281 22.77 -16.31 -2.86
CA LEU A 281 22.77 -15.87 -1.48
C LEU A 281 21.54 -16.40 -0.74
N THR A 282 21.76 -16.92 0.47
CA THR A 282 20.67 -17.39 1.30
C THR A 282 20.07 -16.22 2.08
N TRP A 283 18.95 -16.49 2.75
CA TRP A 283 18.32 -15.45 3.57
C TRP A 283 19.23 -15.05 4.73
N ARG A 284 20.04 -15.99 5.23
CA ARG A 284 21.02 -15.66 6.26
C ARG A 284 22.26 -14.99 5.66
N ASP A 285 22.71 -15.45 4.48
CA ASP A 285 23.81 -14.78 3.81
C ASP A 285 23.53 -13.29 3.66
N MET A 286 22.31 -12.94 3.25
CA MET A 286 21.97 -11.54 3.04
C MET A 286 22.10 -10.75 4.33
N GLN A 287 21.72 -11.34 5.47
CA GLN A 287 21.83 -10.63 6.73
C GLN A 287 23.29 -10.45 7.13
N HIS A 288 24.14 -11.46 6.88
CA HIS A 288 25.55 -11.31 7.15
C HIS A 288 26.15 -10.17 6.33
N LEU A 289 25.74 -10.05 5.07
CA LEU A 289 26.26 -8.99 4.21
C LEU A 289 25.87 -7.62 4.76
N VAL A 290 24.63 -7.46 5.22
CA VAL A 290 24.20 -6.19 5.79
C VAL A 290 25.01 -5.84 7.02
N VAL A 291 25.22 -6.81 7.91
CA VAL A 291 25.98 -6.55 9.13
C VAL A 291 27.38 -6.05 8.78
N GLN A 292 28.03 -6.67 7.80
CA GLN A 292 29.43 -6.38 7.53
C GLN A 292 29.64 -5.07 6.77
N THR A 293 28.71 -4.67 5.91
CA THR A 293 28.95 -3.53 5.04
C THR A 293 28.28 -2.24 5.53
N SER A 294 27.40 -2.31 6.51
CA SER A 294 26.67 -1.14 6.96
C SER A 294 27.60 -0.13 7.64
N LYS A 295 27.39 1.15 7.33
CA LYS A 295 28.29 2.23 7.73
C LYS A 295 27.67 3.06 8.84
N PRO A 296 28.26 3.11 10.05
CA PRO A 296 27.76 4.03 11.07
C PRO A 296 28.17 5.49 10.86
N ALA A 297 29.13 5.75 9.97
CA ALA A 297 29.68 7.09 9.83
C ALA A 297 28.59 8.11 9.55
N HIS A 298 28.66 9.25 10.24
CA HIS A 298 27.80 10.41 10.00
C HIS A 298 26.35 10.12 10.36
N LEU A 299 26.11 9.10 11.19
CA LEU A 299 24.81 8.81 11.78
C LEU A 299 24.90 9.18 13.25
N ASN A 300 24.13 10.19 13.66
CA ASN A 300 24.22 10.70 15.02
C ASN A 300 23.34 9.86 15.95
N ALA A 301 23.96 9.25 16.96
CA ALA A 301 23.23 8.54 17.99
C ALA A 301 24.05 8.58 19.27
N ASN A 302 23.36 8.65 20.40
CA ASN A 302 24.02 8.72 21.70
C ASN A 302 24.32 7.36 22.29
N ASP A 303 24.00 6.27 21.59
CA ASP A 303 24.17 4.92 22.12
C ASP A 303 25.04 4.03 21.24
N TRP A 304 25.88 4.63 20.39
CA TRP A 304 26.83 3.83 19.60
C TRP A 304 27.78 3.09 20.54
N ALA A 305 27.81 1.76 20.42
CA ALA A 305 28.64 0.92 21.27
C ALA A 305 29.33 -0.13 20.41
N THR A 306 30.59 -0.41 20.72
CA THR A 306 31.38 -1.40 20.01
C THR A 306 31.18 -2.76 20.66
N ASN A 307 30.85 -3.77 19.85
CA ASN A 307 30.52 -5.09 20.37
C ASN A 307 31.78 -5.98 20.41
N GLY A 308 31.58 -7.27 20.66
CA GLY A 308 32.69 -8.19 20.89
C GLY A 308 33.58 -8.41 19.68
N VAL A 309 33.08 -8.15 18.47
CA VAL A 309 33.89 -8.29 17.26
C VAL A 309 34.33 -6.94 16.71
N GLY A 310 34.20 -5.87 17.50
CA GLY A 310 34.70 -4.58 17.11
C GLY A 310 33.82 -3.80 16.16
N ARG A 311 32.53 -4.15 16.06
CA ARG A 311 31.59 -3.47 15.18
C ARG A 311 30.75 -2.48 15.96
N LYS A 312 30.67 -1.25 15.45
CA LYS A 312 29.76 -0.25 16.00
C LYS A 312 28.32 -0.71 15.81
N VAL A 313 27.50 -0.55 16.85
CA VAL A 313 26.10 -0.96 16.76
C VAL A 313 25.26 -0.01 17.61
N SER A 314 24.08 0.33 17.10
CA SER A 314 23.15 1.24 17.75
C SER A 314 21.77 0.61 17.80
N HIS A 315 20.99 1.01 18.82
CA HIS A 315 19.61 0.55 18.92
C HIS A 315 18.66 1.35 18.04
N SER A 316 19.09 2.52 17.56
CA SER A 316 18.28 3.28 16.62
C SER A 316 18.65 2.97 15.17
N TYR A 317 19.88 2.54 14.92
CA TYR A 317 20.40 2.39 13.57
C TYR A 317 20.85 0.98 13.23
N GLY A 318 20.88 0.06 14.19
CA GLY A 318 21.47 -1.23 13.90
C GLY A 318 22.96 -1.08 13.63
N TYR A 319 23.43 -1.76 12.59
CA TYR A 319 24.84 -1.70 12.21
C TYR A 319 25.18 -0.53 11.32
N GLY A 320 24.22 0.34 11.01
CA GLY A 320 24.54 1.56 10.27
C GLY A 320 23.79 1.68 8.96
N LEU A 321 24.27 2.58 8.10
CA LEU A 321 23.62 2.84 6.83
C LEU A 321 23.92 1.72 5.85
N LEU A 322 22.90 1.34 5.07
CA LEU A 322 23.12 0.37 4.01
C LEU A 322 24.03 0.99 2.96
N ASP A 323 25.00 0.21 2.48
CA ASP A 323 25.97 0.67 1.49
C ASP A 323 25.82 -0.24 0.27
N ALA A 324 25.07 0.24 -0.73
CA ALA A 324 24.77 -0.60 -1.89
C ALA A 324 26.05 -0.99 -2.63
N GLY A 325 26.99 -0.05 -2.78
CA GLY A 325 28.24 -0.38 -3.42
C GLY A 325 29.00 -1.45 -2.68
N ALA A 326 29.05 -1.35 -1.35
CA ALA A 326 29.74 -2.37 -0.56
C ALA A 326 28.94 -3.67 -0.50
N MET A 327 27.61 -3.58 -0.53
CA MET A 327 26.79 -4.78 -0.52
C MET A 327 27.06 -5.63 -1.76
N VAL A 328 26.99 -5.02 -2.95
CA VAL A 328 27.20 -5.78 -4.17
C VAL A 328 28.65 -6.23 -4.29
N ALA A 329 29.60 -5.43 -3.77
CA ALA A 329 31.00 -5.80 -3.89
C ALA A 329 31.31 -7.06 -3.07
N LEU A 330 30.76 -7.17 -1.87
CA LEU A 330 31.04 -8.32 -1.03
C LEU A 330 30.24 -9.54 -1.48
N ALA A 331 29.09 -9.33 -2.12
CA ALA A 331 28.27 -10.45 -2.54
C ALA A 331 28.93 -11.29 -3.64
N GLN A 332 29.69 -10.64 -4.52
CA GLN A 332 30.21 -11.35 -5.69
C GLN A 332 31.09 -12.54 -5.30
N ASN A 333 31.95 -12.36 -4.29
CA ASN A 333 32.85 -13.41 -3.84
C ASN A 333 32.46 -13.99 -2.48
N TRP A 334 31.25 -13.69 -2.02
CA TRP A 334 30.80 -14.20 -0.73
C TRP A 334 30.68 -15.73 -0.76
N THR A 335 31.14 -16.37 0.30
CA THR A 335 31.01 -17.81 0.47
C THR A 335 29.77 -18.11 1.31
N THR A 336 28.91 -18.98 0.80
CA THR A 336 27.67 -19.31 1.51
C THR A 336 27.97 -19.79 2.92
N VAL A 337 27.22 -19.27 3.90
CA VAL A 337 27.45 -19.64 5.28
C VAL A 337 26.96 -21.07 5.54
N ALA A 338 27.43 -21.64 6.64
CA ALA A 338 27.08 -23.00 7.00
C ALA A 338 25.63 -23.07 7.50
N PRO A 339 25.03 -24.25 7.45
CA PRO A 339 23.64 -24.38 7.92
C PRO A 339 23.42 -23.81 9.31
N GLN A 340 22.25 -23.18 9.49
CA GLN A 340 21.92 -22.55 10.76
C GLN A 340 21.80 -23.58 11.87
N ARG A 341 22.29 -23.22 13.05
CA ARG A 341 22.16 -24.03 14.25
C ARG A 341 21.35 -23.26 15.29
N LYS A 342 20.58 -23.99 16.08
CA LYS A 342 19.70 -23.39 17.08
C LYS A 342 19.93 -24.09 18.42
N CYS A 343 20.56 -23.38 19.34
CA CYS A 343 20.87 -23.91 20.67
C CYS A 343 19.90 -23.31 21.68
N ILE A 344 19.15 -24.16 22.37
CA ILE A 344 18.15 -23.75 23.34
C ILE A 344 18.72 -24.05 24.73
N ILE A 345 18.78 -23.02 25.57
CA ILE A 345 19.38 -23.13 26.91
C ILE A 345 18.36 -22.58 27.89
N ASP A 346 17.82 -23.45 28.73
CA ASP A 346 16.95 -23.04 29.83
C ASP A 346 17.83 -22.50 30.96
N ILE A 347 17.58 -21.27 31.38
CA ILE A 347 18.44 -20.59 32.36
C ILE A 347 17.89 -20.74 33.78
N LEU A 348 16.60 -20.48 33.98
CA LEU A 348 16.04 -20.44 35.31
C LEU A 348 15.81 -21.85 35.86
N THR A 349 16.28 -22.08 37.08
CA THR A 349 15.94 -23.28 37.83
C THR A 349 14.75 -23.07 38.75
N GLU A 350 14.38 -21.82 39.02
CA GLU A 350 13.27 -21.48 39.90
C GLU A 350 12.75 -20.11 39.52
N PRO A 351 11.48 -19.81 39.76
CA PRO A 351 10.99 -18.45 39.52
C PRO A 351 11.72 -17.45 40.42
N LYS A 352 11.97 -16.26 39.88
CA LYS A 352 12.68 -15.20 40.58
C LYS A 352 11.76 -14.01 40.77
N ASP A 353 11.79 -13.43 41.97
CA ASP A 353 11.04 -12.21 42.23
C ASP A 353 11.75 -11.02 41.61
N ILE A 354 11.02 -10.21 40.84
CA ILE A 354 11.63 -9.07 40.17
C ILE A 354 11.81 -7.91 41.14
N GLY A 355 10.71 -7.42 41.70
CA GLY A 355 10.80 -6.31 42.63
C GLY A 355 11.38 -5.08 41.95
N LYS A 356 12.38 -4.48 42.60
CA LYS A 356 12.96 -3.25 42.08
C LYS A 356 13.99 -3.55 41.00
N ARG A 357 14.75 -4.62 41.15
CA ARG A 357 15.81 -4.99 40.23
C ARG A 357 16.09 -6.48 40.35
N LEU A 358 16.27 -7.12 39.20
CA LEU A 358 16.60 -8.54 39.13
C LEU A 358 17.73 -8.73 38.13
N GLU A 359 18.74 -9.51 38.51
CA GLU A 359 19.87 -9.81 37.65
C GLU A 359 20.09 -11.32 37.65
N VAL A 360 20.09 -11.91 36.45
CA VAL A 360 20.24 -13.34 36.28
C VAL A 360 21.51 -13.62 35.50
N ARG A 361 22.45 -14.31 36.14
CA ARG A 361 23.73 -14.68 35.55
C ARG A 361 23.75 -16.17 35.29
N LYS A 362 24.26 -16.57 34.12
CA LYS A 362 24.38 -17.99 33.81
C LYS A 362 25.53 -18.20 32.83
N THR A 363 26.42 -19.12 33.19
CA THR A 363 27.51 -19.52 32.32
C THR A 363 27.05 -20.69 31.46
N VAL A 364 27.10 -20.51 30.13
CA VAL A 364 26.59 -21.50 29.19
C VAL A 364 27.73 -22.03 28.33
N THR A 365 27.55 -23.25 27.83
CA THR A 365 28.48 -23.89 26.92
C THR A 365 28.04 -23.81 25.46
N ALA A 366 26.86 -23.24 25.19
CA ALA A 366 26.35 -23.12 23.82
C ALA A 366 26.26 -24.49 23.14
N CYS A 367 25.63 -25.44 23.83
CA CYS A 367 25.40 -26.78 23.29
C CYS A 367 26.72 -27.45 22.92
N LEU A 368 27.73 -27.27 23.77
CA LEU A 368 29.03 -27.89 23.53
C LEU A 368 28.89 -29.41 23.52
N GLY A 369 29.56 -30.04 22.56
CA GLY A 369 29.53 -31.48 22.43
C GLY A 369 28.32 -31.99 21.69
N GLU A 370 27.44 -31.11 21.25
CA GLU A 370 26.20 -31.47 20.58
C GLU A 370 26.22 -30.96 19.15
N PRO A 371 25.32 -31.45 18.28
CA PRO A 371 25.30 -30.97 16.90
C PRO A 371 24.94 -29.50 16.77
N ASN A 372 24.39 -28.89 17.81
CA ASN A 372 24.02 -27.49 17.80
C ASN A 372 25.06 -26.61 18.48
N HIS A 373 26.29 -27.11 18.62
CA HIS A 373 27.39 -26.29 19.13
C HIS A 373 27.55 -25.04 18.28
N ILE A 374 27.55 -23.89 18.94
CA ILE A 374 27.66 -22.60 18.27
C ILE A 374 28.90 -21.88 18.77
N THR A 375 29.76 -21.48 17.83
CA THR A 375 30.89 -20.61 18.12
C THR A 375 30.80 -19.25 17.45
N ARG A 376 30.03 -19.13 16.36
CA ARG A 376 29.78 -17.85 15.69
C ARG A 376 28.29 -17.54 15.78
N LEU A 377 27.94 -16.55 16.60
CA LEU A 377 26.55 -16.23 16.85
C LEU A 377 25.98 -15.35 15.75
N GLU A 378 24.69 -15.55 15.49
CA GLU A 378 23.93 -14.70 14.57
C GLU A 378 22.89 -13.99 15.42
N HIS A 379 21.63 -14.41 15.40
CA HIS A 379 20.64 -13.83 16.29
C HIS A 379 20.71 -14.50 17.67
N ALA A 380 20.41 -13.72 18.70
CA ALA A 380 20.27 -14.23 20.06
C ALA A 380 18.90 -13.84 20.58
N GLN A 381 18.26 -14.77 21.29
CA GLN A 381 16.91 -14.58 21.79
C GLN A 381 16.87 -14.80 23.29
N ALA A 382 16.05 -14.00 23.97
CA ALA A 382 15.74 -14.20 25.39
C ALA A 382 14.23 -14.35 25.47
N ARG A 383 13.75 -15.58 25.55
CA ARG A 383 12.33 -15.86 25.66
C ARG A 383 11.92 -15.73 27.12
N LEU A 384 11.17 -14.68 27.44
CA LEU A 384 10.85 -14.33 28.82
C LEU A 384 9.37 -14.52 29.07
N THR A 385 9.06 -15.18 30.18
CA THR A 385 7.71 -15.27 30.72
C THR A 385 7.76 -14.66 32.11
N LEU A 386 7.19 -13.48 32.27
CA LEU A 386 7.21 -12.78 33.54
C LEU A 386 5.88 -12.10 33.77
N SER A 387 5.56 -11.88 35.04
CA SER A 387 4.42 -11.09 35.45
C SER A 387 4.93 -9.79 36.05
N TYR A 388 4.14 -8.73 35.88
CA TYR A 388 4.47 -7.43 36.47
C TYR A 388 3.18 -6.64 36.52
N ASN A 389 3.13 -5.65 37.41
CA ASN A 389 1.90 -4.88 37.55
C ASN A 389 1.83 -3.71 36.58
N ARG A 390 2.98 -3.22 36.07
CA ARG A 390 2.98 -2.14 35.08
C ARG A 390 4.12 -2.44 34.11
N ARG A 391 3.79 -3.11 33.00
CA ARG A 391 4.81 -3.58 32.06
C ARG A 391 5.69 -2.44 31.56
N GLY A 392 5.11 -1.26 31.34
CA GLY A 392 5.87 -0.17 30.75
C GLY A 392 7.02 0.32 31.58
N ASP A 393 7.02 0.05 32.88
CA ASP A 393 8.10 0.47 33.75
C ASP A 393 9.34 -0.42 33.64
N LEU A 394 9.21 -1.59 33.04
CA LEU A 394 10.33 -2.52 32.96
C LEU A 394 11.32 -2.08 31.89
N ALA A 395 12.60 -2.24 32.19
CA ALA A 395 13.67 -2.15 31.20
C ALA A 395 14.50 -3.41 31.34
N ILE A 396 14.74 -4.09 30.22
CA ILE A 396 15.40 -5.38 30.20
C ILE A 396 16.66 -5.25 29.36
N HIS A 397 17.78 -5.73 29.89
CA HIS A 397 19.04 -5.74 29.17
C HIS A 397 19.62 -7.14 29.21
N LEU A 398 20.37 -7.48 28.16
CA LEU A 398 21.01 -8.78 28.03
C LEU A 398 22.46 -8.53 27.66
N VAL A 399 23.37 -9.10 28.43
CA VAL A 399 24.81 -8.92 28.23
C VAL A 399 25.40 -10.24 27.78
N SER A 400 26.09 -10.22 26.64
CA SER A 400 26.76 -11.40 26.15
C SER A 400 28.09 -11.58 26.87
N PRO A 401 28.63 -12.80 26.87
CA PRO A 401 29.93 -13.02 27.53
C PRO A 401 31.01 -12.07 27.07
N MET A 402 30.98 -11.63 25.81
CA MET A 402 31.97 -10.70 25.31
C MET A 402 31.75 -9.29 25.85
N GLY A 403 30.67 -9.06 26.58
CA GLY A 403 30.41 -7.77 27.18
C GLY A 403 29.48 -6.86 26.41
N THR A 404 28.84 -7.36 25.36
CA THR A 404 27.97 -6.55 24.52
C THR A 404 26.62 -6.39 25.20
N ARG A 405 26.26 -5.15 25.51
CA ARG A 405 25.05 -4.83 26.25
C ARG A 405 23.91 -4.56 25.27
N SER A 406 22.94 -5.48 25.25
CA SER A 406 21.77 -5.36 24.39
C SER A 406 20.57 -4.94 25.22
N THR A 407 19.88 -3.89 24.77
CA THR A 407 18.65 -3.41 25.41
C THR A 407 17.49 -4.15 24.75
N LEU A 408 16.93 -5.14 25.46
CA LEU A 408 15.81 -5.90 24.93
C LEU A 408 14.50 -5.15 25.04
N LEU A 409 14.32 -4.35 26.09
CA LEU A 409 13.10 -3.60 26.30
C LEU A 409 13.47 -2.30 27.00
N ALA A 410 13.01 -1.19 26.44
CA ALA A 410 13.15 0.11 27.09
C ALA A 410 11.83 0.49 27.75
N ALA A 411 11.93 1.41 28.70
CA ALA A 411 10.75 1.88 29.41
C ALA A 411 9.72 2.42 28.41
N ARG A 412 8.49 1.94 28.52
CA ARG A 412 7.39 2.42 27.68
C ARG A 412 6.38 3.12 28.58
N PRO A 413 6.45 4.45 28.69
CA PRO A 413 5.63 5.14 29.70
C PRO A 413 4.13 4.97 29.50
N HIS A 414 3.67 4.64 28.30
CA HIS A 414 2.25 4.49 28.03
C HIS A 414 1.74 3.08 28.25
N ASP A 415 2.61 2.14 28.59
CA ASP A 415 2.23 0.74 28.73
C ASP A 415 1.86 0.47 30.18
N TYR A 416 0.57 0.61 30.49
CA TYR A 416 0.06 0.35 31.83
C TYR A 416 -0.47 -1.06 31.98
N SER A 417 -0.05 -1.98 31.10
CA SER A 417 -0.56 -3.34 31.13
C SER A 417 -0.03 -4.10 32.34
N ALA A 418 -0.87 -5.00 32.85
CA ALA A 418 -0.51 -5.90 33.94
C ALA A 418 -0.40 -7.34 33.48
N ASP A 419 -0.49 -7.60 32.18
CA ASP A 419 -0.40 -8.94 31.63
C ASP A 419 1.04 -9.43 31.52
N GLY A 420 2.02 -8.55 31.67
CA GLY A 420 3.41 -8.96 31.57
C GLY A 420 3.74 -9.51 30.20
N PHE A 421 4.60 -10.53 30.17
CA PHE A 421 5.03 -11.18 28.95
C PHE A 421 4.90 -12.69 29.11
N ASN A 422 4.42 -13.35 28.05
CA ASN A 422 4.23 -14.80 28.04
C ASN A 422 5.10 -15.38 26.92
N ASP A 423 6.26 -15.93 27.29
CA ASP A 423 7.18 -16.57 26.35
C ASP A 423 7.44 -15.68 25.14
N TRP A 424 7.69 -14.39 25.42
CA TRP A 424 7.98 -13.42 24.37
C TRP A 424 9.46 -13.44 24.04
N ALA A 425 9.79 -13.57 22.76
CA ALA A 425 11.16 -13.77 22.30
C ALA A 425 11.78 -12.43 21.92
N PHE A 426 12.33 -11.74 22.91
CA PHE A 426 13.14 -10.55 22.65
C PHE A 426 14.39 -10.96 21.88
N MET A 427 14.62 -10.34 20.72
CA MET A 427 15.72 -10.69 19.84
C MET A 427 16.74 -9.55 19.80
N THR A 428 18.01 -9.92 19.65
CA THR A 428 19.09 -8.94 19.50
C THR A 428 20.02 -9.37 18.38
N THR A 429 20.47 -8.38 17.60
CA THR A 429 21.44 -8.59 16.53
C THR A 429 22.80 -8.00 16.88
N HIS A 430 23.00 -7.54 18.12
CA HIS A 430 24.21 -6.80 18.47
C HIS A 430 25.40 -7.70 18.78
N SER A 431 25.18 -8.97 19.07
CA SER A 431 26.27 -9.91 19.33
C SER A 431 26.59 -10.77 18.11
N TRP A 432 26.22 -10.29 16.92
CA TRP A 432 26.49 -11.02 15.69
C TRP A 432 27.97 -11.32 15.55
N ASP A 433 28.29 -12.57 15.25
CA ASP A 433 29.65 -13.09 15.07
C ASP A 433 30.42 -13.22 16.37
N GLU A 434 29.78 -13.05 17.52
CA GLU A 434 30.46 -13.23 18.79
C GLU A 434 30.51 -14.71 19.16
N ASP A 435 31.39 -15.03 20.10
CA ASP A 435 31.41 -16.37 20.69
C ASP A 435 30.38 -16.41 21.81
N PRO A 436 29.31 -17.21 21.69
CA PRO A 436 28.28 -17.23 22.75
C PRO A 436 28.71 -17.94 24.01
N SER A 437 29.89 -18.56 24.02
CA SER A 437 30.34 -19.29 25.20
C SER A 437 30.77 -18.30 26.28
N GLY A 438 30.30 -18.54 27.51
CA GLY A 438 30.67 -17.73 28.65
C GLY A 438 29.44 -17.38 29.48
N GLU A 439 29.58 -16.32 30.27
CA GLU A 439 28.53 -15.89 31.18
C GLU A 439 27.60 -14.90 30.49
N TRP A 440 26.31 -15.25 30.43
CA TRP A 440 25.27 -14.33 29.97
C TRP A 440 24.59 -13.72 31.19
N VAL A 441 24.29 -12.42 31.11
CA VAL A 441 23.66 -11.68 32.19
C VAL A 441 22.38 -11.05 31.68
N LEU A 442 21.28 -11.32 32.37
CA LEU A 442 19.99 -10.68 32.12
C LEU A 442 19.72 -9.67 33.22
N GLU A 443 19.26 -8.49 32.83
CA GLU A 443 18.92 -7.42 33.78
C GLU A 443 17.47 -7.01 33.57
N ILE A 444 16.71 -6.98 34.66
CA ILE A 444 15.33 -6.51 34.66
C ILE A 444 15.21 -5.55 35.84
N GLU A 445 14.95 -4.27 35.55
CA GLU A 445 14.86 -3.25 36.59
C GLU A 445 13.63 -2.38 36.39
N ASN A 446 13.10 -1.91 37.50
CA ASN A 446 11.99 -0.97 37.52
C ASN A 446 12.52 0.45 37.36
N THR A 447 12.14 1.11 36.27
CA THR A 447 12.66 2.44 35.95
C THR A 447 11.92 3.56 36.69
N SER A 448 10.77 3.27 37.30
CA SER A 448 10.01 4.28 38.01
C SER A 448 10.25 4.19 39.51
N GLU A 449 9.80 5.23 40.21
CA GLU A 449 9.95 5.32 41.65
C GLU A 449 8.83 4.60 42.40
N ALA A 450 7.83 4.11 41.67
CA ALA A 450 6.70 3.42 42.28
C ALA A 450 7.11 2.04 42.78
N ASN A 451 6.35 1.53 43.74
CA ASN A 451 6.56 0.21 44.32
C ASN A 451 5.96 -0.83 43.39
N ASN A 452 6.76 -1.27 42.43
CA ASN A 452 6.33 -2.30 41.48
C ASN A 452 6.82 -3.68 41.91
N TYR A 453 6.15 -4.70 41.37
CA TYR A 453 6.35 -6.08 41.77
C TYR A 453 6.04 -7.03 40.62
N GLY A 454 6.69 -8.18 40.63
CA GLY A 454 6.48 -9.16 39.59
C GLY A 454 7.48 -10.29 39.71
N THR A 455 7.26 -11.32 38.90
CA THR A 455 8.05 -12.54 38.94
C THR A 455 8.49 -12.94 37.53
N LEU A 456 9.75 -13.29 37.39
CA LEU A 456 10.28 -13.91 36.17
C LEU A 456 10.18 -15.43 36.34
N THR A 457 9.32 -16.06 35.54
CA THR A 457 9.05 -17.48 35.71
C THR A 457 9.72 -18.38 34.68
N LYS A 458 10.19 -17.81 33.56
CA LYS A 458 10.91 -18.60 32.56
C LYS A 458 11.82 -17.67 31.77
N PHE A 459 13.06 -18.10 31.58
CA PHE A 459 14.05 -17.34 30.81
C PHE A 459 14.80 -18.37 29.97
N THR A 460 14.42 -18.49 28.70
CA THR A 460 15.08 -19.37 27.75
C THR A 460 15.99 -18.55 26.84
N LEU A 461 17.28 -18.85 26.89
CA LEU A 461 18.26 -18.20 26.02
C LEU A 461 18.40 -19.05 24.76
N VAL A 462 17.96 -18.51 23.62
CA VAL A 462 17.97 -19.22 22.35
C VAL A 462 19.07 -18.61 21.49
N LEU A 463 20.04 -19.44 21.10
CA LEU A 463 21.18 -19.01 20.31
C LEU A 463 21.06 -19.52 18.88
N TYR A 464 21.38 -18.66 17.92
CA TYR A 464 21.45 -19.02 16.52
C TYR A 464 22.86 -18.73 16.02
N GLY A 465 23.33 -19.57 15.09
CA GLY A 465 24.62 -19.32 14.49
C GLY A 465 25.20 -20.60 13.90
N THR A 466 26.52 -20.59 13.77
CA THR A 466 27.29 -21.67 13.17
C THR A 466 28.46 -22.01 14.09
N ALA A 467 29.20 -23.06 13.72
CA ALA A 467 30.36 -23.47 14.49
C ALA A 467 31.65 -23.06 13.76
N GLN B 15 -14.75 -8.30 14.86
CA GLN B 15 -13.47 -8.87 15.26
C GLN B 15 -13.26 -10.24 14.61
N PHE B 16 -14.08 -11.22 14.99
CA PHE B 16 -13.99 -12.55 14.43
C PHE B 16 -14.69 -12.61 13.07
N VAL B 17 -14.16 -13.47 12.19
CA VAL B 17 -14.70 -13.65 10.85
C VAL B 17 -15.18 -15.09 10.73
N ASN B 18 -15.86 -15.39 9.63
CA ASN B 18 -16.39 -16.74 9.40
C ASN B 18 -15.41 -17.61 8.61
N GLU B 19 -14.16 -17.67 9.09
CA GLU B 19 -13.11 -18.48 8.50
C GLU B 19 -12.38 -19.27 9.59
N TRP B 20 -12.10 -20.53 9.31
CA TRP B 20 -11.39 -21.40 10.24
C TRP B 20 -10.18 -22.03 9.55
N ALA B 21 -9.03 -21.93 10.19
CA ALA B 21 -7.80 -22.56 9.72
C ALA B 21 -7.57 -23.84 10.50
N ALA B 22 -7.24 -24.92 9.80
CA ALA B 22 -7.02 -26.22 10.42
C ALA B 22 -5.76 -26.84 9.84
N GLU B 23 -4.97 -27.46 10.71
CA GLU B 23 -3.80 -28.22 10.30
C GLU B 23 -4.20 -29.68 10.11
N ILE B 24 -4.06 -30.18 8.89
CA ILE B 24 -4.53 -31.51 8.52
C ILE B 24 -3.40 -32.29 7.89
N PRO B 25 -2.70 -33.16 8.62
CA PRO B 25 -1.57 -33.89 8.01
C PRO B 25 -1.99 -34.89 6.93
N GLY B 26 -3.26 -35.27 6.87
CA GLY B 26 -3.70 -36.25 5.89
C GLY B 26 -3.65 -35.77 4.44
N GLY B 27 -3.58 -34.46 4.23
CA GLY B 27 -3.50 -33.91 2.90
C GLY B 27 -4.82 -33.34 2.42
N PRO B 28 -4.86 -32.88 1.16
CA PRO B 28 -6.10 -32.28 0.65
C PRO B 28 -7.27 -33.25 0.62
N GLU B 29 -7.02 -34.53 0.32
CA GLU B 29 -8.10 -35.51 0.34
C GLU B 29 -8.73 -35.59 1.73
N ALA B 30 -7.89 -35.54 2.77
CA ALA B 30 -8.42 -35.56 4.13
C ALA B 30 -9.20 -34.29 4.44
N ALA B 31 -8.66 -33.13 4.06
CA ALA B 31 -9.37 -31.88 4.27
C ALA B 31 -10.68 -31.85 3.49
N SER B 32 -10.73 -32.54 2.35
CA SER B 32 -11.97 -32.59 1.57
C SER B 32 -13.03 -33.43 2.30
N ALA B 33 -12.63 -34.58 2.84
CA ALA B 33 -13.59 -35.38 3.60
C ALA B 33 -14.03 -34.66 4.87
N ILE B 34 -13.09 -33.99 5.53
CA ILE B 34 -13.42 -33.22 6.73
C ILE B 34 -14.51 -32.20 6.42
N ALA B 35 -14.36 -31.47 5.31
CA ALA B 35 -15.37 -30.48 4.94
C ALA B 35 -16.75 -31.13 4.78
N GLU B 36 -16.81 -32.28 4.10
CA GLU B 36 -18.10 -32.90 3.82
C GLU B 36 -18.75 -33.44 5.10
N GLU B 37 -17.98 -34.16 5.91
CA GLU B 37 -18.57 -34.82 7.08
C GLU B 37 -19.11 -33.80 8.07
N LEU B 38 -18.31 -32.79 8.40
CA LEU B 38 -18.66 -31.84 9.44
C LEU B 38 -19.55 -30.70 8.96
N GLY B 39 -19.59 -30.44 7.66
CA GLY B 39 -20.49 -29.43 7.14
C GLY B 39 -19.81 -28.09 6.95
N TYR B 40 -18.58 -28.11 6.45
CA TYR B 40 -17.78 -26.94 6.20
C TYR B 40 -17.53 -26.78 4.70
N ASP B 41 -17.01 -25.61 4.33
CA ASP B 41 -16.63 -25.29 2.97
C ASP B 41 -15.11 -25.20 2.88
N LEU B 42 -14.49 -26.14 2.17
CA LEU B 42 -13.05 -26.13 2.00
C LEU B 42 -12.67 -25.03 1.02
N LEU B 43 -11.99 -24.00 1.51
CA LEU B 43 -11.55 -22.93 0.63
C LEU B 43 -10.19 -23.23 0.00
N GLY B 44 -9.41 -24.12 0.60
CA GLY B 44 -8.17 -24.58 0.03
C GLY B 44 -6.98 -24.34 0.94
N GLN B 45 -5.80 -24.55 0.38
CA GLN B 45 -4.54 -24.37 1.10
C GLN B 45 -4.27 -22.91 1.39
N ILE B 46 -3.69 -22.64 2.56
CA ILE B 46 -3.38 -21.28 2.99
C ILE B 46 -1.96 -20.96 2.53
N GLY B 47 -1.84 -20.08 1.55
CA GLY B 47 -0.53 -19.69 1.05
C GLY B 47 0.30 -20.88 0.62
N SER B 48 1.52 -20.97 1.14
CA SER B 48 2.42 -22.08 0.85
C SER B 48 2.38 -23.15 1.92
N LEU B 49 1.53 -23.01 2.93
CA LEU B 49 1.46 -23.99 4.01
C LEU B 49 0.78 -25.24 3.47
N GLU B 50 1.60 -26.23 3.09
CA GLU B 50 1.12 -27.43 2.42
C GLU B 50 -0.11 -28.01 3.12
N ASN B 51 -0.03 -28.16 4.45
CA ASN B 51 -1.07 -28.88 5.19
C ASN B 51 -1.92 -27.98 6.09
N HIS B 52 -2.07 -26.70 5.75
CA HIS B 52 -2.94 -25.79 6.48
C HIS B 52 -4.03 -25.31 5.54
N TYR B 53 -5.29 -25.51 5.94
CA TYR B 53 -6.44 -25.20 5.09
C TYR B 53 -7.37 -24.25 5.80
N LEU B 54 -8.14 -23.52 5.00
CA LEU B 54 -9.10 -22.53 5.49
C LEU B 54 -10.51 -23.04 5.22
N PHE B 55 -11.37 -22.95 6.23
CA PHE B 55 -12.75 -23.43 6.15
C PHE B 55 -13.75 -22.31 6.42
N LYS B 56 -14.86 -22.36 5.71
CA LYS B 56 -16.02 -21.50 5.92
C LYS B 56 -17.19 -22.38 6.37
N HIS B 57 -18.13 -21.79 7.10
CA HIS B 57 -19.22 -22.58 7.67
C HIS B 57 -20.56 -21.92 7.41
N ALA B 68 -17.29 -18.24 17.69
CA ALA B 68 -17.91 -19.55 17.48
C ALA B 68 -16.99 -20.67 17.96
N PHE B 69 -16.78 -20.72 19.28
CA PHE B 69 -15.88 -21.72 19.86
C PHE B 69 -16.39 -23.14 19.60
N HIS B 70 -17.71 -23.30 19.49
CA HIS B 70 -18.28 -24.60 19.19
C HIS B 70 -17.93 -25.05 17.78
N ILE B 71 -17.99 -24.14 16.81
CA ILE B 71 -17.56 -24.49 15.45
C ILE B 71 -16.07 -24.80 15.44
N THR B 72 -15.27 -24.03 16.20
CA THR B 72 -13.84 -24.30 16.29
C THR B 72 -13.59 -25.66 16.96
N LYS B 73 -14.25 -25.90 18.10
CA LYS B 73 -14.05 -27.14 18.84
C LYS B 73 -14.37 -28.37 17.99
N ARG B 74 -15.52 -28.35 17.30
CA ARG B 74 -15.88 -29.46 16.43
C ARG B 74 -14.75 -29.82 15.48
N LEU B 75 -14.08 -28.81 14.93
CA LEU B 75 -12.98 -29.05 14.01
C LEU B 75 -11.77 -29.62 14.74
N SER B 76 -11.43 -29.06 15.90
CA SER B 76 -10.24 -29.49 16.63
C SER B 76 -10.37 -30.95 17.10
N ASP B 77 -11.55 -31.32 17.61
CA ASP B 77 -11.71 -32.65 18.19
C ASP B 77 -11.58 -33.77 17.17
N ASP B 78 -11.79 -33.50 15.89
CA ASP B 78 -11.59 -34.53 14.87
C ASP B 78 -10.15 -35.04 14.94
N ASP B 79 -9.99 -36.36 14.87
CA ASP B 79 -8.65 -36.92 14.99
C ASP B 79 -7.78 -36.62 13.77
N ARG B 80 -8.38 -36.13 12.69
CA ARG B 80 -7.61 -35.73 11.52
C ARG B 80 -7.11 -34.29 11.58
N VAL B 81 -7.64 -33.49 12.49
CA VAL B 81 -7.25 -32.09 12.64
C VAL B 81 -6.31 -32.00 13.83
N ILE B 82 -5.07 -31.57 13.57
CA ILE B 82 -4.08 -31.39 14.62
C ILE B 82 -4.20 -30.02 15.30
N TRP B 83 -4.58 -28.99 14.56
CA TRP B 83 -4.70 -27.65 15.13
C TRP B 83 -5.79 -26.91 14.37
N ALA B 84 -6.60 -26.15 15.10
CA ALA B 84 -7.67 -25.37 14.50
C ALA B 84 -7.82 -24.04 15.24
N GLU B 85 -8.27 -23.02 14.51
CA GLU B 85 -8.42 -21.68 15.06
C GLU B 85 -9.31 -20.85 14.15
N GLN B 86 -10.20 -20.08 14.76
CA GLN B 86 -11.05 -19.15 14.02
C GLN B 86 -10.28 -17.87 13.74
N GLN B 87 -10.47 -17.33 12.54
CA GLN B 87 -9.76 -16.13 12.14
C GLN B 87 -10.43 -14.90 12.73
N TYR B 88 -9.62 -13.90 13.07
CA TYR B 88 -10.15 -12.66 13.61
C TYR B 88 -9.32 -11.48 13.13
N GLU B 89 -10.00 -10.37 12.84
CA GLU B 89 -9.35 -9.17 12.34
C GLU B 89 -8.39 -8.60 13.37
N LYS B 90 -7.20 -8.22 12.90
CA LYS B 90 -6.19 -7.61 13.76
C LYS B 90 -5.83 -6.23 13.24
N GLU B 91 -5.50 -5.33 14.16
CA GLU B 91 -5.15 -3.96 13.81
C GLU B 91 -3.73 -3.94 13.27
N ARG B 92 -3.58 -3.57 12.00
CA ARG B 92 -2.28 -3.53 11.33
C ARG B 92 -2.03 -2.15 10.76
N SER B 93 -0.98 -1.50 11.24
CA SER B 93 -0.64 -0.14 10.84
C SER B 93 0.31 -0.12 9.66
N LYS B 94 0.08 0.81 8.73
CA LYS B 94 1.07 1.16 7.74
C LYS B 94 2.02 2.17 8.34
N ARG B 95 3.30 2.06 7.98
CA ARG B 95 4.32 2.93 8.57
C ARG B 95 4.57 4.13 7.66
N TYR C 3 22.51 -41.79 -23.48
CA TYR C 3 21.35 -41.27 -22.77
C TYR C 3 20.62 -42.37 -22.01
N GLN C 4 20.34 -42.12 -20.74
CA GLN C 4 19.61 -43.07 -19.90
C GLN C 4 18.14 -42.66 -19.86
N GLU C 5 17.26 -43.51 -20.38
CA GLU C 5 15.85 -43.19 -20.46
C GLU C 5 15.17 -43.45 -19.12
N PRO C 6 13.92 -43.00 -18.97
CA PRO C 6 13.24 -43.15 -17.68
C PRO C 6 13.22 -44.59 -17.18
N THR C 7 13.30 -44.72 -15.85
CA THR C 7 13.22 -46.00 -15.17
C THR C 7 11.87 -46.19 -14.47
N ASP C 8 10.92 -45.29 -14.74
CA ASP C 8 9.64 -45.30 -14.04
C ASP C 8 8.88 -46.60 -14.31
N PRO C 9 8.08 -47.06 -13.34
CA PRO C 9 7.44 -48.38 -13.48
C PRO C 9 6.49 -48.50 -14.66
N LYS C 10 5.75 -47.45 -14.97
CA LYS C 10 4.77 -47.49 -16.06
C LYS C 10 5.30 -46.89 -17.35
N PHE C 11 6.57 -46.50 -17.41
CA PHE C 11 7.12 -45.96 -18.65
C PHE C 11 7.02 -46.95 -19.81
N PRO C 12 7.36 -48.23 -19.66
CA PRO C 12 7.17 -49.17 -20.78
C PRO C 12 5.73 -49.26 -21.26
N GLN C 13 4.75 -48.92 -20.43
CA GLN C 13 3.36 -48.89 -20.88
C GLN C 13 3.01 -47.62 -21.64
N GLN C 14 3.92 -46.65 -21.70
CA GLN C 14 3.69 -45.41 -22.45
C GLN C 14 4.19 -45.62 -23.88
N TRP C 15 3.49 -46.53 -24.57
CA TRP C 15 3.86 -46.93 -25.93
C TRP C 15 4.01 -45.76 -26.87
N TYR C 16 3.21 -44.69 -26.65
CA TYR C 16 3.24 -43.54 -27.55
C TYR C 16 4.49 -42.70 -27.36
N LEU C 17 5.18 -42.85 -26.23
CA LEU C 17 6.46 -42.19 -25.98
C LEU C 17 7.61 -43.16 -26.24
N SER C 18 7.62 -44.28 -25.53
CA SER C 18 8.64 -45.30 -25.66
C SER C 18 8.07 -46.44 -26.51
N GLY C 19 8.16 -46.25 -27.82
CA GLY C 19 7.80 -47.28 -28.78
C GLY C 19 9.06 -47.80 -29.46
N VAL C 20 9.04 -49.06 -29.84
CA VAL C 20 10.17 -49.69 -30.51
C VAL C 20 9.88 -50.03 -31.96
N THR C 21 8.59 -50.11 -32.36
CA THR C 21 8.19 -50.43 -33.72
C THR C 21 7.81 -49.18 -34.51
N GLN C 22 8.48 -48.06 -34.26
CA GLN C 22 8.31 -46.79 -34.97
C GLN C 22 6.93 -46.17 -34.81
N ARG C 23 6.08 -46.72 -33.95
CA ARG C 23 4.73 -46.19 -33.74
C ARG C 23 4.68 -45.31 -32.48
N ASP C 24 5.45 -44.23 -32.51
CA ASP C 24 5.50 -43.33 -31.35
C ASP C 24 5.74 -41.90 -31.82
N LEU C 25 5.74 -40.99 -30.85
CA LEU C 25 5.95 -39.56 -31.09
C LEU C 25 7.42 -39.18 -31.20
N ASN C 26 8.32 -40.16 -31.17
CA ASN C 26 9.76 -39.91 -31.32
C ASN C 26 10.25 -38.89 -30.29
N VAL C 27 9.77 -39.04 -29.05
CA VAL C 27 10.15 -38.13 -27.98
C VAL C 27 11.52 -38.52 -27.42
N LYS C 28 11.81 -39.81 -27.38
CA LYS C 28 13.12 -40.29 -26.94
C LYS C 28 14.25 -39.64 -27.70
N ALA C 29 14.07 -39.43 -29.02
CA ALA C 29 15.12 -38.79 -29.81
C ALA C 29 15.35 -37.35 -29.34
N ALA C 30 14.27 -36.68 -28.93
CA ALA C 30 14.42 -35.33 -28.39
C ALA C 30 15.08 -35.35 -27.02
N TRP C 31 14.78 -36.37 -26.21
CA TRP C 31 15.41 -36.51 -24.91
C TRP C 31 16.92 -36.70 -25.04
N ALA C 32 17.34 -37.53 -26.00
CA ALA C 32 18.76 -37.80 -26.17
C ALA C 32 19.54 -36.58 -26.66
N GLN C 33 18.87 -35.65 -27.33
CA GLN C 33 19.50 -34.39 -27.72
C GLN C 33 19.63 -33.41 -26.56
N GLY C 34 19.13 -33.77 -25.37
CA GLY C 34 19.23 -32.92 -24.21
C GLY C 34 18.04 -32.03 -23.94
N TYR C 35 16.91 -32.23 -24.61
CA TYR C 35 15.75 -31.37 -24.49
C TYR C 35 14.66 -32.12 -23.73
N THR C 36 14.43 -31.69 -22.48
CA THR C 36 13.43 -32.31 -21.63
C THR C 36 12.42 -31.31 -21.07
N GLY C 37 12.51 -30.04 -21.47
CA GLY C 37 11.57 -29.03 -21.03
C GLY C 37 12.07 -28.12 -19.94
N HIS C 38 13.37 -28.15 -19.64
CA HIS C 38 13.91 -27.30 -18.58
C HIS C 38 13.72 -25.83 -18.92
N GLY C 39 13.19 -25.07 -17.96
CA GLY C 39 12.97 -23.66 -18.14
C GLY C 39 11.63 -23.29 -18.73
N ILE C 40 10.86 -24.28 -19.18
CA ILE C 40 9.57 -24.04 -19.83
C ILE C 40 8.46 -24.25 -18.81
N VAL C 41 7.49 -23.35 -18.83
CA VAL C 41 6.34 -23.38 -17.94
C VAL C 41 5.11 -23.69 -18.80
N VAL C 42 4.32 -24.67 -18.38
CA VAL C 42 3.11 -25.07 -19.07
C VAL C 42 1.97 -25.11 -18.07
N SER C 43 0.81 -24.61 -18.48
CA SER C 43 -0.38 -24.56 -17.63
C SER C 43 -1.52 -25.33 -18.27
N ILE C 44 -2.20 -26.15 -17.47
CA ILE C 44 -3.36 -26.93 -17.91
C ILE C 44 -4.62 -26.19 -17.48
N LEU C 45 -5.41 -25.76 -18.46
CA LEU C 45 -6.68 -25.07 -18.19
C LEU C 45 -7.79 -26.11 -18.15
N ASP C 46 -8.26 -26.45 -16.95
CA ASP C 46 -9.23 -27.53 -16.80
C ASP C 46 -10.00 -27.44 -15.48
N ASP C 47 -10.13 -28.56 -14.77
CA ASP C 47 -10.93 -28.62 -13.55
C ASP C 47 -10.07 -28.67 -12.29
N GLY C 48 -8.80 -28.29 -12.40
CA GLY C 48 -7.87 -28.33 -11.29
C GLY C 48 -6.74 -29.30 -11.54
N ILE C 49 -5.76 -29.23 -10.65
CA ILE C 49 -4.55 -30.05 -10.73
C ILE C 49 -4.17 -30.49 -9.32
N GLU C 50 -3.94 -31.78 -9.14
CA GLU C 50 -3.54 -32.33 -7.84
C GLU C 50 -2.06 -32.04 -7.66
N LYS C 51 -1.78 -30.85 -7.12
CA LYS C 51 -0.39 -30.38 -7.03
C LYS C 51 0.44 -31.17 -6.04
N ASN C 52 -0.19 -31.91 -5.14
CA ASN C 52 0.53 -32.76 -4.20
C ASN C 52 0.74 -34.18 -4.73
N HIS C 53 0.30 -34.46 -5.95
CA HIS C 53 0.47 -35.79 -6.51
C HIS C 53 1.96 -36.16 -6.52
N PRO C 54 2.33 -37.36 -6.08
CA PRO C 54 3.77 -37.69 -5.99
C PRO C 54 4.51 -37.60 -7.31
N ASP C 55 3.82 -37.58 -8.45
CA ASP C 55 4.45 -37.45 -9.75
C ASP C 55 4.24 -36.06 -10.37
N LEU C 56 3.70 -35.11 -9.61
CA LEU C 56 3.49 -33.75 -10.10
C LEU C 56 4.12 -32.73 -9.17
N ALA C 57 4.19 -33.06 -7.87
CA ALA C 57 4.65 -32.10 -6.88
C ALA C 57 6.02 -31.54 -7.25
N GLY C 58 6.94 -32.39 -7.68
CA GLY C 58 8.30 -31.95 -7.99
C GLY C 58 8.38 -30.93 -9.11
N ASN C 59 7.39 -30.91 -10.01
CA ASN C 59 7.37 -29.96 -11.12
C ASN C 59 6.26 -28.92 -11.00
N TYR C 60 5.48 -28.94 -9.93
CA TYR C 60 4.37 -28.00 -9.81
C TYR C 60 4.87 -26.58 -9.68
N ASP C 61 4.16 -25.65 -10.31
CA ASP C 61 4.49 -24.23 -10.27
C ASP C 61 3.25 -23.44 -9.90
N PRO C 62 3.17 -22.88 -8.69
CA PRO C 62 2.00 -22.04 -8.36
C PRO C 62 1.92 -20.79 -9.21
N GLY C 63 3.04 -20.31 -9.75
CA GLY C 63 3.02 -19.18 -10.65
C GLY C 63 2.36 -19.44 -11.98
N ALA C 64 2.10 -20.72 -12.28
CA ALA C 64 1.38 -21.12 -13.49
C ALA C 64 -0.02 -21.63 -13.17
N SER C 65 -0.51 -21.38 -11.97
CA SER C 65 -1.75 -21.98 -11.48
C SER C 65 -2.68 -20.92 -10.91
N PHE C 66 -3.97 -21.20 -11.00
CA PHE C 66 -4.98 -20.37 -10.35
C PHE C 66 -6.32 -21.09 -10.34
N ASP C 67 -7.13 -20.79 -9.33
CA ASP C 67 -8.48 -21.32 -9.20
C ASP C 67 -9.46 -20.20 -9.57
N VAL C 68 -9.93 -20.24 -10.82
CA VAL C 68 -10.88 -19.24 -11.27
C VAL C 68 -12.28 -19.51 -10.74
N ASN C 69 -12.65 -20.79 -10.61
CA ASN C 69 -14.00 -21.13 -10.17
C ASN C 69 -14.27 -20.60 -8.77
N ASP C 70 -13.30 -20.76 -7.85
CA ASP C 70 -13.46 -20.36 -6.46
C ASP C 70 -12.61 -19.15 -6.07
N GLN C 71 -11.92 -18.52 -7.03
CA GLN C 71 -11.25 -17.24 -6.80
C GLN C 71 -10.19 -17.30 -5.69
N ASP C 72 -9.21 -18.18 -5.87
CA ASP C 72 -8.09 -18.25 -4.92
C ASP C 72 -6.91 -18.91 -5.62
N PRO C 73 -5.69 -18.73 -5.08
CA PRO C 73 -4.51 -19.26 -5.78
C PRO C 73 -4.45 -20.78 -5.88
N ASP C 74 -5.05 -21.51 -4.94
CA ASP C 74 -4.88 -22.97 -4.88
C ASP C 74 -5.80 -23.67 -5.88
N PRO C 75 -5.25 -24.37 -6.88
CA PRO C 75 -6.11 -24.99 -7.89
C PRO C 75 -6.44 -26.45 -7.59
N GLN C 76 -6.52 -26.81 -6.33
CA GLN C 76 -6.72 -28.22 -5.99
C GLN C 76 -8.06 -28.70 -6.52
N PRO C 77 -8.13 -29.89 -7.10
CA PRO C 77 -9.42 -30.40 -7.60
C PRO C 77 -10.39 -30.68 -6.46
N ARG C 78 -11.67 -30.55 -6.78
CA ARG C 78 -12.74 -30.88 -5.84
C ARG C 78 -12.91 -32.40 -5.83
N TYR C 79 -12.76 -33.01 -4.67
CA TYR C 79 -12.84 -34.47 -4.57
C TYR C 79 -14.28 -34.91 -4.44
N THR C 80 -14.69 -35.82 -5.33
CA THR C 80 -16.02 -36.40 -5.34
C THR C 80 -15.85 -37.91 -5.44
N GLN C 81 -16.93 -38.64 -5.11
CA GLN C 81 -16.83 -40.09 -5.11
C GLN C 81 -16.50 -40.63 -6.50
N MET C 82 -17.07 -40.01 -7.54
CA MET C 82 -16.85 -40.48 -8.91
C MET C 82 -15.56 -39.93 -9.52
N ASN C 83 -14.79 -39.14 -8.77
CA ASN C 83 -13.57 -38.51 -9.29
C ASN C 83 -13.86 -37.71 -10.55
N ASP C 84 -14.92 -36.91 -10.49
CA ASP C 84 -15.36 -36.15 -11.67
C ASP C 84 -14.34 -35.10 -12.07
N ASN C 85 -13.52 -34.62 -11.14
CA ASN C 85 -12.56 -33.55 -11.39
C ASN C 85 -11.13 -34.08 -11.44
N ARG C 86 -10.96 -35.23 -12.07
CA ARG C 86 -9.64 -35.84 -12.25
C ARG C 86 -8.99 -35.45 -13.58
N HIS C 87 -9.74 -34.77 -14.46
CA HIS C 87 -9.29 -34.58 -15.83
C HIS C 87 -8.03 -33.72 -15.87
N GLY C 88 -8.03 -32.59 -15.15
CA GLY C 88 -6.88 -31.71 -15.18
C GLY C 88 -5.61 -32.40 -14.71
N THR C 89 -5.72 -33.26 -13.71
CA THR C 89 -4.56 -33.99 -13.23
C THR C 89 -4.04 -34.97 -14.28
N ARG C 90 -4.95 -35.62 -15.00
CA ARG C 90 -4.54 -36.56 -16.04
C ARG C 90 -3.73 -35.88 -17.13
N CYS C 91 -4.19 -34.69 -17.57
CA CYS C 91 -3.47 -33.99 -18.62
C CYS C 91 -2.12 -33.45 -18.13
N ALA C 92 -2.06 -33.06 -16.86
CA ALA C 92 -0.82 -32.51 -16.33
C ALA C 92 0.30 -33.55 -16.31
N GLY C 93 -0.03 -34.81 -15.99
CA GLY C 93 0.97 -35.84 -16.00
C GLY C 93 1.48 -36.15 -17.39
N GLU C 94 0.64 -35.97 -18.41
CA GLU C 94 1.08 -36.17 -19.79
C GLU C 94 2.16 -35.17 -20.14
N VAL C 95 2.08 -33.95 -19.60
CA VAL C 95 3.05 -32.91 -19.92
C VAL C 95 4.31 -33.08 -19.08
N ALA C 96 4.18 -33.00 -17.76
CA ALA C 96 5.34 -32.83 -16.89
C ALA C 96 5.28 -33.74 -15.67
N ALA C 97 4.95 -35.01 -15.89
CA ALA C 97 5.08 -35.98 -14.81
C ALA C 97 6.56 -36.22 -14.52
N VAL C 98 6.89 -36.30 -13.23
CA VAL C 98 8.28 -36.43 -12.82
C VAL C 98 8.85 -37.76 -13.32
N ALA C 99 10.11 -37.73 -13.74
CA ALA C 99 10.79 -38.91 -14.26
C ALA C 99 11.75 -39.48 -13.22
N ASN C 100 12.07 -40.77 -13.38
CA ASN C 100 13.10 -41.43 -12.58
C ASN C 100 12.84 -41.29 -11.09
N ASN C 101 11.58 -41.43 -10.69
CA ASN C 101 11.19 -41.38 -9.28
C ASN C 101 10.39 -42.60 -8.87
N GLY C 102 10.34 -43.65 -9.69
CA GLY C 102 9.65 -44.87 -9.31
C GLY C 102 8.17 -44.72 -9.13
N VAL C 103 7.54 -43.72 -9.77
CA VAL C 103 6.12 -43.44 -9.60
C VAL C 103 5.48 -43.31 -10.97
N CYS C 104 4.52 -44.17 -11.27
CA CYS C 104 3.67 -44.04 -12.47
C CYS C 104 4.60 -43.95 -13.69
N GLY C 105 4.42 -42.97 -14.57
CA GLY C 105 5.26 -42.87 -15.75
C GLY C 105 6.03 -41.56 -15.79
N VAL C 106 6.24 -41.01 -16.97
CA VAL C 106 6.91 -39.72 -17.13
C VAL C 106 6.09 -38.87 -18.09
N GLY C 107 6.26 -37.56 -17.96
CA GLY C 107 5.68 -36.64 -18.91
C GLY C 107 6.57 -36.45 -20.11
N VAL C 108 5.98 -35.91 -21.18
CA VAL C 108 6.75 -35.64 -22.39
C VAL C 108 7.90 -34.70 -22.09
N ALA C 109 7.62 -33.64 -21.33
CA ALA C 109 8.64 -32.69 -20.87
C ALA C 109 8.79 -32.84 -19.36
N TYR C 110 9.44 -33.93 -18.94
CA TYR C 110 9.44 -34.27 -17.52
C TYR C 110 10.29 -33.34 -16.68
N ASN C 111 10.98 -32.37 -17.28
CA ASN C 111 11.72 -31.37 -16.51
C ASN C 111 11.08 -29.98 -16.61
N ALA C 112 9.89 -29.88 -17.17
CA ALA C 112 9.19 -28.61 -17.25
C ALA C 112 8.38 -28.38 -15.97
N ARG C 113 8.10 -27.12 -15.69
CA ARG C 113 7.25 -26.75 -14.57
C ARG C 113 5.79 -26.75 -15.04
N ILE C 114 4.92 -27.34 -14.23
CA ILE C 114 3.53 -27.57 -14.62
C ILE C 114 2.62 -26.82 -13.65
N GLY C 115 1.62 -26.13 -14.21
CA GLY C 115 0.62 -25.47 -13.42
C GLY C 115 -0.77 -25.82 -13.93
N GLY C 116 -1.78 -25.40 -13.17
CA GLY C 116 -3.15 -25.67 -13.55
C GLY C 116 -4.11 -24.55 -13.21
N VAL C 117 -5.03 -24.26 -14.12
CA VAL C 117 -6.07 -23.25 -13.89
C VAL C 117 -7.38 -23.99 -13.72
N ARG C 118 -7.94 -23.94 -12.51
CA ARG C 118 -9.23 -24.56 -12.20
C ARG C 118 -10.33 -23.61 -12.68
N MET C 119 -10.94 -23.92 -13.82
CA MET C 119 -11.94 -23.05 -14.40
C MET C 119 -13.13 -23.78 -15.02
N LEU C 120 -13.15 -25.11 -15.03
CA LEU C 120 -14.27 -25.86 -15.57
C LEU C 120 -15.23 -26.38 -14.50
N ASP C 121 -14.82 -26.41 -13.24
CA ASP C 121 -15.69 -26.89 -12.16
C ASP C 121 -16.53 -25.74 -11.60
N GLY C 122 -17.37 -25.19 -12.48
CA GLY C 122 -18.24 -24.10 -12.11
C GLY C 122 -18.89 -23.51 -13.33
N GLU C 123 -19.52 -22.34 -13.17
CA GLU C 123 -20.12 -21.67 -14.30
C GLU C 123 -19.02 -21.08 -15.19
N VAL C 124 -18.91 -21.57 -16.42
CA VAL C 124 -17.89 -21.11 -17.36
C VAL C 124 -18.50 -19.98 -18.18
N THR C 125 -18.10 -18.75 -17.87
CA THR C 125 -18.55 -17.58 -18.60
C THR C 125 -17.44 -17.10 -19.54
N ASP C 126 -17.79 -16.12 -20.38
CA ASP C 126 -16.79 -15.49 -21.23
C ASP C 126 -15.66 -14.90 -20.39
N ALA C 127 -15.99 -14.32 -19.24
CA ALA C 127 -14.97 -13.76 -18.37
C ALA C 127 -14.10 -14.85 -17.75
N VAL C 128 -14.71 -15.97 -17.35
CA VAL C 128 -13.92 -17.07 -16.80
C VAL C 128 -12.90 -17.55 -17.83
N GLU C 129 -13.30 -17.61 -19.09
CA GLU C 129 -12.38 -18.05 -20.14
C GLU C 129 -11.26 -17.04 -20.33
N ALA C 130 -11.58 -15.74 -20.35
CA ALA C 130 -10.54 -14.73 -20.54
C ALA C 130 -9.59 -14.69 -19.36
N ARG C 131 -10.08 -14.94 -18.13
CA ARG C 131 -9.18 -14.95 -16.99
C ARG C 131 -8.15 -16.07 -17.10
N SER C 132 -8.57 -17.23 -17.61
CA SER C 132 -7.69 -18.39 -17.63
C SER C 132 -6.66 -18.30 -18.77
N LEU C 133 -7.10 -17.92 -19.97
CA LEU C 133 -6.20 -17.86 -21.11
C LEU C 133 -5.12 -16.79 -20.95
N GLY C 134 -5.34 -15.79 -20.11
CA GLY C 134 -4.40 -14.69 -19.98
C GLY C 134 -3.71 -14.59 -18.63
N LEU C 135 -3.65 -15.68 -17.88
CA LEU C 135 -2.99 -15.66 -16.58
C LEU C 135 -1.48 -15.61 -16.76
N ASN C 136 -0.84 -14.61 -16.13
CA ASN C 136 0.61 -14.45 -16.10
C ASN C 136 1.24 -14.81 -17.45
N PRO C 137 0.93 -14.06 -18.51
CA PRO C 137 1.35 -14.47 -19.86
C PRO C 137 2.86 -14.38 -20.09
N ASN C 138 3.62 -13.73 -19.21
CA ASN C 138 5.07 -13.69 -19.33
C ASN C 138 5.76 -14.68 -18.42
N HIS C 139 5.00 -15.52 -17.71
CA HIS C 139 5.54 -16.64 -16.95
C HIS C 139 5.14 -17.97 -17.56
N ILE C 140 3.86 -18.14 -17.87
CA ILE C 140 3.38 -19.31 -18.59
C ILE C 140 3.75 -19.17 -20.06
N HIS C 141 4.40 -20.20 -20.62
CA HIS C 141 4.75 -20.18 -22.03
C HIS C 141 3.69 -20.85 -22.89
N ILE C 142 3.11 -21.94 -22.41
CA ILE C 142 2.20 -22.77 -23.18
C ILE C 142 0.94 -23.00 -22.37
N TYR C 143 -0.22 -22.77 -22.98
CA TYR C 143 -1.50 -23.07 -22.37
C TYR C 143 -2.10 -24.28 -23.08
N SER C 144 -2.50 -25.27 -22.30
CA SER C 144 -3.12 -26.49 -22.83
C SER C 144 -4.58 -26.52 -22.41
N ALA C 145 -5.46 -26.67 -23.38
CA ALA C 145 -6.90 -26.71 -23.15
C ALA C 145 -7.50 -27.83 -23.98
N SER C 146 -8.28 -28.70 -23.37
CA SER C 146 -8.93 -29.79 -24.07
C SER C 146 -10.42 -29.57 -24.24
N TRP C 147 -11.00 -28.60 -23.55
CA TRP C 147 -12.43 -28.38 -23.49
C TRP C 147 -12.90 -27.48 -24.63
N GLY C 148 -14.22 -27.49 -24.85
CA GLY C 148 -14.84 -26.69 -25.87
C GLY C 148 -16.33 -26.85 -25.86
N PRO C 149 -17.01 -26.40 -26.93
CA PRO C 149 -18.47 -26.52 -26.97
C PRO C 149 -18.92 -27.97 -27.06
N GLU C 150 -20.18 -28.17 -26.69
CA GLU C 150 -20.76 -29.52 -26.67
C GLU C 150 -20.57 -30.18 -28.03
N ASP C 151 -20.03 -31.40 -28.02
CA ASP C 151 -19.78 -32.16 -29.23
C ASP C 151 -20.97 -33.02 -29.64
N ASP C 152 -22.16 -32.42 -29.66
CA ASP C 152 -23.38 -33.14 -30.00
C ASP C 152 -23.64 -33.14 -31.51
N GLY C 153 -22.84 -32.44 -32.30
CA GLY C 153 -23.04 -32.42 -33.74
C GLY C 153 -24.11 -31.47 -34.22
N LYS C 154 -24.53 -30.51 -33.39
CA LYS C 154 -25.56 -29.56 -33.81
C LYS C 154 -25.33 -28.17 -33.23
N THR C 155 -24.20 -27.93 -32.57
CA THR C 155 -23.88 -26.65 -31.97
C THR C 155 -22.81 -25.93 -32.79
N VAL C 156 -22.97 -24.62 -32.96
CA VAL C 156 -21.96 -23.75 -33.56
C VAL C 156 -21.60 -22.71 -32.51
N ASP C 157 -20.42 -22.83 -31.92
CA ASP C 157 -20.04 -22.01 -30.78
C ASP C 157 -18.54 -21.77 -30.79
N GLY C 158 -18.12 -20.63 -30.25
CA GLY C 158 -16.73 -20.29 -30.18
C GLY C 158 -16.41 -19.28 -29.09
N PRO C 159 -15.16 -18.84 -29.06
CA PRO C 159 -14.80 -17.78 -28.10
C PRO C 159 -15.61 -16.51 -28.33
N ALA C 160 -16.08 -15.93 -27.22
CA ALA C 160 -16.82 -14.68 -27.27
C ALA C 160 -15.84 -13.51 -27.16
N ARG C 161 -16.35 -12.30 -26.94
CA ARG C 161 -15.50 -11.11 -27.04
C ARG C 161 -14.34 -11.17 -26.05
N LEU C 162 -14.62 -11.43 -24.76
CA LEU C 162 -13.52 -11.44 -23.79
C LEU C 162 -12.51 -12.52 -24.13
N ALA C 163 -12.99 -13.75 -24.38
CA ALA C 163 -12.07 -14.83 -24.74
C ALA C 163 -11.33 -14.52 -26.04
N GLU C 164 -12.03 -13.99 -27.04
CA GLU C 164 -11.38 -13.63 -28.29
C GLU C 164 -10.29 -12.61 -28.08
N GLU C 165 -10.56 -11.57 -27.30
CA GLU C 165 -9.54 -10.56 -27.03
C GLU C 165 -8.38 -11.17 -26.26
N ALA C 166 -8.67 -12.10 -25.33
CA ALA C 166 -7.60 -12.73 -24.57
C ALA C 166 -6.68 -13.54 -25.47
N PHE C 167 -7.25 -14.23 -26.47
CA PHE C 167 -6.41 -14.95 -27.43
C PHE C 167 -5.48 -14.00 -28.16
N PHE C 168 -6.00 -12.85 -28.60
CA PHE C 168 -5.18 -11.91 -29.37
C PHE C 168 -4.11 -11.27 -28.48
N ARG C 169 -4.48 -10.84 -27.27
CA ARG C 169 -3.47 -10.35 -26.33
C ARG C 169 -2.40 -11.40 -26.07
N GLY C 170 -2.79 -12.67 -26.01
CA GLY C 170 -1.82 -13.71 -25.72
C GLY C 170 -0.78 -13.83 -26.82
N VAL C 171 -1.22 -13.90 -28.07
CA VAL C 171 -0.29 -14.08 -29.18
C VAL C 171 0.45 -12.80 -29.53
N SER C 172 -0.08 -11.63 -29.17
CA SER C 172 0.54 -10.37 -29.52
C SER C 172 1.55 -9.90 -28.48
N GLN C 173 1.20 -10.00 -27.20
CA GLN C 173 1.99 -9.47 -26.10
C GLN C 173 2.47 -10.53 -25.12
N GLY C 174 1.98 -11.75 -25.20
CA GLY C 174 2.44 -12.79 -24.30
C GLY C 174 3.84 -13.26 -24.63
N ARG C 175 4.49 -13.86 -23.63
CA ARG C 175 5.85 -14.38 -23.76
C ARG C 175 6.82 -13.30 -24.25
N GLY C 176 6.72 -12.12 -23.67
CA GLY C 176 7.62 -11.04 -24.05
C GLY C 176 7.46 -10.61 -25.49
N GLY C 177 6.27 -10.79 -26.07
CA GLY C 177 6.01 -10.45 -27.45
C GLY C 177 6.10 -11.61 -28.41
N LEU C 178 6.69 -12.74 -27.98
CA LEU C 178 6.80 -13.90 -28.85
C LEU C 178 5.45 -14.58 -29.05
N GLY C 179 4.53 -14.43 -28.09
CA GLY C 179 3.19 -14.94 -28.23
C GLY C 179 2.91 -16.19 -27.41
N SER C 180 1.81 -16.17 -26.66
CA SER C 180 1.40 -17.36 -25.93
C SER C 180 1.08 -18.47 -26.91
N ILE C 181 1.50 -19.69 -26.58
CA ILE C 181 1.19 -20.87 -27.39
C ILE C 181 -0.07 -21.51 -26.82
N PHE C 182 -1.13 -21.55 -27.61
CA PHE C 182 -2.41 -22.14 -27.19
C PHE C 182 -2.61 -23.47 -27.91
N VAL C 183 -2.50 -24.56 -27.16
CA VAL C 183 -2.70 -25.91 -27.67
C VAL C 183 -4.12 -26.34 -27.32
N TRP C 184 -4.92 -26.67 -28.34
CA TRP C 184 -6.31 -27.00 -28.15
C TRP C 184 -6.63 -28.38 -28.71
N ALA C 185 -7.62 -29.03 -28.10
CA ALA C 185 -8.07 -30.35 -28.54
C ALA C 185 -9.21 -30.19 -29.55
N SER C 186 -9.13 -30.96 -30.64
CA SER C 186 -10.02 -30.73 -31.78
C SER C 186 -11.46 -31.15 -31.50
N GLY C 187 -11.69 -32.10 -30.59
CA GLY C 187 -13.04 -32.47 -30.22
C GLY C 187 -13.31 -33.96 -30.21
N ASN C 188 -14.40 -34.36 -29.53
CA ASN C 188 -14.74 -35.77 -29.35
C ASN C 188 -16.09 -36.12 -29.96
N GLY C 189 -16.58 -35.33 -30.92
CA GLY C 189 -17.91 -35.55 -31.47
C GLY C 189 -17.99 -36.51 -32.64
N GLY C 190 -17.05 -37.45 -32.72
CA GLY C 190 -17.04 -38.36 -33.86
C GLY C 190 -18.33 -39.16 -34.00
N ARG C 191 -18.85 -39.68 -32.89
CA ARG C 191 -20.04 -40.52 -32.96
C ARG C 191 -21.26 -39.75 -33.47
N GLU C 192 -21.29 -38.43 -33.27
CA GLU C 192 -22.39 -37.59 -33.73
C GLU C 192 -22.07 -36.91 -35.05
N HIS C 193 -20.99 -37.31 -35.74
CA HIS C 193 -20.61 -36.72 -37.01
C HIS C 193 -20.45 -35.20 -36.89
N ASP C 194 -19.79 -34.77 -35.82
CA ASP C 194 -19.51 -33.36 -35.59
C ASP C 194 -18.36 -32.91 -36.50
N SER C 195 -18.30 -31.61 -36.74
CA SER C 195 -17.25 -31.00 -37.55
C SER C 195 -16.58 -29.90 -36.73
N CYS C 196 -15.28 -30.07 -36.47
CA CYS C 196 -14.61 -29.18 -35.54
C CYS C 196 -14.38 -27.77 -36.10
N ASN C 197 -14.81 -27.47 -37.32
CA ASN C 197 -14.85 -26.08 -37.76
C ASN C 197 -16.05 -25.34 -37.19
N CYS C 198 -16.99 -26.06 -36.57
CA CYS C 198 -18.07 -25.45 -35.81
C CYS C 198 -17.67 -25.20 -34.36
N ASP C 199 -16.42 -25.47 -34.01
CA ASP C 199 -15.86 -25.19 -32.68
C ASP C 199 -14.87 -24.05 -32.86
N GLY C 200 -15.28 -22.84 -32.44
CA GLY C 200 -14.47 -21.66 -32.67
C GLY C 200 -13.16 -21.65 -31.91
N TYR C 201 -13.01 -22.49 -30.89
CA TYR C 201 -11.76 -22.54 -30.16
C TYR C 201 -10.70 -23.28 -30.96
N THR C 202 -11.07 -24.42 -31.54
CA THR C 202 -10.17 -25.14 -32.43
C THR C 202 -10.07 -24.49 -33.80
N ASN C 203 -11.16 -23.86 -34.26
CA ASN C 203 -11.15 -23.19 -35.54
C ASN C 203 -10.27 -21.93 -35.54
N SER C 204 -9.95 -21.39 -34.37
CA SER C 204 -9.17 -20.16 -34.31
C SER C 204 -7.75 -20.40 -34.83
N ILE C 205 -7.21 -19.36 -35.49
CA ILE C 205 -5.82 -19.40 -35.92
C ILE C 205 -4.87 -19.23 -34.74
N TYR C 206 -5.35 -18.69 -33.63
CA TYR C 206 -4.50 -18.48 -32.46
C TYR C 206 -4.24 -19.77 -31.69
N THR C 207 -4.97 -20.84 -31.98
CA THR C 207 -4.83 -22.10 -31.29
C THR C 207 -4.23 -23.14 -32.23
N LEU C 208 -3.32 -23.94 -31.69
CA LEU C 208 -2.72 -25.07 -32.40
C LEU C 208 -3.61 -26.28 -32.13
N SER C 209 -4.49 -26.59 -33.08
CA SER C 209 -5.48 -27.63 -32.89
C SER C 209 -4.86 -28.99 -33.13
N ILE C 210 -5.14 -29.94 -32.23
CA ILE C 210 -4.54 -31.27 -32.25
C ILE C 210 -5.64 -32.31 -32.25
N SER C 211 -5.49 -33.32 -33.10
CA SER C 211 -6.41 -34.45 -33.22
C SER C 211 -5.70 -35.72 -32.76
N SER C 212 -6.42 -36.84 -32.82
CA SER C 212 -5.96 -38.10 -32.25
C SER C 212 -5.83 -39.17 -33.32
N ALA C 213 -4.92 -40.11 -33.08
CA ALA C 213 -4.77 -41.32 -33.86
C ALA C 213 -4.70 -42.50 -32.91
N THR C 214 -5.27 -43.62 -33.33
CA THR C 214 -5.24 -44.82 -32.49
C THR C 214 -3.86 -45.47 -32.53
N GLN C 215 -3.69 -46.48 -31.67
CA GLN C 215 -2.40 -47.15 -31.58
C GLN C 215 -1.99 -47.75 -32.91
N PHE C 216 -2.95 -48.32 -33.65
CA PHE C 216 -2.68 -48.93 -34.94
C PHE C 216 -2.68 -47.93 -36.08
N GLY C 217 -2.85 -46.63 -35.81
CA GLY C 217 -2.80 -45.63 -36.86
C GLY C 217 -4.12 -45.43 -37.56
N ASN C 218 -5.22 -45.51 -36.82
CA ASN C 218 -6.56 -45.37 -37.38
C ASN C 218 -7.21 -44.10 -36.84
N VAL C 219 -8.27 -43.68 -37.51
CA VAL C 219 -9.04 -42.51 -37.05
C VAL C 219 -9.92 -42.97 -35.90
N PRO C 220 -9.74 -42.47 -34.68
CA PRO C 220 -10.54 -42.97 -33.56
C PRO C 220 -12.02 -42.66 -33.74
N TRP C 221 -12.84 -43.41 -33.00
CA TRP C 221 -14.29 -43.29 -33.15
C TRP C 221 -14.79 -41.91 -32.75
N TYR C 222 -14.11 -41.24 -31.81
CA TYR C 222 -14.51 -39.93 -31.35
C TYR C 222 -13.95 -38.79 -32.19
N SER C 223 -13.10 -39.09 -33.16
CA SER C 223 -12.38 -38.04 -33.90
C SER C 223 -13.33 -37.21 -34.76
N GLU C 224 -13.13 -35.91 -34.73
CA GLU C 224 -13.84 -34.95 -35.58
C GLU C 224 -12.91 -34.50 -36.69
N ALA C 225 -13.44 -34.46 -37.92
CA ALA C 225 -12.67 -34.02 -39.08
C ALA C 225 -13.03 -32.57 -39.41
N CYS C 226 -12.01 -31.77 -39.68
CA CYS C 226 -12.19 -30.40 -40.11
C CYS C 226 -10.86 -29.91 -40.68
N SER C 227 -10.93 -28.79 -41.40
CA SER C 227 -9.76 -28.24 -42.05
C SER C 227 -8.90 -27.36 -41.13
N SER C 228 -9.36 -27.08 -39.92
CA SER C 228 -8.60 -26.23 -39.01
C SER C 228 -7.60 -26.99 -38.17
N THR C 229 -7.70 -28.32 -38.09
CA THR C 229 -6.75 -29.10 -37.32
C THR C 229 -5.37 -29.00 -37.96
N LEU C 230 -4.34 -28.93 -37.11
CA LEU C 230 -2.96 -28.78 -37.57
C LEU C 230 -2.17 -30.08 -37.53
N ALA C 231 -2.15 -30.78 -36.40
CA ALA C 231 -1.36 -31.99 -36.26
C ALA C 231 -2.09 -32.98 -35.36
N THR C 232 -1.44 -34.12 -35.12
CA THR C 232 -2.05 -35.24 -34.42
C THR C 232 -1.04 -35.89 -33.51
N THR C 233 -1.51 -36.32 -32.34
CA THR C 233 -0.75 -37.21 -31.46
C THR C 233 -1.60 -38.44 -31.15
N TYR C 234 -0.95 -39.47 -30.64
CA TYR C 234 -1.66 -40.71 -30.34
C TYR C 234 -2.62 -40.50 -29.16
N SER C 235 -3.62 -41.38 -29.11
CA SER C 235 -4.57 -41.39 -28.00
C SER C 235 -5.25 -42.76 -27.99
N SER C 236 -6.42 -42.83 -27.38
CA SER C 236 -7.13 -44.09 -27.23
C SER C 236 -7.82 -44.46 -28.55
N GLY C 237 -8.17 -45.74 -28.66
CA GLY C 237 -8.89 -46.21 -29.82
C GLY C 237 -9.97 -47.20 -29.44
N ASN C 238 -9.97 -48.38 -30.04
CA ASN C 238 -10.97 -49.39 -29.72
C ASN C 238 -10.48 -50.26 -28.55
N GLN C 239 -11.27 -51.28 -28.22
CA GLN C 239 -11.01 -52.08 -27.03
C GLN C 239 -9.77 -52.95 -27.16
N ASN C 240 -9.26 -53.14 -28.37
CA ASN C 240 -8.02 -53.90 -28.57
C ASN C 240 -6.78 -53.02 -28.60
N GLU C 241 -6.92 -51.71 -28.47
CA GLU C 241 -5.82 -50.76 -28.56
C GLU C 241 -5.50 -50.17 -27.19
N LYS C 242 -4.21 -49.95 -26.95
CA LYS C 242 -3.78 -49.40 -25.68
C LYS C 242 -4.13 -47.91 -25.59
N GLN C 243 -4.13 -47.39 -24.36
CA GLN C 243 -4.54 -46.02 -24.10
C GLN C 243 -3.40 -45.24 -23.41
N ILE C 244 -3.72 -44.04 -22.95
CA ILE C 244 -2.73 -43.11 -22.42
C ILE C 244 -2.56 -43.34 -20.92
N VAL C 245 -1.31 -43.51 -20.49
CA VAL C 245 -0.95 -43.74 -19.09
C VAL C 245 -0.44 -42.44 -18.48
N THR C 246 -1.06 -41.98 -17.41
CA THR C 246 -0.72 -40.71 -16.80
C THR C 246 -1.05 -40.76 -15.31
N THR C 247 -0.90 -39.61 -14.65
CA THR C 247 -1.23 -39.48 -13.23
C THR C 247 -2.74 -39.36 -13.05
N ASP C 248 -3.26 -39.98 -11.99
CA ASP C 248 -4.69 -39.95 -11.72
C ASP C 248 -4.96 -39.33 -10.36
N LEU C 249 -6.23 -38.99 -10.15
CA LEU C 249 -6.68 -38.35 -8.92
C LEU C 249 -6.50 -39.27 -7.71
N ARG C 250 -6.34 -38.66 -6.54
CA ARG C 250 -6.09 -39.38 -5.28
C ARG C 250 -4.75 -40.13 -5.36
N GLN C 251 -3.76 -39.44 -5.91
CA GLN C 251 -2.37 -39.89 -5.97
C GLN C 251 -2.22 -41.28 -6.57
N LYS C 252 -3.09 -41.63 -7.52
CA LYS C 252 -2.99 -42.91 -8.20
C LYS C 252 -2.54 -42.70 -9.65
N CYS C 253 -2.33 -43.82 -10.34
CA CYS C 253 -1.89 -43.86 -11.72
C CYS C 253 -2.97 -44.56 -12.55
N THR C 254 -3.17 -44.09 -13.78
CA THR C 254 -4.19 -44.65 -14.66
C THR C 254 -3.56 -45.00 -15.99
N GLU C 255 -4.09 -46.07 -16.60
CA GLU C 255 -3.66 -46.52 -17.92
C GLU C 255 -4.77 -46.42 -18.95
N SER C 256 -5.84 -45.69 -18.66
CA SER C 256 -7.01 -45.63 -19.50
C SER C 256 -7.47 -44.18 -19.69
N HIS C 257 -6.53 -43.27 -19.90
CA HIS C 257 -6.87 -41.91 -20.29
C HIS C 257 -7.13 -41.89 -21.78
N THR C 258 -8.28 -41.35 -22.17
CA THR C 258 -8.79 -41.53 -23.53
C THR C 258 -9.12 -40.18 -24.17
N GLY C 259 -9.56 -40.25 -25.42
CA GLY C 259 -10.11 -39.11 -26.11
C GLY C 259 -9.08 -38.13 -26.60
N THR C 260 -9.60 -37.11 -27.28
CA THR C 260 -8.75 -36.06 -27.86
C THR C 260 -8.18 -35.14 -26.79
N SER C 261 -8.73 -35.18 -25.57
CA SER C 261 -8.14 -34.44 -24.45
C SER C 261 -6.80 -35.03 -24.03
N ALA C 262 -6.52 -36.27 -24.38
CA ALA C 262 -5.23 -36.88 -24.10
C ALA C 262 -4.20 -36.59 -25.18
N SER C 263 -4.62 -35.96 -26.28
CA SER C 263 -3.72 -35.63 -27.36
C SER C 263 -3.13 -34.23 -27.24
N ALA C 264 -3.95 -33.24 -26.87
CA ALA C 264 -3.45 -31.87 -26.77
C ALA C 264 -2.32 -31.75 -25.75
N PRO C 265 -2.44 -32.30 -24.53
CA PRO C 265 -1.31 -32.18 -23.58
C PRO C 265 -0.04 -32.84 -24.07
N LEU C 266 -0.14 -33.97 -24.79
CA LEU C 266 1.06 -34.57 -25.37
C LEU C 266 1.72 -33.61 -26.34
N ALA C 267 0.92 -32.90 -27.14
CA ALA C 267 1.48 -31.90 -28.05
C ALA C 267 2.11 -30.75 -27.27
N ALA C 268 1.45 -30.32 -26.20
CA ALA C 268 2.00 -29.22 -25.40
C ALA C 268 3.36 -29.59 -24.81
N GLY C 269 3.52 -30.85 -24.40
CA GLY C 269 4.82 -31.30 -23.93
C GLY C 269 5.86 -31.30 -25.03
N ILE C 270 5.47 -31.76 -26.22
CA ILE C 270 6.40 -31.76 -27.36
C ILE C 270 6.78 -30.33 -27.72
N ILE C 271 5.83 -29.41 -27.64
CA ILE C 271 6.13 -28.00 -27.89
C ILE C 271 7.05 -27.47 -26.80
N ALA C 272 6.87 -27.92 -25.56
CA ALA C 272 7.77 -27.53 -24.49
C ALA C 272 9.19 -27.98 -24.79
N LEU C 273 9.35 -29.17 -25.37
CA LEU C 273 10.66 -29.61 -25.82
C LEU C 273 11.19 -28.70 -26.92
N THR C 274 10.30 -28.29 -27.83
CA THR C 274 10.72 -27.42 -28.92
C THR C 274 11.09 -26.03 -28.40
N LEU C 275 10.33 -25.51 -27.44
CA LEU C 275 10.64 -24.19 -26.90
C LEU C 275 11.98 -24.19 -26.18
N GLU C 276 12.35 -25.30 -25.55
CA GLU C 276 13.66 -25.38 -24.91
C GLU C 276 14.77 -25.35 -25.96
N ALA C 277 14.53 -25.98 -27.10
CA ALA C 277 15.53 -25.97 -28.16
C ALA C 277 15.68 -24.61 -28.80
N ASN C 278 14.66 -23.76 -28.70
CA ASN C 278 14.74 -22.40 -29.25
C ASN C 278 13.65 -21.58 -28.56
N LYS C 279 14.05 -20.80 -27.55
CA LYS C 279 13.07 -20.04 -26.78
C LYS C 279 12.63 -18.77 -27.50
N ASN C 280 13.30 -18.41 -28.60
CA ASN C 280 12.93 -17.23 -29.38
C ASN C 280 11.83 -17.51 -30.39
N LEU C 281 11.33 -18.75 -30.43
CA LEU C 281 10.28 -19.10 -31.37
C LEU C 281 9.01 -18.32 -31.04
N THR C 282 8.40 -17.74 -32.06
CA THR C 282 7.13 -17.05 -31.91
C THR C 282 5.98 -18.05 -32.00
N TRP C 283 4.77 -17.58 -31.70
CA TRP C 283 3.62 -18.47 -31.76
C TRP C 283 3.34 -18.94 -33.18
N ARG C 284 3.67 -18.11 -34.18
CA ARG C 284 3.56 -18.55 -35.57
C ARG C 284 4.72 -19.46 -35.96
N ASP C 285 5.93 -19.18 -35.46
CA ASP C 285 7.05 -20.06 -35.70
C ASP C 285 6.70 -21.49 -35.33
N MET C 286 6.08 -21.67 -34.15
CA MET C 286 5.77 -23.02 -33.68
C MET C 286 4.83 -23.74 -34.63
N GLN C 287 3.85 -23.01 -35.19
CA GLN C 287 2.94 -23.64 -36.13
C GLN C 287 3.65 -23.99 -37.43
N HIS C 288 4.56 -23.13 -37.89
CA HIS C 288 5.36 -23.47 -39.06
C HIS C 288 6.17 -24.73 -38.82
N LEU C 289 6.76 -24.87 -37.62
CA LEU C 289 7.54 -26.06 -37.31
C LEU C 289 6.67 -27.31 -37.31
N VAL C 290 5.46 -27.23 -36.74
CA VAL C 290 4.58 -28.39 -36.72
C VAL C 290 4.23 -28.82 -38.14
N VAL C 291 3.90 -27.85 -39.00
CA VAL C 291 3.54 -28.16 -40.38
C VAL C 291 4.68 -28.88 -41.08
N GLN C 292 5.92 -28.40 -40.90
CA GLN C 292 7.03 -28.95 -41.65
C GLN C 292 7.48 -30.32 -41.12
N THR C 293 7.33 -30.57 -39.83
CA THR C 293 7.87 -31.78 -39.23
C THR C 293 6.86 -32.89 -38.98
N SER C 294 5.56 -32.60 -39.10
CA SER C 294 4.56 -33.60 -38.78
C SER C 294 4.57 -34.73 -39.81
N LYS C 295 4.45 -35.97 -39.31
CA LYS C 295 4.65 -37.15 -40.14
C LYS C 295 3.32 -37.85 -40.45
N PRO C 296 2.91 -37.92 -41.73
CA PRO C 296 1.71 -38.69 -42.08
C PRO C 296 1.90 -40.19 -42.12
N ALA C 297 3.14 -40.68 -42.10
CA ALA C 297 3.40 -42.10 -42.30
C ALA C 297 2.62 -42.97 -41.30
N HIS C 298 2.03 -44.05 -41.81
CA HIS C 298 1.38 -45.06 -41.00
C HIS C 298 0.13 -44.56 -40.29
N LEU C 299 -0.46 -43.47 -40.78
CA LEU C 299 -1.75 -42.97 -40.32
C LEU C 299 -2.78 -43.25 -41.40
N ASN C 300 -3.76 -44.10 -41.07
CA ASN C 300 -4.74 -44.54 -42.05
C ASN C 300 -5.86 -43.50 -42.15
N ALA C 301 -6.04 -42.95 -43.34
CA ALA C 301 -7.15 -42.04 -43.62
C ALA C 301 -7.48 -42.12 -45.09
N ASN C 302 -8.76 -41.96 -45.41
CA ASN C 302 -9.21 -42.05 -46.79
C ASN C 302 -9.16 -40.73 -47.55
N ASP C 303 -8.70 -39.64 -46.91
CA ASP C 303 -8.70 -38.33 -47.53
C ASP C 303 -7.33 -37.67 -47.54
N TRP C 304 -6.25 -38.44 -47.46
CA TRP C 304 -4.92 -37.85 -47.59
C TRP C 304 -4.78 -37.20 -48.96
N ALA C 305 -4.48 -35.91 -48.97
CA ALA C 305 -4.39 -35.13 -50.20
C ALA C 305 -3.14 -34.25 -50.19
N THR C 306 -2.49 -34.15 -51.34
CA THR C 306 -1.29 -33.34 -51.50
C THR C 306 -1.65 -31.92 -51.90
N ASN C 307 -1.09 -30.94 -51.19
CA ASN C 307 -1.42 -29.54 -51.41
C ASN C 307 -0.44 -28.92 -52.42
N GLY C 308 -0.53 -27.60 -52.60
CA GLY C 308 0.27 -26.93 -53.61
C GLY C 308 1.76 -26.94 -53.36
N VAL C 309 2.17 -27.14 -52.10
CA VAL C 309 3.58 -27.21 -51.77
C VAL C 309 4.04 -28.64 -51.54
N GLY C 310 3.22 -29.61 -51.92
CA GLY C 310 3.61 -31.00 -51.88
C GLY C 310 3.54 -31.68 -50.53
N ARG C 311 2.81 -31.12 -49.58
CA ARG C 311 2.69 -31.70 -48.25
C ARG C 311 1.39 -32.50 -48.15
N LYS C 312 1.50 -33.74 -47.69
CA LYS C 312 0.32 -34.54 -47.41
C LYS C 312 -0.46 -33.90 -46.27
N VAL C 313 -1.78 -33.86 -46.42
CA VAL C 313 -2.64 -33.26 -45.40
C VAL C 313 -3.97 -33.99 -45.38
N SER C 314 -4.49 -34.22 -44.17
CA SER C 314 -5.74 -34.93 -43.95
C SER C 314 -6.64 -34.09 -43.05
N HIS C 315 -7.95 -34.29 -43.20
CA HIS C 315 -8.90 -33.59 -42.33
C HIS C 315 -9.03 -34.26 -40.96
N SER C 316 -8.57 -35.50 -40.83
CA SER C 316 -8.55 -36.16 -39.53
C SER C 316 -7.22 -35.99 -38.81
N TYR C 317 -6.14 -35.78 -39.56
CA TYR C 317 -4.80 -35.81 -39.00
C TYR C 317 -4.01 -34.52 -39.21
N GLY C 318 -4.53 -33.57 -39.96
CA GLY C 318 -3.72 -32.42 -40.31
C GLY C 318 -2.54 -32.86 -41.15
N TYR C 319 -1.36 -32.33 -40.83
CA TYR C 319 -0.15 -32.67 -41.56
C TYR C 319 0.50 -33.95 -41.05
N GLY C 320 -0.10 -34.63 -40.08
CA GLY C 320 0.37 -35.93 -39.63
C GLY C 320 0.70 -35.93 -38.15
N LEU C 321 1.43 -36.98 -37.75
CA LEU C 321 1.78 -37.19 -36.35
C LEU C 321 2.90 -36.24 -35.92
N LEU C 322 2.82 -35.74 -34.70
CA LEU C 322 3.91 -34.91 -34.18
C LEU C 322 5.18 -35.74 -34.02
N ASP C 323 6.30 -35.15 -34.43
CA ASP C 323 7.61 -35.78 -34.38
C ASP C 323 8.53 -34.92 -33.51
N ALA C 324 8.68 -35.31 -32.25
CA ALA C 324 9.44 -34.49 -31.30
C ALA C 324 10.90 -34.36 -31.73
N GLY C 325 11.50 -35.44 -32.22
CA GLY C 325 12.87 -35.36 -32.67
C GLY C 325 13.06 -34.37 -33.80
N ALA C 326 12.14 -34.37 -34.76
CA ALA C 326 12.23 -33.43 -35.87
C ALA C 326 11.91 -32.00 -35.45
N MET C 327 10.99 -31.85 -34.48
CA MET C 327 10.64 -30.51 -34.02
C MET C 327 11.82 -29.81 -33.39
N VAL C 328 12.47 -30.46 -32.42
CA VAL C 328 13.59 -29.82 -31.74
C VAL C 328 14.77 -29.66 -32.69
N ALA C 329 14.94 -30.58 -33.63
CA ALA C 329 16.06 -30.49 -34.57
C ALA C 329 15.91 -29.28 -35.48
N LEU C 330 14.70 -29.03 -35.98
CA LEU C 330 14.47 -27.92 -36.88
C LEU C 330 14.42 -26.59 -36.13
N ALA C 331 14.06 -26.63 -34.85
CA ALA C 331 13.96 -25.40 -34.06
C ALA C 331 15.32 -24.77 -33.79
N GLN C 332 16.37 -25.58 -33.64
CA GLN C 332 17.66 -25.07 -33.19
C GLN C 332 18.19 -23.98 -34.13
N ASN C 333 18.08 -24.18 -35.44
CA ASN C 333 18.58 -23.22 -36.41
C ASN C 333 17.46 -22.47 -37.13
N TRP C 334 16.23 -22.55 -36.62
CA TRP C 334 15.09 -21.91 -37.27
C TRP C 334 15.25 -20.39 -37.26
N THR C 335 14.94 -19.78 -38.40
CA THR C 335 14.91 -18.32 -38.54
C THR C 335 13.47 -17.83 -38.35
N THR C 336 13.29 -16.87 -37.45
CA THR C 336 11.96 -16.35 -37.15
C THR C 336 11.29 -15.85 -38.43
N VAL C 337 10.00 -16.19 -38.57
CA VAL C 337 9.26 -15.79 -39.77
C VAL C 337 8.96 -14.30 -39.71
N ALA C 338 8.61 -13.74 -40.87
CA ALA C 338 8.36 -12.31 -40.99
C ALA C 338 7.05 -11.93 -40.33
N PRO C 339 6.88 -10.64 -40.00
CA PRO C 339 5.63 -10.19 -39.37
C PRO C 339 4.40 -10.65 -40.13
N GLN C 340 3.37 -11.03 -39.38
CA GLN C 340 2.14 -11.54 -39.98
C GLN C 340 1.43 -10.47 -40.80
N ARG C 341 0.90 -10.88 -41.95
CA ARG C 341 0.10 -10.02 -42.81
C ARG C 341 -1.31 -10.59 -42.95
N LYS C 342 -2.28 -9.69 -43.08
CA LYS C 342 -3.70 -10.05 -43.15
C LYS C 342 -4.33 -9.34 -44.34
N CYS C 343 -4.70 -10.11 -45.37
CA CYS C 343 -5.31 -9.57 -46.57
C CYS C 343 -6.80 -9.92 -46.55
N ILE C 344 -7.65 -8.90 -46.57
CA ILE C 344 -9.10 -9.05 -46.48
C ILE C 344 -9.70 -8.81 -47.86
N ILE C 345 -10.49 -9.77 -48.35
CA ILE C 345 -11.07 -9.70 -49.69
C ILE C 345 -12.57 -9.94 -49.58
N ASP C 346 -13.36 -8.90 -49.84
CA ASP C 346 -14.80 -9.08 -49.98
C ASP C 346 -15.08 -9.67 -51.36
N ILE C 347 -15.74 -10.81 -51.41
CA ILE C 347 -15.93 -11.56 -52.64
C ILE C 347 -17.28 -11.25 -53.29
N LEU C 348 -18.35 -11.27 -52.51
CA LEU C 348 -19.69 -11.16 -53.08
C LEU C 348 -20.00 -9.72 -53.46
N THR C 349 -20.50 -9.55 -54.69
CA THR C 349 -21.03 -8.27 -55.12
C THR C 349 -22.55 -8.19 -54.91
N GLU C 350 -23.21 -9.33 -54.73
CA GLU C 350 -24.63 -9.39 -54.45
C GLU C 350 -24.93 -10.72 -53.79
N PRO C 351 -26.00 -10.81 -52.98
CA PRO C 351 -26.34 -12.10 -52.37
C PRO C 351 -26.65 -13.16 -53.41
N LYS C 352 -26.28 -14.40 -53.07
CA LYS C 352 -26.43 -15.55 -53.95
C LYS C 352 -27.41 -16.55 -53.37
N ASP C 353 -28.28 -17.09 -54.20
CA ASP C 353 -29.20 -18.15 -53.79
C ASP C 353 -28.46 -19.48 -53.71
N ILE C 354 -28.62 -20.18 -52.58
CA ILE C 354 -27.90 -21.44 -52.38
C ILE C 354 -28.59 -22.58 -53.12
N GLY C 355 -29.84 -22.88 -52.75
CA GLY C 355 -30.56 -23.97 -53.41
C GLY C 355 -29.84 -25.30 -53.26
N LYS C 356 -29.67 -25.98 -54.39
CA LYS C 356 -29.02 -27.30 -54.39
C LYS C 356 -27.51 -27.19 -54.37
N ARG C 357 -26.95 -26.24 -55.11
CA ARG C 357 -25.51 -26.13 -55.21
C ARG C 357 -25.16 -24.72 -55.65
N LEU C 358 -24.14 -24.15 -55.02
CA LEU C 358 -23.67 -22.81 -55.31
C LEU C 358 -22.15 -22.85 -55.42
N GLU C 359 -21.62 -22.23 -56.47
CA GLU C 359 -20.18 -22.16 -56.70
C GLU C 359 -19.81 -20.71 -56.94
N VAL C 360 -18.88 -20.20 -56.13
CA VAL C 360 -18.44 -18.80 -56.20
C VAL C 360 -16.97 -18.79 -56.57
N ARG C 361 -16.64 -18.22 -57.72
CA ARG C 361 -15.29 -18.12 -58.21
C ARG C 361 -14.82 -16.68 -58.14
N LYS C 362 -13.58 -16.47 -57.70
CA LYS C 362 -13.00 -15.14 -57.62
C LYS C 362 -11.49 -15.24 -57.78
N THR C 363 -10.95 -14.46 -58.72
CA THR C 363 -9.51 -14.38 -58.92
C THR C 363 -9.00 -13.22 -58.06
N VAL C 364 -8.06 -13.52 -57.16
CA VAL C 364 -7.56 -12.52 -56.23
C VAL C 364 -6.08 -12.30 -56.51
N THR C 365 -5.61 -11.09 -56.19
CA THR C 365 -4.21 -10.74 -56.28
C THR C 365 -3.50 -10.81 -54.94
N ALA C 366 -4.23 -11.13 -53.87
CA ALA C 366 -3.67 -11.24 -52.53
C ALA C 366 -2.97 -9.95 -52.12
N CYS C 367 -3.68 -8.84 -52.26
CA CYS C 367 -3.19 -7.53 -51.82
C CYS C 367 -1.88 -7.15 -52.53
N LEU C 368 -1.80 -7.46 -53.82
CA LEU C 368 -0.62 -7.11 -54.61
C LEU C 368 -0.40 -5.61 -54.61
N GLY C 369 0.85 -5.19 -54.40
CA GLY C 369 1.18 -3.79 -54.40
C GLY C 369 0.93 -3.07 -53.10
N GLU C 370 0.43 -3.77 -52.09
CA GLU C 370 0.07 -3.21 -50.79
C GLU C 370 0.94 -3.77 -49.69
N PRO C 371 0.93 -3.16 -48.51
CA PRO C 371 1.75 -3.70 -47.40
C PRO C 371 1.31 -5.06 -46.91
N ASN C 372 0.09 -5.49 -47.20
CA ASN C 372 -0.39 -6.80 -46.81
C ASN C 372 -0.34 -7.82 -47.94
N HIS C 373 0.47 -7.55 -48.97
CA HIS C 373 0.69 -8.52 -50.03
C HIS C 373 1.20 -9.84 -49.45
N ILE C 374 0.54 -10.94 -49.80
CA ILE C 374 0.88 -12.26 -49.31
C ILE C 374 1.26 -13.13 -50.50
N THR C 375 2.46 -13.70 -50.45
CA THR C 375 2.88 -14.72 -51.41
C THR C 375 3.07 -16.08 -50.76
N ARG C 376 3.27 -16.13 -49.45
CA ARG C 376 3.38 -17.37 -48.68
C ARG C 376 2.23 -17.39 -47.68
N LEU C 377 1.25 -18.24 -47.92
CA LEU C 377 0.05 -18.30 -47.09
C LEU C 377 0.30 -19.08 -45.81
N GLU C 378 -0.40 -18.69 -44.74
CA GLU C 378 -0.41 -19.43 -43.50
C GLU C 378 -1.81 -19.99 -43.33
N HIS C 379 -2.64 -19.40 -42.47
CA HIS C 379 -4.03 -19.80 -42.38
C HIS C 379 -4.84 -19.10 -43.46
N ALA C 380 -5.89 -19.77 -43.93
CA ALA C 380 -6.87 -19.18 -44.83
C ALA C 380 -8.24 -19.28 -44.19
N GLN C 381 -9.02 -18.22 -44.29
CA GLN C 381 -10.32 -18.13 -43.66
C GLN C 381 -11.38 -17.80 -44.71
N ALA C 382 -12.55 -18.40 -44.53
CA ALA C 382 -13.75 -18.07 -45.31
C ALA C 382 -14.81 -17.63 -44.31
N ARG C 383 -14.97 -16.32 -44.16
CA ARG C 383 -15.98 -15.76 -43.26
C ARG C 383 -17.32 -15.71 -43.98
N LEU C 384 -18.23 -16.60 -43.60
CA LEU C 384 -19.49 -16.77 -44.30
C LEU C 384 -20.66 -16.33 -43.43
N THR C 385 -21.56 -15.56 -44.02
CA THR C 385 -22.86 -15.25 -43.43
C THR C 385 -23.92 -15.77 -44.39
N LEU C 386 -24.60 -16.85 -44.00
CA LEU C 386 -25.60 -17.45 -44.87
C LEU C 386 -26.80 -17.88 -44.03
N SER C 387 -27.95 -17.95 -44.68
CA SER C 387 -29.16 -18.49 -44.10
C SER C 387 -29.46 -19.84 -44.75
N TYR C 388 -30.09 -20.72 -43.98
CA TYR C 388 -30.49 -22.02 -44.51
C TYR C 388 -31.58 -22.58 -43.62
N ASN C 389 -32.36 -23.50 -44.19
CA ASN C 389 -33.45 -24.11 -43.44
C ASN C 389 -33.00 -25.34 -42.65
N ARG C 390 -31.90 -25.98 -43.04
CA ARG C 390 -31.40 -27.13 -42.28
C ARG C 390 -29.87 -27.10 -42.38
N ARG C 391 -29.24 -26.48 -41.38
CA ARG C 391 -27.80 -26.22 -41.44
C ARG C 391 -27.01 -27.50 -41.66
N GLY C 392 -27.42 -28.61 -41.04
CA GLY C 392 -26.64 -29.84 -41.12
C GLY C 392 -26.54 -30.44 -42.50
N ASP C 393 -27.46 -30.07 -43.41
CA ASP C 393 -27.42 -30.62 -44.76
C ASP C 393 -26.38 -29.95 -45.65
N LEU C 394 -25.84 -28.80 -45.25
CA LEU C 394 -24.86 -28.10 -46.05
C LEU C 394 -23.49 -28.78 -45.96
N ALA C 395 -22.79 -28.82 -47.08
CA ALA C 395 -21.37 -29.15 -47.12
C ALA C 395 -20.66 -28.03 -47.87
N ILE C 396 -19.62 -27.48 -47.26
CA ILE C 396 -18.94 -26.30 -47.78
C ILE C 396 -17.48 -26.66 -48.04
N HIS C 397 -17.01 -26.33 -49.24
CA HIS C 397 -15.63 -26.58 -49.65
C HIS C 397 -14.99 -25.31 -50.18
N LEU C 398 -13.67 -25.22 -50.02
CA LEU C 398 -12.88 -24.10 -50.50
C LEU C 398 -11.66 -24.65 -51.22
N VAL C 399 -11.46 -24.24 -52.47
CA VAL C 399 -10.36 -24.70 -53.30
C VAL C 399 -9.43 -23.52 -53.54
N SER C 400 -8.15 -23.69 -53.21
CA SER C 400 -7.16 -22.66 -53.44
C SER C 400 -6.73 -22.66 -54.90
N PRO C 401 -6.16 -21.55 -55.37
CA PRO C 401 -5.70 -21.51 -56.77
C PRO C 401 -4.78 -22.66 -57.12
N MET C 402 -4.00 -23.15 -56.16
CA MET C 402 -3.10 -24.26 -56.40
C MET C 402 -3.84 -25.59 -56.53
N GLY C 403 -5.15 -25.61 -56.29
CA GLY C 403 -5.96 -26.80 -56.43
C GLY C 403 -6.22 -27.55 -55.15
N THR C 404 -5.86 -26.99 -54.00
CA THR C 404 -6.04 -27.67 -52.72
C THR C 404 -7.50 -27.55 -52.27
N ARG C 405 -8.18 -28.69 -52.18
CA ARG C 405 -9.60 -28.71 -51.84
C ARG C 405 -9.74 -28.89 -50.33
N SER C 406 -10.18 -27.84 -49.64
CA SER C 406 -10.39 -27.87 -48.21
C SER C 406 -11.87 -27.99 -47.89
N THR C 407 -12.22 -28.93 -47.02
CA THR C 407 -13.59 -29.10 -46.55
C THR C 407 -13.78 -28.24 -45.31
N LEU C 408 -14.47 -27.11 -45.48
CA LEU C 408 -14.75 -26.23 -44.36
C LEU C 408 -15.86 -26.77 -43.47
N LEU C 409 -16.84 -27.43 -44.07
CA LEU C 409 -17.98 -27.96 -43.32
C LEU C 409 -18.46 -29.24 -43.97
N ALA C 410 -18.61 -30.29 -43.17
CA ALA C 410 -19.20 -31.54 -43.61
C ALA C 410 -20.63 -31.65 -43.12
N ALA C 411 -21.40 -32.51 -43.78
CA ALA C 411 -22.78 -32.74 -43.39
C ALA C 411 -22.86 -33.16 -41.93
N ARG C 412 -23.73 -32.50 -41.17
CA ARG C 412 -23.94 -32.82 -39.76
C ARG C 412 -25.38 -33.30 -39.58
N PRO C 413 -25.62 -34.62 -39.56
CA PRO C 413 -27.01 -35.10 -39.59
C PRO C 413 -27.87 -34.67 -38.42
N HIS C 414 -27.30 -34.32 -37.28
CA HIS C 414 -28.08 -33.91 -36.12
C HIS C 414 -28.30 -32.40 -36.06
N ASP C 415 -27.73 -31.64 -36.98
CA ASP C 415 -27.81 -30.17 -36.97
C ASP C 415 -29.04 -29.77 -37.79
N TYR C 416 -30.18 -29.64 -37.11
CA TYR C 416 -31.43 -29.26 -37.74
C TYR C 416 -31.70 -27.76 -37.63
N SER C 417 -30.68 -26.96 -37.34
CA SER C 417 -30.88 -25.53 -37.13
C SER C 417 -31.17 -24.81 -38.43
N ALA C 418 -31.94 -23.72 -38.33
CA ALA C 418 -32.22 -22.83 -39.44
C ALA C 418 -31.55 -21.46 -39.25
N ASP C 419 -30.68 -21.33 -38.26
CA ASP C 419 -29.98 -20.08 -37.98
C ASP C 419 -28.83 -19.81 -38.94
N GLY C 420 -28.41 -20.80 -39.70
CA GLY C 420 -27.33 -20.59 -40.64
C GLY C 420 -26.05 -20.21 -39.93
N PHE C 421 -25.27 -19.33 -40.56
CA PHE C 421 -24.02 -18.83 -40.02
C PHE C 421 -24.00 -17.31 -40.14
N ASN C 422 -23.49 -16.64 -39.12
CA ASN C 422 -23.38 -15.19 -39.09
C ASN C 422 -21.90 -14.82 -38.98
N ASP C 423 -21.29 -14.47 -40.10
CA ASP C 423 -19.89 -14.08 -40.16
C ASP C 423 -19.00 -15.10 -39.44
N TRP C 424 -19.27 -16.38 -39.68
CA TRP C 424 -18.48 -17.44 -39.08
C TRP C 424 -17.25 -17.70 -39.92
N ALA C 425 -16.08 -17.72 -39.28
CA ALA C 425 -14.80 -17.78 -39.98
C ALA C 425 -14.33 -19.23 -40.06
N PHE C 426 -14.80 -19.94 -41.09
CA PHE C 426 -14.27 -21.27 -41.37
C PHE C 426 -12.81 -21.15 -41.76
N MET C 427 -11.94 -21.86 -41.04
CA MET C 427 -10.49 -21.77 -41.24
C MET C 427 -9.95 -23.07 -41.79
N THR C 428 -8.91 -22.95 -42.62
CA THR C 428 -8.20 -24.10 -43.17
C THR C 428 -6.71 -23.88 -43.07
N THR C 429 -5.98 -24.94 -42.73
CA THR C 429 -4.52 -24.93 -42.69
C THR C 429 -3.91 -25.73 -43.83
N HIS C 430 -4.72 -26.19 -44.79
CA HIS C 430 -4.24 -27.10 -45.81
C HIS C 430 -3.51 -26.39 -46.94
N SER C 431 -3.65 -25.08 -47.05
CA SER C 431 -2.95 -24.30 -48.06
C SER C 431 -1.72 -23.61 -47.50
N TRP C 432 -1.19 -24.11 -46.38
CA TRP C 432 -0.01 -23.52 -45.75
C TRP C 432 1.15 -23.46 -46.73
N ASP C 433 1.78 -22.28 -46.81
CA ASP C 433 2.92 -22.00 -47.67
C ASP C 433 2.56 -21.94 -49.15
N GLU C 434 1.28 -21.95 -49.49
CA GLU C 434 0.87 -21.83 -50.88
C GLU C 434 0.88 -20.36 -51.32
N ASP C 435 0.87 -20.16 -52.63
CA ASP C 435 0.68 -18.82 -53.19
C ASP C 435 -0.82 -18.56 -53.24
N PRO C 436 -1.34 -17.60 -52.48
CA PRO C 436 -2.80 -17.37 -52.49
C PRO C 436 -3.29 -16.66 -53.74
N SER C 437 -2.39 -16.21 -54.61
CA SER C 437 -2.79 -15.48 -55.80
C SER C 437 -3.41 -16.43 -56.83
N GLY C 438 -4.56 -16.04 -57.38
CA GLY C 438 -5.24 -16.79 -58.40
C GLY C 438 -6.72 -16.90 -58.10
N GLU C 439 -7.34 -17.89 -58.72
CA GLU C 439 -8.78 -18.10 -58.60
C GLU C 439 -9.07 -18.98 -57.39
N TRP C 440 -9.84 -18.45 -56.44
CA TRP C 440 -10.37 -19.21 -55.32
C TRP C 440 -11.81 -19.62 -55.63
N VAL C 441 -12.15 -20.85 -55.24
CA VAL C 441 -13.47 -21.40 -55.49
C VAL C 441 -14.09 -21.81 -54.17
N LEU C 442 -15.29 -21.30 -53.89
CA LEU C 442 -16.08 -21.69 -52.74
C LEU C 442 -17.25 -22.55 -53.24
N GLU C 443 -17.48 -23.67 -52.57
CA GLU C 443 -18.55 -24.59 -52.94
C GLU C 443 -19.47 -24.82 -51.75
N ILE C 444 -20.76 -24.64 -51.98
CA ILE C 444 -21.80 -24.87 -50.98
C ILE C 444 -22.85 -25.77 -51.61
N GLU C 445 -23.02 -26.97 -51.07
CA GLU C 445 -23.93 -27.93 -51.65
C GLU C 445 -24.84 -28.53 -50.58
N ASN C 446 -26.08 -28.81 -51.00
CA ASN C 446 -27.05 -29.50 -50.17
C ASN C 446 -26.85 -31.00 -50.35
N THR C 447 -26.47 -31.68 -49.27
CA THR C 447 -26.16 -33.10 -49.36
C THR C 447 -27.39 -34.00 -49.29
N SER C 448 -28.53 -33.49 -48.86
CA SER C 448 -29.75 -34.29 -48.74
C SER C 448 -30.67 -34.01 -49.93
N GLU C 449 -31.67 -34.88 -50.09
CA GLU C 449 -32.59 -34.80 -51.22
C GLU C 449 -33.79 -33.89 -50.95
N ALA C 450 -33.97 -33.40 -49.73
CA ALA C 450 -35.09 -32.51 -49.46
C ALA C 450 -34.86 -31.16 -50.13
N ASN C 451 -35.95 -30.46 -50.40
CA ASN C 451 -35.87 -29.15 -51.03
C ASN C 451 -35.52 -28.12 -49.97
N ASN C 452 -34.22 -27.92 -49.76
CA ASN C 452 -33.73 -26.94 -48.82
C ASN C 452 -33.45 -25.62 -49.53
N TYR C 453 -33.40 -24.55 -48.75
CA TYR C 453 -33.30 -23.22 -49.32
C TYR C 453 -32.52 -22.31 -48.39
N GLY C 454 -31.87 -21.32 -48.97
CA GLY C 454 -31.08 -20.37 -48.20
C GLY C 454 -30.29 -19.49 -49.14
N THR C 455 -29.69 -18.46 -48.54
CA THR C 455 -28.98 -17.44 -49.30
C THR C 455 -27.63 -17.17 -48.66
N LEU C 456 -26.60 -17.08 -49.49
CA LEU C 456 -25.27 -16.64 -49.07
C LEU C 456 -25.20 -15.13 -49.28
N THR C 457 -25.10 -14.38 -48.18
CA THR C 457 -25.14 -12.92 -48.22
C THR C 457 -23.78 -12.25 -48.02
N LYS C 458 -22.78 -12.96 -47.53
CA LYS C 458 -21.46 -12.38 -47.35
C LYS C 458 -20.40 -13.47 -47.38
N PHE C 459 -19.34 -13.24 -48.14
CA PHE C 459 -18.20 -14.15 -48.23
C PHE C 459 -16.93 -13.31 -48.25
N THR C 460 -16.29 -13.19 -47.10
CA THR C 460 -15.03 -12.49 -46.97
C THR C 460 -13.91 -13.52 -46.88
N LEU C 461 -12.99 -13.49 -47.84
CA LEU C 461 -11.84 -14.39 -47.86
C LEU C 461 -10.67 -13.69 -47.17
N VAL C 462 -10.26 -14.22 -46.01
CA VAL C 462 -9.22 -13.62 -45.19
C VAL C 462 -7.96 -14.46 -45.33
N LEU C 463 -6.89 -13.84 -45.83
CA LEU C 463 -5.62 -14.50 -46.06
C LEU C 463 -4.60 -14.04 -45.03
N TYR C 464 -3.85 -14.99 -44.46
CA TYR C 464 -2.75 -14.71 -43.55
C TYR C 464 -1.46 -15.28 -44.12
N GLY C 465 -0.36 -14.58 -43.88
CA GLY C 465 0.92 -15.10 -44.32
C GLY C 465 1.94 -13.99 -44.46
N THR C 466 2.96 -14.27 -45.28
CA THR C 466 4.09 -13.38 -45.49
C THR C 466 4.34 -13.23 -46.98
N ALA C 467 5.28 -12.34 -47.31
CA ALA C 467 5.66 -12.10 -48.70
C ALA C 467 7.00 -12.75 -49.02
N GLN D 15 -28.82 -19.36 -16.40
CA GLN D 15 -27.98 -19.10 -17.58
C GLN D 15 -27.15 -17.84 -17.35
N PHE D 16 -27.80 -16.69 -17.21
CA PHE D 16 -27.10 -15.44 -16.96
C PHE D 16 -26.75 -15.31 -15.47
N VAL D 17 -25.61 -14.67 -15.19
CA VAL D 17 -25.17 -14.43 -13.82
C VAL D 17 -25.05 -12.93 -13.57
N ASN D 18 -24.75 -12.56 -12.32
CA ASN D 18 -24.65 -11.16 -11.91
C ASN D 18 -23.24 -10.61 -12.12
N GLU D 19 -22.74 -10.75 -13.34
CA GLU D 19 -21.43 -10.22 -13.71
C GLU D 19 -21.55 -9.47 -15.04
N TRP D 20 -20.94 -8.29 -15.10
CA TRP D 20 -20.92 -7.48 -16.30
C TRP D 20 -19.48 -7.13 -16.64
N ALA D 21 -19.09 -7.42 -17.88
CA ALA D 21 -17.78 -7.07 -18.38
C ALA D 21 -17.93 -5.83 -19.27
N ALA D 22 -17.07 -4.84 -19.03
CA ALA D 22 -17.12 -3.58 -19.78
C ALA D 22 -15.72 -3.18 -20.19
N GLU D 23 -15.61 -2.65 -21.41
CA GLU D 23 -14.35 -2.10 -21.91
C GLU D 23 -14.30 -0.63 -21.55
N ILE D 24 -13.31 -0.24 -20.76
CA ILE D 24 -13.22 1.11 -20.23
C ILE D 24 -11.86 1.70 -20.57
N PRO D 25 -11.74 2.51 -21.63
CA PRO D 25 -10.42 3.03 -22.01
C PRO D 25 -9.82 4.00 -21.00
N GLY D 26 -10.62 4.57 -20.10
CA GLY D 26 -10.09 5.55 -19.17
C GLY D 26 -9.13 4.99 -18.14
N GLY D 27 -9.13 3.68 -17.94
CA GLY D 27 -8.22 3.04 -17.00
C GLY D 27 -8.91 2.67 -15.70
N PRO D 28 -8.13 2.16 -14.75
CA PRO D 28 -8.74 1.73 -13.48
C PRO D 28 -9.42 2.86 -12.71
N GLU D 29 -8.87 4.08 -12.78
CA GLU D 29 -9.53 5.20 -12.12
C GLU D 29 -10.94 5.41 -12.66
N ALA D 30 -11.09 5.30 -13.99
CA ALA D 30 -12.41 5.49 -14.60
C ALA D 30 -13.35 4.36 -14.21
N ALA D 31 -12.88 3.11 -14.29
CA ALA D 31 -13.72 1.99 -13.88
C ALA D 31 -14.08 2.08 -12.40
N SER D 32 -13.20 2.66 -11.58
CA SER D 32 -13.51 2.85 -10.17
C SER D 32 -14.60 3.90 -10.00
N ALA D 33 -14.51 5.01 -10.74
CA ALA D 33 -15.53 6.04 -10.67
C ALA D 33 -16.86 5.54 -11.21
N ILE D 34 -16.85 4.77 -12.30
CA ILE D 34 -18.10 4.23 -12.84
C ILE D 34 -18.79 3.38 -11.78
N ALA D 35 -18.04 2.50 -11.11
CA ALA D 35 -18.63 1.64 -10.10
C ALA D 35 -19.33 2.45 -9.02
N GLU D 36 -18.67 3.51 -8.55
CA GLU D 36 -19.24 4.34 -7.49
C GLU D 36 -20.44 5.12 -8.00
N GLU D 37 -20.31 5.75 -9.17
CA GLU D 37 -21.39 6.60 -9.68
C GLU D 37 -22.63 5.77 -9.98
N LEU D 38 -22.47 4.68 -10.71
CA LEU D 38 -23.60 3.90 -11.18
C LEU D 38 -24.10 2.88 -10.17
N GLY D 39 -23.26 2.47 -9.23
CA GLY D 39 -23.69 1.57 -8.17
C GLY D 39 -23.36 0.11 -8.41
N TYR D 40 -22.18 -0.18 -8.93
CA TYR D 40 -21.73 -1.55 -9.19
C TYR D 40 -20.55 -1.86 -8.28
N ASP D 41 -20.14 -3.12 -8.27
CA ASP D 41 -18.97 -3.57 -7.49
C ASP D 41 -17.86 -3.92 -8.47
N LEU D 42 -16.80 -3.14 -8.46
CA LEU D 42 -15.66 -3.39 -9.34
C LEU D 42 -14.88 -4.58 -8.82
N LEU D 43 -14.91 -5.69 -9.55
CA LEU D 43 -14.13 -6.87 -9.19
C LEU D 43 -12.72 -6.83 -9.74
N GLY D 44 -12.46 -6.00 -10.75
CA GLY D 44 -11.12 -5.77 -11.23
C GLY D 44 -10.98 -6.08 -12.71
N GLN D 45 -9.73 -6.06 -13.15
CA GLN D 45 -9.37 -6.33 -14.55
C GLN D 45 -9.56 -7.80 -14.88
N ILE D 46 -10.00 -8.07 -16.10
CA ILE D 46 -10.26 -9.42 -16.56
C ILE D 46 -8.99 -9.98 -17.20
N GLY D 47 -8.38 -10.96 -16.54
CA GLY D 47 -7.16 -11.57 -17.06
C GLY D 47 -6.08 -10.54 -17.33
N SER D 48 -5.54 -10.58 -18.55
CA SER D 48 -4.51 -9.64 -18.98
C SER D 48 -5.08 -8.48 -19.78
N LEU D 49 -6.40 -8.44 -19.96
CA LEU D 49 -7.06 -7.40 -20.74
C LEU D 49 -7.03 -6.09 -19.96
N GLU D 50 -6.06 -5.23 -20.30
CA GLU D 50 -5.82 -4.00 -19.55
C GLU D 50 -7.08 -3.22 -19.21
N ASN D 51 -7.91 -2.95 -20.21
CA ASN D 51 -9.05 -2.04 -20.04
C ASN D 51 -10.39 -2.77 -20.10
N HIS D 52 -10.41 -4.02 -19.70
CA HIS D 52 -11.64 -4.80 -19.56
C HIS D 52 -11.82 -5.14 -18.09
N TYR D 53 -12.95 -4.74 -17.52
CA TYR D 53 -13.22 -4.91 -16.10
C TYR D 53 -14.53 -5.67 -15.90
N LEU D 54 -14.62 -6.33 -14.76
CA LEU D 54 -15.79 -7.11 -14.37
C LEU D 54 -16.46 -6.41 -13.20
N PHE D 55 -17.78 -6.24 -13.29
CA PHE D 55 -18.55 -5.54 -12.28
C PHE D 55 -19.63 -6.48 -11.74
N LYS D 56 -19.88 -6.40 -10.44
CA LYS D 56 -20.98 -7.12 -9.81
C LYS D 56 -22.01 -6.13 -9.31
N HIS D 57 -23.27 -6.57 -9.33
CA HIS D 57 -24.40 -5.70 -9.01
C HIS D 57 -25.42 -6.41 -8.13
N PHE D 69 -31.34 -6.37 -19.77
CA PHE D 69 -30.68 -5.51 -20.74
C PHE D 69 -30.51 -4.10 -20.17
N HIS D 70 -31.35 -3.78 -19.17
CA HIS D 70 -31.29 -2.46 -18.54
C HIS D 70 -29.98 -2.23 -17.78
N ILE D 71 -29.48 -3.23 -17.05
CA ILE D 71 -28.19 -3.06 -16.38
C ILE D 71 -27.08 -2.90 -17.42
N THR D 72 -27.14 -3.68 -18.49
CA THR D 72 -26.15 -3.56 -19.55
C THR D 72 -26.23 -2.20 -20.23
N LYS D 73 -27.44 -1.79 -20.60
CA LYS D 73 -27.62 -0.48 -21.23
C LYS D 73 -27.13 0.63 -20.31
N ARG D 74 -27.50 0.55 -19.03
CA ARG D 74 -27.04 1.52 -18.04
C ARG D 74 -25.52 1.66 -18.08
N LEU D 75 -24.82 0.54 -18.12
CA LEU D 75 -23.37 0.57 -18.20
C LEU D 75 -22.91 1.01 -19.59
N SER D 76 -23.54 0.46 -20.63
CA SER D 76 -23.13 0.78 -22.00
C SER D 76 -23.34 2.25 -22.32
N ASP D 77 -24.46 2.82 -21.87
CA ASP D 77 -24.76 4.21 -22.22
C ASP D 77 -23.74 5.20 -21.67
N ASP D 78 -23.02 4.83 -20.62
CA ASP D 78 -21.98 5.71 -20.08
C ASP D 78 -20.94 6.02 -21.16
N ASP D 79 -20.53 7.30 -21.22
CA ASP D 79 -19.57 7.72 -22.23
C ASP D 79 -18.17 7.20 -21.95
N ARG D 80 -17.93 6.67 -20.74
CA ARG D 80 -16.66 6.02 -20.43
C ARG D 80 -16.64 4.55 -20.82
N VAL D 81 -17.80 3.96 -21.10
CA VAL D 81 -17.92 2.56 -21.47
C VAL D 81 -18.09 2.47 -22.98
N ILE D 82 -17.16 1.78 -23.64
CA ILE D 82 -17.25 1.56 -25.08
C ILE D 82 -18.05 0.30 -25.39
N TRP D 83 -17.95 -0.73 -24.55
CA TRP D 83 -18.62 -2.00 -24.79
C TRP D 83 -18.95 -2.62 -23.43
N ALA D 84 -20.15 -3.21 -23.34
CA ALA D 84 -20.56 -3.89 -22.11
C ALA D 84 -21.42 -5.09 -22.47
N GLU D 85 -21.40 -6.10 -21.59
CA GLU D 85 -22.17 -7.31 -21.83
C GLU D 85 -22.30 -8.09 -20.52
N GLN D 86 -23.48 -8.64 -20.30
CA GLN D 86 -23.73 -9.48 -19.13
C GLN D 86 -23.21 -10.88 -19.39
N GLN D 87 -22.59 -11.47 -18.36
CA GLN D 87 -22.00 -12.80 -18.49
C GLN D 87 -23.06 -13.88 -18.36
N TYR D 88 -22.85 -14.99 -19.07
CA TYR D 88 -23.77 -16.12 -19.00
C TYR D 88 -23.02 -17.44 -19.10
N GLU D 89 -23.47 -18.40 -18.31
CA GLU D 89 -22.87 -19.73 -18.29
C GLU D 89 -23.07 -20.43 -19.63
N LYS D 90 -22.00 -21.01 -20.15
CA LYS D 90 -22.03 -21.77 -21.39
C LYS D 90 -21.54 -23.19 -21.13
N GLU D 91 -22.11 -24.15 -21.86
CA GLU D 91 -21.76 -25.54 -21.69
C GLU D 91 -20.41 -25.79 -22.35
N ARG D 92 -19.42 -26.17 -21.54
CA ARG D 92 -18.09 -26.47 -22.04
C ARG D 92 -17.74 -27.88 -21.59
N SER D 93 -17.56 -28.78 -22.57
CA SER D 93 -17.33 -30.18 -22.30
C SER D 93 -15.84 -30.46 -22.19
N LYS D 94 -15.48 -31.33 -21.26
CA LYS D 94 -14.12 -31.85 -21.21
C LYS D 94 -14.02 -32.98 -22.22
N ARG D 95 -12.88 -33.04 -22.92
CA ARG D 95 -12.75 -34.01 -24.01
C ARG D 95 -12.12 -35.31 -23.51
N TYR E 3 26.09 37.07 40.22
CA TYR E 3 24.71 36.58 40.26
C TYR E 3 24.66 35.06 40.45
N GLN E 4 23.83 34.60 41.38
CA GLN E 4 23.70 33.18 41.68
C GLN E 4 22.52 32.59 40.92
N GLU E 5 22.81 31.68 40.00
CA GLU E 5 21.81 31.03 39.17
C GLU E 5 21.18 29.86 39.93
N PRO E 6 20.07 29.32 39.41
CA PRO E 6 19.39 28.22 40.11
C PRO E 6 20.29 27.05 40.40
N THR E 7 20.05 26.41 41.56
CA THR E 7 20.76 25.23 41.99
C THR E 7 19.94 23.95 41.82
N ASP E 8 18.76 24.06 41.20
CA ASP E 8 17.86 22.93 41.11
C ASP E 8 18.51 21.78 40.33
N PRO E 9 18.16 20.54 40.67
CA PRO E 9 18.89 19.40 40.07
C PRO E 9 18.75 19.30 38.56
N LYS E 10 17.60 19.65 37.99
CA LYS E 10 17.39 19.52 36.55
C LYS E 10 17.62 20.82 35.80
N PHE E 11 18.06 21.89 36.48
CA PHE E 11 18.34 23.13 35.77
C PHE E 11 19.40 22.96 34.69
N PRO E 12 20.50 22.22 34.91
CA PRO E 12 21.46 22.02 33.82
C PRO E 12 20.87 21.34 32.59
N GLN E 13 19.79 20.57 32.75
CA GLN E 13 19.15 19.94 31.60
C GLN E 13 18.21 20.89 30.87
N GLN E 14 17.97 22.08 31.42
CA GLN E 14 17.10 23.07 30.78
C GLN E 14 17.95 23.92 29.82
N TRP E 15 18.43 23.24 28.78
CA TRP E 15 19.32 23.85 27.79
C TRP E 15 18.73 25.12 27.20
N TYR E 16 17.39 25.20 27.10
CA TYR E 16 16.73 26.34 26.48
C TYR E 16 16.78 27.60 27.32
N LEU E 17 17.17 27.50 28.59
CA LEU E 17 17.24 28.68 29.45
C LEU E 17 18.64 29.27 29.46
N ARG E 23 23.02 30.27 22.37
CA ARG E 23 21.88 29.73 21.63
C ARG E 23 20.79 29.21 22.56
N ASP E 24 20.20 30.13 23.30
CA ASP E 24 19.13 29.85 24.25
C ASP E 24 18.21 31.07 24.26
N LEU E 25 17.19 31.02 25.11
CA LEU E 25 16.23 32.11 25.17
C LEU E 25 16.77 33.32 25.92
N ASN E 26 18.04 33.30 26.31
CA ASN E 26 18.67 34.45 26.98
C ASN E 26 17.88 34.83 28.22
N VAL E 27 17.44 33.83 28.97
CA VAL E 27 16.62 34.09 30.15
C VAL E 27 17.50 34.48 31.33
N LYS E 28 18.67 33.85 31.46
CA LYS E 28 19.56 34.18 32.56
C LYS E 28 19.91 35.67 32.57
N ALA E 29 20.02 36.29 31.39
CA ALA E 29 20.32 37.71 31.32
C ALA E 29 19.23 38.54 31.98
N ALA E 30 17.97 38.11 31.86
CA ALA E 30 16.89 38.82 32.55
C ALA E 30 16.96 38.58 34.05
N TRP E 31 17.37 37.38 34.45
CA TRP E 31 17.51 37.10 35.88
C TRP E 31 18.60 37.96 36.51
N ALA E 32 19.73 38.13 35.80
CA ALA E 32 20.81 38.95 36.34
C ALA E 32 20.44 40.41 36.41
N GLN E 33 19.51 40.87 35.58
CA GLN E 33 18.98 42.23 35.69
C GLN E 33 18.00 42.39 36.85
N GLY E 34 17.70 41.31 37.57
CA GLY E 34 16.81 41.37 38.71
C GLY E 34 15.37 41.04 38.42
N TYR E 35 15.06 40.53 37.24
CA TYR E 35 13.68 40.28 36.81
C TYR E 35 13.45 38.77 36.79
N THR E 36 12.65 38.30 37.74
CA THR E 36 12.33 36.89 37.87
C THR E 36 10.83 36.59 37.87
N GLY E 37 9.99 37.61 37.70
CA GLY E 37 8.56 37.42 37.65
C GLY E 37 7.83 37.77 38.92
N HIS E 38 8.49 38.39 39.89
CA HIS E 38 7.82 38.77 41.13
C HIS E 38 6.71 39.78 40.83
N GLY E 39 5.53 39.54 41.38
CA GLY E 39 4.39 40.40 41.20
C GLY E 39 3.52 40.08 40.01
N ILE E 40 3.94 39.16 39.15
CA ILE E 40 3.20 38.80 37.94
C ILE E 40 2.42 37.52 38.18
N VAL E 41 1.17 37.50 37.70
CA VAL E 41 0.28 36.36 37.81
C VAL E 41 0.05 35.78 36.42
N VAL E 42 0.22 34.46 36.29
CA VAL E 42 0.00 33.77 35.03
C VAL E 42 -0.92 32.59 35.27
N SER E 43 -1.87 32.38 34.36
CA SER E 43 -2.83 31.29 34.45
C SER E 43 -2.72 30.38 33.23
N ILE E 44 -2.73 29.08 33.47
CA ILE E 44 -2.69 28.07 32.42
C ILE E 44 -4.11 27.59 32.16
N LEU E 45 -4.61 27.84 30.95
CA LEU E 45 -5.93 27.38 30.54
C LEU E 45 -5.78 26.01 29.90
N ASP E 46 -6.13 24.95 30.63
CA ASP E 46 -5.88 23.61 30.13
C ASP E 46 -6.74 22.59 30.87
N ASP E 47 -6.15 21.47 31.28
CA ASP E 47 -6.89 20.36 31.88
C ASP E 47 -6.70 20.28 33.39
N GLY E 48 -6.24 21.35 34.01
CA GLY E 48 -6.01 21.39 35.44
C GLY E 48 -4.55 21.55 35.79
N ILE E 49 -4.31 21.80 37.07
CA ILE E 49 -2.97 22.03 37.58
C ILE E 49 -2.84 21.33 38.93
N GLU E 50 -1.74 20.58 39.10
CA GLU E 50 -1.45 19.85 40.33
C GLU E 50 -0.89 20.87 41.33
N LYS E 51 -1.80 21.53 42.06
CA LYS E 51 -1.39 22.64 42.91
C LYS E 51 -0.55 22.21 44.10
N ASN E 52 -0.59 20.93 44.47
CA ASN E 52 0.23 20.41 45.55
C ASN E 52 1.58 19.87 45.07
N HIS E 53 1.88 20.00 43.78
CA HIS E 53 3.16 19.53 43.26
C HIS E 53 4.30 20.23 43.99
N PRO E 54 5.35 19.51 44.41
CA PRO E 54 6.39 20.15 45.22
C PRO E 54 7.11 21.31 44.54
N ASP E 55 7.03 21.43 43.21
CA ASP E 55 7.68 22.50 42.48
C ASP E 55 6.69 23.55 41.98
N LEU E 56 5.43 23.49 42.42
CA LEU E 56 4.42 24.45 42.02
C LEU E 56 3.75 25.08 43.24
N ALA E 57 3.68 24.32 44.33
CA ALA E 57 2.95 24.77 45.51
C ALA E 57 3.42 26.13 45.99
N GLY E 58 4.74 26.33 46.04
CA GLY E 58 5.27 27.59 46.53
C GLY E 58 4.86 28.80 45.73
N ASN E 59 4.51 28.60 44.45
CA ASN E 59 4.09 29.68 43.58
C ASN E 59 2.61 29.61 43.20
N TYR E 60 1.88 28.62 43.71
CA TYR E 60 0.48 28.47 43.31
C TYR E 60 -0.33 29.66 43.81
N ASP E 61 -1.26 30.11 42.98
CA ASP E 61 -2.12 31.24 43.30
C ASP E 61 -3.57 30.83 43.06
N PRO E 62 -4.36 30.61 44.11
CA PRO E 62 -5.78 30.28 43.89
C PRO E 62 -6.56 31.38 43.19
N GLY E 63 -6.10 32.63 43.26
CA GLY E 63 -6.72 33.71 42.53
C GLY E 63 -6.56 33.63 41.03
N ALA E 64 -5.66 32.77 40.55
CA ALA E 64 -5.45 32.56 39.13
C ALA E 64 -5.97 31.19 38.68
N SER E 65 -6.78 30.52 39.50
CA SER E 65 -7.21 29.16 39.23
C SER E 65 -8.73 29.06 39.36
N PHE E 66 -9.31 28.17 38.58
CA PHE E 66 -10.73 27.82 38.69
C PHE E 66 -10.97 26.56 37.88
N ASP E 67 -11.98 25.80 38.28
CA ASP E 67 -12.37 24.59 37.55
C ASP E 67 -13.65 24.91 36.79
N VAL E 68 -13.51 25.18 35.49
CA VAL E 68 -14.68 25.45 34.66
C VAL E 68 -15.45 24.16 34.38
N ASN E 69 -14.73 23.04 34.27
CA ASN E 69 -15.39 21.77 33.97
C ASN E 69 -16.36 21.36 35.08
N ASP E 70 -15.96 21.51 36.34
CA ASP E 70 -16.78 21.08 37.47
C ASP E 70 -17.40 22.25 38.21
N GLN E 71 -17.23 23.48 37.72
CA GLN E 71 -17.89 24.65 38.27
C GLN E 71 -17.52 24.80 39.75
N ASP E 72 -16.23 24.76 40.05
CA ASP E 72 -15.76 24.90 41.42
C ASP E 72 -14.35 25.45 41.40
N PRO E 73 -13.89 26.04 42.50
CA PRO E 73 -12.57 26.69 42.48
C PRO E 73 -11.39 25.74 42.33
N ASP E 74 -11.52 24.47 42.75
CA ASP E 74 -10.38 23.57 42.81
C ASP E 74 -10.05 22.99 41.43
N PRO E 75 -8.88 23.34 40.86
CA PRO E 75 -8.57 22.88 39.49
C PRO E 75 -7.71 21.62 39.45
N GLN E 76 -7.77 20.78 40.47
CA GLN E 76 -6.88 19.63 40.52
C GLN E 76 -7.16 18.69 39.35
N PRO E 77 -6.13 18.16 38.71
CA PRO E 77 -6.37 17.24 37.59
C PRO E 77 -7.00 15.94 38.07
N ARG E 78 -7.84 15.37 37.21
CA ARG E 78 -8.45 14.07 37.46
C ARG E 78 -7.45 13.00 37.05
N TYR E 79 -7.09 12.11 37.98
CA TYR E 79 -6.05 11.13 37.72
C TYR E 79 -6.63 9.89 37.03
N THR E 80 -6.03 9.54 35.90
CA THR E 80 -6.44 8.36 35.13
C THR E 80 -5.20 7.53 34.80
N GLN E 81 -5.44 6.29 34.37
CA GLN E 81 -4.34 5.38 34.09
C GLN E 81 -3.45 5.90 32.97
N MET E 82 -4.02 6.53 31.95
CA MET E 82 -3.22 7.05 30.85
C MET E 82 -2.64 8.43 31.12
N ASN E 83 -2.86 9.00 32.31
CA ASN E 83 -2.36 10.32 32.65
C ASN E 83 -2.83 11.35 31.63
N ASP E 84 -4.13 11.30 31.30
CA ASP E 84 -4.65 12.16 30.26
C ASP E 84 -4.58 13.64 30.64
N ASN E 85 -4.60 13.94 31.94
CA ASN E 85 -4.67 15.32 32.42
C ASN E 85 -3.37 15.82 33.04
N ARG E 86 -2.24 15.47 32.41
CA ARG E 86 -0.94 15.94 32.86
C ARG E 86 -0.51 17.24 32.18
N HIS E 87 -1.24 17.66 31.15
CA HIS E 87 -0.78 18.71 30.26
C HIS E 87 -0.69 20.06 30.98
N GLY E 88 -1.73 20.42 31.73
CA GLY E 88 -1.72 21.71 32.42
C GLY E 88 -0.58 21.85 33.41
N THR E 89 -0.26 20.77 34.13
CA THR E 89 0.82 20.83 35.10
C THR E 89 2.17 20.98 34.40
N ARG E 90 2.34 20.30 33.26
CA ARG E 90 3.58 20.43 32.51
C ARG E 90 3.79 21.86 32.04
N CYS E 91 2.72 22.50 31.57
CA CYS E 91 2.84 23.88 31.10
C CYS E 91 3.06 24.85 32.25
N ALA E 92 2.48 24.58 33.42
CA ALA E 92 2.64 25.48 34.55
C ALA E 92 4.08 25.51 35.04
N GLY E 93 4.75 24.35 35.03
CA GLY E 93 6.13 24.31 35.49
C GLY E 93 7.09 25.06 34.59
N GLU E 94 6.78 25.13 33.29
CA GLU E 94 7.62 25.91 32.39
C GLU E 94 7.59 27.39 32.74
N VAL E 95 6.45 27.88 33.24
CA VAL E 95 6.32 29.30 33.54
C VAL E 95 6.96 29.62 34.88
N ALA E 96 6.46 28.99 35.94
CA ALA E 96 6.76 29.43 37.31
C ALA E 96 7.06 28.26 38.23
N ALA E 97 7.90 27.33 37.79
CA ALA E 97 8.38 26.30 38.71
C ALA E 97 9.35 26.92 39.70
N VAL E 98 9.23 26.50 40.97
CA VAL E 98 10.01 27.10 42.04
C VAL E 98 11.48 26.80 41.84
N ALA E 99 12.33 27.78 42.17
CA ALA E 99 13.78 27.66 42.04
C ALA E 99 14.43 27.43 43.40
N ASN E 100 15.63 26.84 43.35
CA ASN E 100 16.47 26.67 44.53
C ASN E 100 15.75 25.92 45.64
N ASN E 101 15.02 24.86 45.28
CA ASN E 101 14.37 24.01 46.27
C ASN E 101 14.72 22.53 46.07
N GLY E 102 15.72 22.22 45.27
CA GLY E 102 16.16 20.85 45.10
C GLY E 102 15.14 19.93 44.45
N VAL E 103 14.19 20.48 43.70
CA VAL E 103 13.13 19.67 43.08
C VAL E 103 13.05 20.04 41.60
N CYS E 104 13.32 19.07 40.74
CA CYS E 104 13.12 19.17 39.29
C CYS E 104 13.90 20.39 38.80
N GLY E 105 13.30 21.29 38.02
CA GLY E 105 14.01 22.44 37.50
C GLY E 105 13.42 23.76 37.95
N VAL E 106 13.48 24.77 37.08
CA VAL E 106 12.92 26.07 37.38
C VAL E 106 12.08 26.55 36.20
N GLY E 107 11.12 27.41 36.48
CA GLY E 107 10.37 28.06 35.45
C GLY E 107 11.05 29.32 34.95
N VAL E 108 10.60 29.79 33.78
CA VAL E 108 11.17 31.02 33.24
C VAL E 108 10.98 32.16 34.22
N ALA E 109 9.80 32.27 34.81
CA ALA E 109 9.51 33.27 35.84
C ALA E 109 9.30 32.55 37.17
N TYR E 110 10.41 32.08 37.75
CA TYR E 110 10.29 31.21 38.91
C TYR E 110 9.85 31.93 40.17
N ASN E 111 9.67 33.26 40.11
CA ASN E 111 9.13 34.01 41.24
C ASN E 111 7.73 34.55 40.96
N ALA E 112 7.12 34.14 39.85
CA ALA E 112 5.76 34.57 39.52
C ALA E 112 4.75 33.62 40.16
N ARG E 113 3.54 34.14 40.35
CA ARG E 113 2.43 33.34 40.84
C ARG E 113 1.75 32.62 39.68
N ILE E 114 1.49 31.33 39.85
CA ILE E 114 1.00 30.48 38.78
C ILE E 114 -0.35 29.90 39.17
N GLY E 115 -1.29 29.94 38.24
CA GLY E 115 -2.59 29.34 38.43
C GLY E 115 -2.98 28.49 37.22
N GLY E 116 -4.07 27.76 37.39
CA GLY E 116 -4.57 26.91 36.32
C GLY E 116 -6.07 26.86 36.25
N VAL E 117 -6.61 26.90 35.03
CA VAL E 117 -8.05 26.80 34.79
C VAL E 117 -8.31 25.45 34.15
N ARG E 118 -9.03 24.58 34.87
CA ARG E 118 -9.39 23.26 34.36
C ARG E 118 -10.61 23.40 33.46
N MET E 119 -10.41 23.34 32.14
CA MET E 119 -11.49 23.54 31.19
C MET E 119 -11.43 22.63 29.97
N LEU E 120 -10.42 21.79 29.84
CA LEU E 120 -10.34 20.86 28.71
C LEU E 120 -10.79 19.45 29.08
N ASP E 121 -10.86 19.13 30.37
CA ASP E 121 -11.29 17.81 30.83
C ASP E 121 -12.81 17.78 30.97
N GLY E 122 -13.48 17.99 29.84
CA GLY E 122 -14.92 17.98 29.81
C GLY E 122 -15.42 18.49 28.47
N GLU E 123 -16.72 18.76 28.43
CA GLU E 123 -17.34 19.32 27.22
C GLU E 123 -16.92 20.77 27.07
N VAL E 124 -16.15 21.06 26.02
CA VAL E 124 -15.62 22.40 25.78
C VAL E 124 -16.62 23.13 24.87
N THR E 125 -17.41 24.01 25.46
CA THR E 125 -18.36 24.83 24.73
C THR E 125 -17.83 26.25 24.58
N ASP E 126 -18.56 27.03 23.77
CA ASP E 126 -18.24 28.45 23.63
C ASP E 126 -18.27 29.15 24.98
N ALA E 127 -19.23 28.78 25.84
CA ALA E 127 -19.31 29.38 27.16
C ALA E 127 -18.11 28.98 28.01
N VAL E 128 -17.68 27.72 27.92
CA VAL E 128 -16.52 27.28 28.67
C VAL E 128 -15.28 28.08 28.29
N GLU E 129 -15.10 28.34 26.99
CA GLU E 129 -13.95 29.11 26.55
C GLU E 129 -14.02 30.55 27.03
N ALA E 130 -15.21 31.18 26.96
CA ALA E 130 -15.34 32.57 27.38
C ALA E 130 -15.12 32.73 28.88
N ARG E 131 -15.58 31.77 29.68
CA ARG E 131 -15.40 31.82 31.13
C ARG E 131 -13.93 31.78 31.50
N SER E 132 -13.15 30.97 30.79
CA SER E 132 -11.75 30.78 31.14
C SER E 132 -10.92 31.98 30.71
N LEU E 133 -11.18 32.51 29.51
CA LEU E 133 -10.43 33.66 29.03
C LEU E 133 -10.69 34.92 29.85
N GLY E 134 -11.81 34.99 30.55
CA GLY E 134 -12.17 36.18 31.30
C GLY E 134 -12.19 35.99 32.79
N LEU E 135 -11.50 34.97 33.29
CA LEU E 135 -11.46 34.73 34.73
C LEU E 135 -10.56 35.77 35.40
N ASN E 136 -11.11 36.47 36.38
CA ASN E 136 -10.39 37.44 37.21
C ASN E 136 -9.42 38.25 36.36
N PRO E 137 -9.90 39.01 35.38
CA PRO E 137 -8.99 39.69 34.43
C PRO E 137 -8.17 40.80 35.05
N ASN E 138 -8.48 41.24 36.27
CA ASN E 138 -7.69 42.27 36.94
C ASN E 138 -6.74 41.70 37.99
N HIS E 139 -6.66 40.38 38.11
CA HIS E 139 -5.65 39.72 38.92
C HIS E 139 -4.67 38.92 38.06
N ILE E 140 -5.19 38.15 37.12
CA ILE E 140 -4.34 37.43 36.17
C ILE E 140 -3.83 38.43 35.13
N HIS E 141 -2.52 38.45 34.92
CA HIS E 141 -1.94 39.33 33.91
C HIS E 141 -1.80 38.62 32.57
N ILE E 142 -1.41 37.34 32.58
CA ILE E 142 -1.06 36.59 31.39
C ILE E 142 -1.81 35.29 31.38
N TYR E 143 -2.47 34.98 30.26
CA TYR E 143 -3.12 33.70 30.05
C TYR E 143 -2.33 32.91 29.01
N SER E 144 -1.99 31.67 29.32
CA SER E 144 -1.29 30.79 28.40
C SER E 144 -2.23 29.64 28.01
N ALA E 145 -2.44 29.48 26.71
CA ALA E 145 -3.31 28.43 26.18
C ALA E 145 -2.63 27.81 24.97
N SER E 146 -2.52 26.48 24.98
CA SER E 146 -1.91 25.74 23.89
C SER E 146 -2.93 25.04 23.02
N TRP E 147 -4.19 25.01 23.43
CA TRP E 147 -5.22 24.23 22.76
C TRP E 147 -5.84 25.03 21.60
N GLY E 148 -6.53 24.29 20.74
CA GLY E 148 -7.19 24.87 19.60
C GLY E 148 -7.94 23.81 18.81
N PRO E 149 -8.35 24.14 17.58
CA PRO E 149 -9.08 23.16 16.76
C PRO E 149 -8.20 22.00 16.35
N GLU E 150 -8.84 20.91 15.95
CA GLU E 150 -8.11 19.72 15.53
C GLU E 150 -7.11 20.08 14.43
N ASP E 151 -5.86 19.67 14.65
CA ASP E 151 -4.78 19.94 13.70
C ASP E 151 -4.66 18.81 12.67
N ASP E 152 -5.80 18.44 12.06
CA ASP E 152 -5.84 17.37 11.09
C ASP E 152 -5.54 17.81 9.66
N GLY E 153 -5.33 19.11 9.44
CA GLY E 153 -5.05 19.58 8.10
C GLY E 153 -6.25 19.76 7.21
N LYS E 154 -7.45 19.78 7.79
CA LYS E 154 -8.66 19.99 7.00
C LYS E 154 -9.71 20.78 7.77
N THR E 155 -9.39 21.32 8.94
CA THR E 155 -10.33 22.03 9.78
C THR E 155 -10.10 23.53 9.68
N VAL E 156 -11.20 24.28 9.57
CA VAL E 156 -11.18 25.73 9.66
C VAL E 156 -12.13 26.11 10.79
N ASP E 157 -11.56 26.52 11.92
CA ASP E 157 -12.35 26.76 13.12
C ASP E 157 -11.68 27.87 13.93
N GLY E 158 -12.50 28.62 14.66
CA GLY E 158 -12.01 29.70 15.48
C GLY E 158 -12.93 29.98 16.64
N PRO E 159 -12.63 31.01 17.42
CA PRO E 159 -13.52 31.40 18.52
C PRO E 159 -14.90 31.80 18.02
N ALA E 160 -15.92 31.34 18.74
CA ALA E 160 -17.30 31.70 18.44
C ALA E 160 -17.62 33.02 19.16
N ARG E 161 -18.89 33.40 19.23
CA ARG E 161 -19.25 34.71 19.73
C ARG E 161 -18.73 34.95 21.14
N LEU E 162 -19.04 34.03 22.07
CA LEU E 162 -18.66 34.25 23.46
C LEU E 162 -17.15 34.33 23.62
N ALA E 163 -16.43 33.37 23.02
CA ALA E 163 -14.97 33.42 23.08
C ALA E 163 -14.43 34.67 22.41
N GLU E 164 -15.02 35.06 21.26
CA GLU E 164 -14.60 36.29 20.59
C GLU E 164 -14.83 37.49 21.48
N GLU E 165 -16.00 37.59 22.11
CA GLU E 165 -16.26 38.69 23.02
C GLU E 165 -15.32 38.66 24.21
N ALA E 166 -15.00 37.46 24.71
CA ALA E 166 -14.10 37.34 25.86
C ALA E 166 -12.71 37.84 25.51
N PHE E 167 -12.23 37.54 24.30
CA PHE E 167 -10.94 38.06 23.87
C PHE E 167 -10.96 39.59 23.83
N PHE E 168 -12.03 40.17 23.28
CA PHE E 168 -12.08 41.62 23.13
C PHE E 168 -12.19 42.31 24.48
N ARG E 169 -13.07 41.82 25.36
CA ARG E 169 -13.14 42.37 26.71
C ARG E 169 -11.80 42.29 27.42
N GLY E 170 -11.04 41.21 27.19
CA GLY E 170 -9.78 41.04 27.87
C GLY E 170 -8.77 42.12 27.52
N VAL E 171 -8.58 42.35 26.22
CA VAL E 171 -7.58 43.32 25.79
C VAL E 171 -8.05 44.76 25.99
N SER E 172 -9.36 44.99 26.10
CA SER E 172 -9.91 46.33 26.23
C SER E 172 -10.00 46.78 27.68
N GLN E 173 -10.49 45.90 28.56
CA GLN E 173 -10.72 46.24 29.96
C GLN E 173 -9.89 45.44 30.95
N GLY E 174 -9.20 44.39 30.50
CA GLY E 174 -8.38 43.61 31.41
C GLY E 174 -7.13 44.36 31.84
N ARG E 175 -6.58 43.96 32.99
CA ARG E 175 -5.39 44.59 33.54
C ARG E 175 -5.58 46.11 33.69
N GLY E 176 -6.74 46.49 34.22
CA GLY E 176 -7.00 47.91 34.42
C GLY E 176 -7.04 48.71 33.13
N GLY E 177 -7.39 48.07 32.02
CA GLY E 177 -7.42 48.73 30.73
C GLY E 177 -6.21 48.49 29.86
N LEU E 178 -5.12 47.97 30.43
CA LEU E 178 -3.92 47.72 29.64
C LEU E 178 -4.08 46.50 28.74
N GLY E 179 -4.95 45.56 29.12
CA GLY E 179 -5.25 44.43 28.26
C GLY E 179 -4.61 43.12 28.69
N SER E 180 -5.43 42.07 28.76
CA SER E 180 -4.92 40.74 29.06
C SER E 180 -3.97 40.27 27.97
N ILE E 181 -2.89 39.60 28.38
CA ILE E 181 -1.94 39.01 27.44
C ILE E 181 -2.35 37.56 27.21
N PHE E 182 -2.72 37.23 25.97
CA PHE E 182 -3.10 35.88 25.60
C PHE E 182 -1.99 35.27 24.78
N VAL E 183 -1.25 34.33 25.37
CA VAL E 183 -0.14 33.65 24.70
C VAL E 183 -0.66 32.31 24.20
N TRP E 184 -0.58 32.09 22.89
CA TRP E 184 -1.18 30.93 22.26
C TRP E 184 -0.15 30.13 21.48
N ALA E 185 -0.39 28.82 21.39
CA ALA E 185 0.46 27.91 20.65
C ALA E 185 -0.05 27.80 19.21
N SER E 186 0.88 27.86 18.25
CA SER E 186 0.47 27.99 16.85
C SER E 186 -0.16 26.70 16.32
N GLY E 187 0.20 25.54 16.87
CA GLY E 187 -0.41 24.29 16.46
C GLY E 187 0.56 23.18 16.15
N ASN E 188 0.07 21.94 16.10
CA ASN E 188 0.90 20.76 15.91
C ASN E 188 0.56 20.00 14.62
N GLY E 189 -0.07 20.66 13.65
CA GLY E 189 -0.51 19.97 12.45
C GLY E 189 0.53 19.89 11.35
N GLY E 190 1.81 19.93 11.73
CA GLY E 190 2.87 19.88 10.74
C GLY E 190 2.82 18.62 9.90
N ARG E 191 2.62 17.47 10.54
CA ARG E 191 2.61 16.20 9.82
C ARG E 191 1.48 16.14 8.81
N GLU E 192 0.40 16.89 9.04
CA GLU E 192 -0.74 16.93 8.15
C GLU E 192 -0.69 18.13 7.20
N HIS E 193 0.43 18.83 7.13
CA HIS E 193 0.58 20.00 6.27
C HIS E 193 -0.52 21.02 6.57
N ASP E 194 -0.76 21.24 7.86
CA ASP E 194 -1.73 22.21 8.34
C ASP E 194 -1.16 23.62 8.22
N SER E 195 -2.06 24.60 8.14
CA SER E 195 -1.69 26.02 8.07
C SER E 195 -2.42 26.74 9.20
N CYS E 196 -1.67 27.32 10.13
CA CYS E 196 -2.27 27.85 11.34
C CYS E 196 -3.07 29.13 11.12
N ASN E 197 -3.21 29.61 9.88
CA ASN E 197 -4.18 30.67 9.61
C ASN E 197 -5.61 30.13 9.55
N CYS E 198 -5.78 28.81 9.50
CA CYS E 198 -7.08 28.17 9.62
C CYS E 198 -7.46 27.90 11.07
N ASP E 199 -6.65 28.34 12.02
CA ASP E 199 -6.93 28.24 13.45
C ASP E 199 -7.21 29.66 13.92
N GLY E 200 -8.49 29.96 14.15
CA GLY E 200 -8.89 31.31 14.51
C GLY E 200 -8.34 31.79 15.84
N TYR E 201 -7.89 30.86 16.70
CA TYR E 201 -7.35 31.25 18.00
C TYR E 201 -5.94 31.85 17.85
N THR E 202 -5.07 31.19 17.09
CA THR E 202 -3.77 31.76 16.81
C THR E 202 -3.83 32.87 15.76
N ASN E 203 -4.76 32.77 14.81
CA ASN E 203 -4.89 33.81 13.80
C ASN E 203 -5.37 35.12 14.39
N SER E 204 -5.91 35.11 15.61
CA SER E 204 -6.44 36.31 16.22
C SER E 204 -5.34 37.34 16.48
N ILE E 205 -5.69 38.61 16.34
CA ILE E 205 -4.77 39.69 16.70
C ILE E 205 -4.66 39.83 18.21
N TYR E 206 -5.65 39.30 18.94
CA TYR E 206 -5.68 39.38 20.40
C TYR E 206 -4.74 38.40 21.07
N THR E 207 -4.22 37.41 20.33
CA THR E 207 -3.35 36.39 20.88
C THR E 207 -1.94 36.58 20.35
N LEU E 208 -0.95 36.38 21.22
CA LEU E 208 0.46 36.45 20.83
C LEU E 208 0.86 35.03 20.42
N SER E 209 0.88 34.76 19.11
CA SER E 209 1.08 33.42 18.60
C SER E 209 2.55 33.04 18.64
N ILE E 210 2.83 31.83 19.14
CA ILE E 210 4.18 31.34 19.34
C ILE E 210 4.35 30.00 18.63
N SER E 211 5.47 29.84 17.94
CA SER E 211 5.84 28.61 17.26
C SER E 211 7.06 28.00 17.95
N SER E 212 7.51 26.87 17.42
CA SER E 212 8.55 26.08 18.04
C SER E 212 9.78 25.97 17.13
N ALA E 213 10.94 25.83 17.76
CA ALA E 213 12.18 25.53 17.07
C ALA E 213 12.87 24.38 17.79
N THR E 214 13.54 23.52 17.02
CA THR E 214 14.24 22.41 17.64
C THR E 214 15.57 22.90 18.23
N GLN E 215 16.20 22.02 19.01
CA GLN E 215 17.43 22.40 19.69
C GLN E 215 18.51 22.80 18.70
N PHE E 216 18.59 22.11 17.56
CA PHE E 216 19.60 22.45 16.55
C PHE E 216 19.17 23.58 15.64
N GLY E 217 18.02 24.21 15.89
CA GLY E 217 17.60 25.36 15.12
C GLY E 217 16.86 25.03 13.84
N ASN E 218 16.07 23.96 13.85
CA ASN E 218 15.32 23.55 12.67
C ASN E 218 13.82 23.60 12.98
N VAL E 219 13.02 23.56 11.91
CA VAL E 219 11.57 23.56 12.01
C VAL E 219 11.09 22.18 12.42
N PRO E 220 10.44 22.02 13.59
CA PRO E 220 10.03 20.69 14.03
C PRO E 220 9.01 20.07 13.10
N TRP E 221 8.87 18.74 13.21
CA TRP E 221 7.98 18.01 12.31
C TRP E 221 6.52 18.43 12.51
N TYR E 222 6.16 18.81 13.73
CA TYR E 222 4.79 19.20 14.07
C TYR E 222 4.51 20.68 13.78
N SER E 223 5.52 21.43 13.36
CA SER E 223 5.36 22.87 13.21
C SER E 223 4.38 23.20 12.10
N GLU E 224 3.49 24.15 12.38
CA GLU E 224 2.58 24.70 11.38
C GLU E 224 3.07 26.09 10.98
N ALA E 225 3.09 26.35 9.68
CA ALA E 225 3.53 27.64 9.15
C ALA E 225 2.33 28.51 8.82
N CYS E 226 2.42 29.78 9.23
CA CYS E 226 1.42 30.77 8.87
C CYS E 226 1.98 32.15 9.14
N SER E 227 1.34 33.16 8.56
CA SER E 227 1.78 34.54 8.69
C SER E 227 1.29 35.20 9.97
N SER E 228 0.44 34.53 10.74
CA SER E 228 -0.09 35.09 11.98
C SER E 228 0.82 34.83 13.18
N THR E 229 1.78 33.91 13.05
CA THR E 229 2.72 33.67 14.14
C THR E 229 3.57 34.90 14.38
N LEU E 230 3.86 35.17 15.65
CA LEU E 230 4.65 36.34 16.03
C LEU E 230 6.10 35.99 16.34
N ALA E 231 6.35 35.02 17.21
CA ALA E 231 7.70 34.68 17.62
C ALA E 231 7.79 33.18 17.86
N THR E 232 8.98 32.74 18.29
CA THR E 232 9.26 31.32 18.45
C THR E 232 10.10 31.10 19.69
N THR E 233 9.82 30.01 20.41
CA THR E 233 10.69 29.52 21.47
C THR E 233 11.03 28.07 21.20
N TYR E 234 12.06 27.59 21.89
CA TYR E 234 12.55 26.24 21.67
C TYR E 234 11.55 25.19 22.17
N SER E 235 11.64 24.01 21.59
CA SER E 235 10.81 22.88 22.02
C SER E 235 11.45 21.60 21.48
N SER E 236 10.65 20.55 21.37
CA SER E 236 11.16 19.24 20.98
C SER E 236 11.40 19.17 19.47
N GLY E 237 12.26 18.22 19.10
CA GLY E 237 12.55 17.95 17.71
C GLY E 237 12.71 16.45 17.49
N ASN E 238 13.85 16.04 16.96
CA ASN E 238 14.13 14.63 16.74
C ASN E 238 14.76 14.03 17.99
N GLN E 239 15.09 12.74 17.93
CA GLN E 239 15.51 12.00 19.11
C GLN E 239 16.93 12.33 19.56
N ASN E 240 17.73 13.02 18.75
CA ASN E 240 19.03 13.49 19.18
C ASN E 240 18.96 14.87 19.83
N GLU E 241 17.79 15.48 19.86
CA GLU E 241 17.61 16.82 20.41
C GLU E 241 16.88 16.71 21.74
N LYS E 242 17.29 17.54 22.69
CA LYS E 242 16.69 17.53 24.02
C LYS E 242 15.31 18.16 23.96
N GLN E 243 14.52 17.92 25.00
CA GLN E 243 13.15 18.40 25.08
C GLN E 243 13.02 19.27 26.34
N ILE E 244 11.78 19.61 26.68
CA ILE E 244 11.49 20.55 27.75
C ILE E 244 11.41 19.80 29.08
N VAL E 245 12.12 20.32 30.08
CA VAL E 245 12.15 19.75 31.42
C VAL E 245 11.20 20.56 32.28
N THR E 246 10.18 19.90 32.84
CA THR E 246 9.18 20.62 33.61
C THR E 246 8.56 19.69 34.66
N THR E 247 7.55 20.21 35.36
CA THR E 247 6.81 19.43 36.33
C THR E 247 5.81 18.52 35.63
N ASP E 248 5.66 17.31 36.16
CA ASP E 248 4.75 16.33 35.59
C ASP E 248 3.73 15.89 36.63
N LEU E 249 2.67 15.24 36.15
CA LEU E 249 1.59 14.79 37.02
C LEU E 249 2.09 13.76 38.01
N ARG E 250 1.41 13.68 39.16
CA ARG E 250 1.78 12.79 40.26
C ARG E 250 3.10 13.21 40.90
N GLN E 251 3.29 14.52 41.09
CA GLN E 251 4.44 15.08 41.81
C GLN E 251 5.76 14.58 41.25
N LYS E 252 5.82 14.35 39.94
CA LYS E 252 7.03 13.86 39.30
C LYS E 252 7.69 14.96 38.47
N CYS E 253 8.86 14.63 37.92
CA CYS E 253 9.62 15.51 37.05
C CYS E 253 9.76 14.80 35.70
N THR E 254 9.68 15.58 34.62
CA THR E 254 9.78 15.03 33.28
C THR E 254 10.81 15.81 32.48
N GLU E 255 11.50 15.09 31.58
CA GLU E 255 12.47 15.68 30.67
C GLU E 255 12.03 15.54 29.22
N SER E 256 10.76 15.21 28.98
CA SER E 256 10.26 14.90 27.65
C SER E 256 8.94 15.60 27.36
N HIS E 257 8.84 16.87 27.72
CA HIS E 257 7.70 17.69 27.31
C HIS E 257 7.95 18.19 25.90
N THR E 258 6.99 17.98 25.00
CA THR E 258 7.21 18.14 23.57
C THR E 258 6.17 19.08 22.97
N GLY E 259 6.34 19.34 21.67
CA GLY E 259 5.34 20.03 20.89
C GLY E 259 5.27 21.52 21.14
N THR E 260 4.35 22.15 20.41
CA THR E 260 4.14 23.59 20.50
C THR E 260 3.46 23.98 21.81
N SER E 261 2.88 23.02 22.54
CA SER E 261 2.39 23.30 23.88
C SER E 261 3.53 23.58 24.86
N ALA E 262 4.75 23.18 24.52
CA ALA E 262 5.91 23.48 25.35
C ALA E 262 6.53 24.83 25.01
N SER E 263 6.08 25.48 23.96
CA SER E 263 6.60 26.79 23.56
C SER E 263 5.77 27.93 24.12
N ALA E 264 4.45 27.80 24.12
CA ALA E 264 3.60 28.88 24.63
C ALA E 264 3.89 29.22 26.07
N PRO E 265 3.99 28.28 27.01
CA PRO E 265 4.29 28.67 28.40
C PRO E 265 5.66 29.32 28.56
N LEU E 266 6.66 28.89 27.80
CA LEU E 266 7.97 29.55 27.86
C LEU E 266 7.85 31.01 27.44
N ALA E 267 7.08 31.29 26.39
CA ALA E 267 6.85 32.67 25.98
C ALA E 267 6.09 33.45 27.04
N ALA E 268 5.07 32.82 27.65
CA ALA E 268 4.32 33.50 28.70
C ALA E 268 5.23 33.84 29.88
N GLY E 269 6.16 32.95 30.21
CA GLY E 269 7.11 33.25 31.27
C GLY E 269 8.03 34.40 30.91
N ILE E 270 8.53 34.41 29.67
CA ILE E 270 9.38 35.52 29.23
C ILE E 270 8.58 36.82 29.24
N ILE E 271 7.30 36.75 28.87
CA ILE E 271 6.44 37.92 28.95
C ILE E 271 6.24 38.33 30.41
N ALA E 272 6.15 37.36 31.32
CA ALA E 272 6.05 37.68 32.73
C ALA E 272 7.28 38.42 33.23
N LEU E 273 8.47 38.03 32.76
CA LEU E 273 9.67 38.78 33.09
C LEU E 273 9.60 40.19 32.53
N THR E 274 9.07 40.33 31.32
CA THR E 274 8.97 41.64 30.69
C THR E 274 7.99 42.53 31.45
N LEU E 275 6.87 41.96 31.90
CA LEU E 275 5.90 42.77 32.64
C LEU E 275 6.46 43.26 33.97
N GLU E 276 7.37 42.49 34.58
CA GLU E 276 8.00 42.98 35.81
C GLU E 276 8.91 44.17 35.52
N ALA E 277 9.56 44.17 34.35
CA ALA E 277 10.42 45.29 33.98
C ALA E 277 9.62 46.54 33.63
N ASN E 278 8.33 46.40 33.27
CA ASN E 278 7.48 47.54 32.98
C ASN E 278 6.03 47.08 33.11
N LYS E 279 5.40 47.38 34.24
CA LYS E 279 4.04 46.93 34.46
C LYS E 279 3.00 47.79 33.73
N ASN E 280 3.37 48.92 33.14
CA ASN E 280 2.42 49.72 32.40
C ASN E 280 2.24 49.27 30.95
N LEU E 281 2.93 48.20 30.54
CA LEU E 281 2.85 47.75 29.15
C LEU E 281 1.43 47.28 28.82
N THR E 282 0.93 47.73 27.66
CA THR E 282 -0.36 47.29 27.16
C THR E 282 -0.20 45.99 26.36
N TRP E 283 -1.34 45.41 25.98
CA TRP E 283 -1.32 44.17 25.22
C TRP E 283 -0.69 44.37 23.84
N ARG E 284 -0.84 45.57 23.27
CA ARG E 284 -0.18 45.86 22.01
C ARG E 284 1.30 46.19 22.21
N ASP E 285 1.64 46.90 23.29
CA ASP E 285 3.04 47.13 23.60
C ASP E 285 3.82 45.82 23.63
N MET E 286 3.25 44.80 24.27
CA MET E 286 3.97 43.53 24.40
C MET E 286 4.25 42.93 23.03
N GLN E 287 3.31 43.06 22.10
CA GLN E 287 3.54 42.54 20.75
C GLN E 287 4.59 43.35 20.02
N HIS E 288 4.59 44.67 20.21
CA HIS E 288 5.64 45.49 19.62
C HIS E 288 7.01 45.08 20.13
N LEU E 289 7.14 44.82 21.43
CA LEU E 289 8.43 44.43 21.99
C LEU E 289 8.90 43.10 21.41
N VAL E 290 7.98 42.14 21.28
CA VAL E 290 8.35 40.84 20.73
C VAL E 290 8.85 40.99 19.31
N VAL E 291 8.16 41.81 18.50
CA VAL E 291 8.58 42.01 17.11
C VAL E 291 10.00 42.58 17.06
N GLN E 292 10.29 43.56 17.92
CA GLN E 292 11.55 44.29 17.81
C GLN E 292 12.74 43.48 18.34
N THR E 293 12.54 42.65 19.36
CA THR E 293 13.65 41.99 20.03
C THR E 293 13.85 40.54 19.62
N SER E 294 12.90 39.94 18.89
CA SER E 294 13.02 38.53 18.54
C SER E 294 14.20 38.33 17.59
N LYS E 295 14.97 37.26 17.84
CA LYS E 295 16.23 37.04 17.14
C LYS E 295 16.06 35.93 16.12
N PRO E 296 16.23 36.22 14.82
CA PRO E 296 16.20 35.13 13.82
C PRO E 296 17.46 34.28 13.81
N ALA E 297 18.52 34.73 14.50
CA ALA E 297 19.82 34.08 14.41
C ALA E 297 19.73 32.60 14.74
N HIS E 298 20.37 31.80 13.89
CA HIS E 298 20.55 30.36 14.07
C HIS E 298 19.23 29.60 14.00
N LEU E 299 18.20 30.19 13.41
CA LEU E 299 16.95 29.48 13.13
C LEU E 299 16.89 29.26 11.63
N ASN E 300 17.00 28.00 11.23
CA ASN E 300 17.07 27.63 9.82
C ASN E 300 15.68 27.46 9.24
N ALA E 301 15.40 28.23 8.20
CA ALA E 301 14.16 28.15 7.44
C ALA E 301 14.47 28.57 6.01
N ASN E 302 13.78 27.97 5.05
CA ASN E 302 14.04 28.29 3.66
C ASN E 302 13.21 29.46 3.15
N ASP E 303 12.43 30.10 4.02
CA ASP E 303 11.52 31.17 3.61
C ASP E 303 11.78 32.47 4.37
N TRP E 304 12.97 32.65 4.94
CA TRP E 304 13.30 33.91 5.58
C TRP E 304 13.23 35.04 4.57
N ALA E 305 12.41 36.05 4.85
CA ALA E 305 12.24 37.18 3.97
C ALA E 305 12.28 38.47 4.79
N THR E 306 12.99 39.47 4.28
CA THR E 306 13.11 40.76 4.95
C THR E 306 11.97 41.66 4.48
N ASN E 307 11.27 42.29 5.43
CA ASN E 307 10.11 43.08 5.11
C ASN E 307 10.51 44.54 4.88
N GLY E 308 9.52 45.41 4.74
CA GLY E 308 9.76 46.80 4.38
C GLY E 308 10.51 47.60 5.41
N VAL E 309 10.51 47.17 6.67
CA VAL E 309 11.23 47.87 7.73
C VAL E 309 12.54 47.18 8.09
N GLY E 310 12.99 46.25 7.26
CA GLY E 310 14.29 45.63 7.46
C GLY E 310 14.35 44.53 8.49
N ARG E 311 13.20 43.97 8.88
CA ARG E 311 13.17 42.90 9.86
C ARG E 311 13.01 41.56 9.15
N LYS E 312 13.89 40.62 9.46
CA LYS E 312 13.72 39.26 8.95
C LYS E 312 12.47 38.64 9.55
N VAL E 313 11.69 37.96 8.72
CA VAL E 313 10.44 37.35 9.18
C VAL E 313 10.24 36.04 8.42
N SER E 314 9.79 35.02 9.14
CA SER E 314 9.56 33.70 8.59
C SER E 314 8.15 33.25 8.94
N HIS E 315 7.58 32.39 8.10
CA HIS E 315 6.27 31.84 8.38
C HIS E 315 6.31 30.69 9.37
N SER E 316 7.48 30.09 9.58
CA SER E 316 7.66 29.05 10.57
C SER E 316 8.11 29.58 11.92
N TYR E 317 8.77 30.74 11.94
CA TYR E 317 9.38 31.28 13.15
C TYR E 317 8.86 32.64 13.55
N GLY E 318 8.00 33.28 12.74
CA GLY E 318 7.62 34.65 13.01
C GLY E 318 8.84 35.54 12.89
N TYR E 319 9.00 36.45 13.84
CA TYR E 319 10.15 37.34 13.85
C TYR E 319 11.38 36.71 14.49
N GLY E 320 11.27 35.46 14.94
CA GLY E 320 12.42 34.74 15.41
C GLY E 320 12.34 34.27 16.84
N LEU E 321 13.50 33.92 17.38
CA LEU E 321 13.59 33.40 18.74
C LEU E 321 13.41 34.52 19.76
N LEU E 322 12.65 34.22 20.81
CA LEU E 322 12.45 35.19 21.88
C LEU E 322 13.76 35.43 22.62
N ASP E 323 14.03 36.70 22.93
CA ASP E 323 15.24 37.12 23.65
C ASP E 323 14.79 37.81 24.93
N ALA E 324 14.79 37.06 26.03
CA ALA E 324 14.29 37.60 27.30
C ALA E 324 15.14 38.78 27.77
N GLY E 325 16.46 38.68 27.63
CA GLY E 325 17.31 39.79 28.01
C GLY E 325 17.00 41.06 27.24
N ALA E 326 16.78 40.92 25.93
CA ALA E 326 16.44 42.09 25.13
C ALA E 326 15.02 42.57 25.42
N MET E 327 14.11 41.65 25.76
CA MET E 327 12.73 42.03 26.06
C MET E 327 12.67 42.94 27.28
N VAL E 328 13.27 42.52 28.39
CA VAL E 328 13.15 43.31 29.61
C VAL E 328 13.92 44.63 29.47
N ALA E 329 15.03 44.63 28.75
CA ALA E 329 15.81 45.85 28.60
C ALA E 329 15.03 46.91 27.81
N LEU E 330 14.35 46.49 26.75
CA LEU E 330 13.59 47.44 25.92
C LEU E 330 12.31 47.88 26.62
N ALA E 331 11.75 47.05 27.50
CA ALA E 331 10.54 47.42 28.20
C ALA E 331 10.79 48.57 29.19
N GLN E 332 12.00 48.63 29.74
CA GLN E 332 12.27 49.60 30.80
C GLN E 332 12.04 51.02 30.33
N ASN E 333 12.44 51.34 29.10
CA ASN E 333 12.25 52.67 28.55
C ASN E 333 11.19 52.71 27.45
N TRP E 334 10.41 51.64 27.30
CA TRP E 334 9.41 51.63 26.23
C TRP E 334 8.35 52.70 26.45
N THR E 335 8.01 53.40 25.38
CA THR E 335 6.92 54.37 25.38
C THR E 335 5.66 53.69 24.88
N THR E 336 4.59 53.77 25.66
CA THR E 336 3.33 53.16 25.27
C THR E 336 2.88 53.68 23.91
N VAL E 337 2.43 52.76 23.05
CA VAL E 337 2.04 53.12 21.69
C VAL E 337 0.71 53.88 21.71
N ALA E 338 0.43 54.56 20.61
CA ALA E 338 -0.77 55.36 20.48
C ALA E 338 -2.01 54.47 20.33
N PRO E 339 -3.20 55.02 20.59
CA PRO E 339 -4.42 54.23 20.48
C PRO E 339 -4.53 53.48 19.16
N GLN E 340 -5.04 52.25 19.24
CA GLN E 340 -5.15 51.42 18.04
C GLN E 340 -6.17 52.01 17.08
N ARG E 341 -5.84 51.98 15.80
CA ARG E 341 -6.73 52.43 14.74
C ARG E 341 -7.07 51.25 13.83
N LYS E 342 -8.29 51.25 13.31
CA LYS E 342 -8.80 50.16 12.49
C LYS E 342 -9.40 50.74 11.22
N CYS E 343 -8.72 50.52 10.09
CA CYS E 343 -9.13 51.01 8.79
C CYS E 343 -9.70 49.84 7.98
N ILE E 344 -10.96 49.95 7.57
CA ILE E 344 -11.65 48.90 6.84
C ILE E 344 -11.78 49.33 5.39
N ILE E 345 -11.28 48.51 4.47
CA ILE E 345 -11.25 48.82 3.06
C ILE E 345 -11.87 47.66 2.30
N ASP E 346 -13.06 47.89 1.73
CA ASP E 346 -13.70 46.93 0.83
C ASP E 346 -13.04 47.01 -0.54
N ILE E 347 -12.55 45.88 -1.03
CA ILE E 347 -11.75 45.84 -2.25
C ILE E 347 -12.60 45.50 -3.47
N LEU E 348 -13.40 44.44 -3.39
CA LEU E 348 -14.12 43.93 -4.56
C LEU E 348 -15.37 44.78 -4.81
N THR E 349 -15.52 45.24 -6.05
CA THR E 349 -16.74 45.88 -6.52
C THR E 349 -17.66 44.91 -7.25
N GLU E 350 -17.14 43.75 -7.64
CA GLU E 350 -17.91 42.72 -8.33
C GLU E 350 -17.25 41.38 -7.99
N PRO E 351 -18.02 40.29 -7.97
CA PRO E 351 -17.42 38.99 -7.70
C PRO E 351 -16.39 38.61 -8.74
N LYS E 352 -15.35 37.90 -8.30
CA LYS E 352 -14.25 37.46 -9.15
C LYS E 352 -14.24 35.95 -9.25
N ASP E 353 -14.09 35.45 -10.47
CA ASP E 353 -13.95 34.02 -10.70
C ASP E 353 -12.51 33.63 -10.38
N ILE E 354 -12.35 32.58 -9.58
CA ILE E 354 -11.02 32.16 -9.14
C ILE E 354 -10.32 31.38 -10.26
N GLY E 355 -10.92 30.27 -10.68
CA GLY E 355 -10.33 29.47 -11.74
C GLY E 355 -8.95 28.96 -11.37
N LYS E 356 -8.00 29.15 -12.30
CA LYS E 356 -6.66 28.63 -12.10
C LYS E 356 -5.81 29.58 -11.27
N ARG E 357 -5.97 30.88 -11.47
CA ARG E 357 -5.17 31.88 -10.78
C ARG E 357 -5.93 33.21 -10.78
N LEU E 358 -5.91 33.90 -9.64
CA LEU E 358 -6.56 35.19 -9.51
C LEU E 358 -5.61 36.15 -8.80
N GLU E 359 -5.51 37.36 -9.34
CA GLU E 359 -4.70 38.43 -8.77
C GLU E 359 -5.58 39.66 -8.65
N VAL E 360 -5.69 40.20 -7.44
CA VAL E 360 -6.51 41.37 -7.16
C VAL E 360 -5.59 42.48 -6.67
N ARG E 361 -5.50 43.55 -7.45
CA ARG E 361 -4.66 44.70 -7.13
C ARG E 361 -5.55 45.88 -6.76
N LYS E 362 -5.18 46.59 -5.69
CA LYS E 362 -5.93 47.75 -5.25
C LYS E 362 -4.98 48.71 -4.53
N THR E 363 -5.00 49.97 -4.95
CA THR E 363 -4.23 51.02 -4.30
C THR E 363 -5.11 51.67 -3.23
N VAL E 364 -4.63 51.66 -1.98
CA VAL E 364 -5.38 52.16 -0.85
C VAL E 364 -4.66 53.37 -0.26
N THR E 365 -5.43 54.24 0.39
CA THR E 365 -4.89 55.39 1.10
C THR E 365 -4.81 55.15 2.60
N ALA E 366 -5.26 53.99 3.07
CA ALA E 366 -5.24 53.66 4.50
C ALA E 366 -5.97 54.71 5.31
N CYS E 367 -7.19 55.02 4.90
CA CYS E 367 -8.06 55.97 5.61
C CYS E 367 -7.41 57.34 5.72
N LEU E 368 -6.77 57.78 4.64
CA LEU E 368 -6.18 59.12 4.62
C LEU E 368 -7.27 60.16 4.79
N GLY E 369 -7.04 61.13 5.67
CA GLY E 369 -7.99 62.19 5.92
C GLY E 369 -9.08 61.87 6.93
N GLU E 370 -9.12 60.65 7.47
CA GLU E 370 -10.12 60.27 8.47
C GLU E 370 -9.44 59.94 9.78
N PRO E 371 -10.20 59.79 10.88
CA PRO E 371 -9.57 59.49 12.17
C PRO E 371 -8.87 58.14 12.25
N ASN E 372 -9.12 57.21 11.33
CA ASN E 372 -8.48 55.91 11.34
C ASN E 372 -7.30 55.83 10.37
N HIS E 373 -6.76 56.98 9.96
CA HIS E 373 -5.57 56.99 9.11
C HIS E 373 -4.44 56.23 9.79
N ILE E 374 -3.87 55.27 9.06
CA ILE E 374 -2.77 54.44 9.56
C ILE E 374 -1.56 54.65 8.67
N THR E 375 -0.44 55.04 9.29
CA THR E 375 0.86 55.12 8.64
C THR E 375 1.85 54.11 9.18
N ARG E 376 1.61 53.59 10.39
CA ARG E 376 2.42 52.56 11.03
C ARG E 376 1.52 51.34 11.19
N LEU E 377 1.77 50.31 10.39
CA LEU E 377 0.90 49.14 10.40
C LEU E 377 1.26 48.20 11.53
N GLU E 378 0.23 47.54 12.08
CA GLU E 378 0.41 46.50 13.07
C GLU E 378 -0.06 45.20 12.44
N HIS E 379 -1.24 44.70 12.79
CA HIS E 379 -1.78 43.52 12.12
C HIS E 379 -2.49 43.92 10.84
N ALA E 380 -2.43 43.03 9.85
CA ALA E 380 -3.19 43.16 8.62
C ALA E 380 -4.04 41.92 8.44
N GLN E 381 -5.29 42.12 8.02
CA GLN E 381 -6.24 41.03 7.82
C GLN E 381 -6.80 41.10 6.41
N ALA E 382 -7.05 39.93 5.85
CA ALA E 382 -7.75 39.80 4.57
C ALA E 382 -9.00 38.96 4.85
N ARG E 383 -10.15 39.62 4.99
CA ARG E 383 -11.40 38.93 5.22
C ARG E 383 -11.94 38.47 3.87
N LEU E 384 -11.87 37.17 3.63
CA LEU E 384 -12.18 36.58 2.33
C LEU E 384 -13.44 35.73 2.45
N THR E 385 -14.37 35.94 1.52
CA THR E 385 -15.53 35.07 1.36
C THR E 385 -15.47 34.52 -0.06
N LEU E 386 -15.18 33.23 -0.19
CA LEU E 386 -15.04 32.60 -1.49
C LEU E 386 -15.65 31.21 -1.47
N SER E 387 -16.06 30.76 -2.64
CA SER E 387 -16.52 29.40 -2.86
C SER E 387 -15.47 28.64 -3.66
N TYR E 388 -15.37 27.33 -3.38
CA TYR E 388 -14.43 26.49 -4.09
C TYR E 388 -14.88 25.04 -3.91
N ASN E 389 -14.42 24.19 -4.83
CA ASN E 389 -14.78 22.77 -4.81
C ASN E 389 -13.82 21.92 -4.00
N ARG E 390 -12.57 22.36 -3.82
CA ARG E 390 -11.58 21.66 -2.99
C ARG E 390 -10.72 22.71 -2.30
N ARG E 391 -11.11 23.08 -1.08
CA ARG E 391 -10.46 24.17 -0.37
C ARG E 391 -8.96 23.93 -0.24
N GLY E 392 -8.56 22.68 -0.07
CA GLY E 392 -7.15 22.37 0.15
C GLY E 392 -6.24 22.72 -1.01
N ASP E 393 -6.79 22.91 -2.22
CA ASP E 393 -5.94 23.28 -3.35
C ASP E 393 -5.54 24.73 -3.36
N LEU E 394 -6.26 25.56 -2.64
CA LEU E 394 -6.02 26.98 -2.70
C LEU E 394 -4.78 27.36 -1.91
N ALA E 395 -4.02 28.30 -2.47
CA ALA E 395 -2.96 29.00 -1.77
C ALA E 395 -3.21 30.49 -1.96
N ILE E 396 -3.21 31.23 -0.86
CA ILE E 396 -3.55 32.65 -0.86
C ILE E 396 -2.34 33.45 -0.37
N HIS E 397 -1.98 34.49 -1.12
CA HIS E 397 -0.88 35.37 -0.75
C HIS E 397 -1.35 36.82 -0.78
N LEU E 398 -0.72 37.63 0.06
CA LEU E 398 -1.01 39.06 0.16
C LEU E 398 0.30 39.82 0.15
N VAL E 399 0.43 40.78 -0.76
CA VAL E 399 1.64 41.56 -0.91
C VAL E 399 1.34 43.01 -0.53
N SER E 400 2.12 43.55 0.41
CA SER E 400 1.99 44.93 0.84
C SER E 400 2.68 45.88 -0.14
N PRO E 401 2.31 47.16 -0.12
CA PRO E 401 2.98 48.12 -1.01
C PRO E 401 4.50 48.12 -0.89
N MET E 402 5.04 47.85 0.29
CA MET E 402 6.48 47.81 0.47
C MET E 402 7.09 46.56 -0.14
N GLY E 403 6.27 45.62 -0.61
CA GLY E 403 6.76 44.41 -1.25
C GLY E 403 6.81 43.18 -0.39
N THR E 404 6.23 43.21 0.81
CA THR E 404 6.27 42.08 1.72
C THR E 404 5.21 41.05 1.32
N ARG E 405 5.66 39.85 0.94
CA ARG E 405 4.78 38.78 0.47
C ARG E 405 4.39 37.89 1.65
N SER E 406 3.13 37.94 2.05
CA SER E 406 2.60 37.13 3.14
C SER E 406 1.78 35.98 2.56
N THR E 407 2.06 34.76 3.02
CA THR E 407 1.29 33.58 2.64
C THR E 407 0.16 33.45 3.64
N LEU E 408 -1.05 33.82 3.22
CA LEU E 408 -2.21 33.70 4.09
C LEU E 408 -2.70 32.27 4.19
N LEU E 409 -2.56 31.49 3.11
CA LEU E 409 -2.99 30.11 3.09
C LEU E 409 -2.07 29.31 2.18
N ALA E 410 -1.56 28.20 2.70
CA ALA E 410 -0.80 27.24 1.92
C ALA E 410 -1.67 26.03 1.58
N ALA E 411 -1.25 25.29 0.55
CA ALA E 411 -1.98 24.10 0.15
C ALA E 411 -2.11 23.12 1.32
N ARG E 412 -3.33 22.65 1.57
CA ARG E 412 -3.60 21.66 2.60
C ARG E 412 -4.10 20.38 1.94
N PRO E 413 -3.23 19.39 1.70
CA PRO E 413 -3.63 18.23 0.90
C PRO E 413 -4.79 17.43 1.49
N HIS E 414 -5.04 17.50 2.78
CA HIS E 414 -6.12 16.76 3.41
C HIS E 414 -7.43 17.53 3.44
N ASP E 415 -7.44 18.78 2.98
CA ASP E 415 -8.63 19.62 3.06
C ASP E 415 -9.44 19.48 1.77
N TYR E 416 -10.38 18.53 1.77
CA TYR E 416 -11.26 18.28 0.63
C TYR E 416 -12.61 18.97 0.77
N SER E 417 -12.70 19.99 1.62
CA SER E 417 -13.97 20.67 1.84
C SER E 417 -14.38 21.47 0.61
N ALA E 418 -15.70 21.57 0.40
CA ALA E 418 -16.26 22.37 -0.66
C ALA E 418 -17.01 23.59 -0.13
N ASP E 419 -16.92 23.85 1.18
CA ASP E 419 -17.59 24.99 1.79
C ASP E 419 -16.84 26.30 1.58
N GLY E 420 -15.60 26.26 1.10
CA GLY E 420 -14.84 27.48 0.89
C GLY E 420 -14.59 28.20 2.20
N PHE E 421 -14.61 29.54 2.12
CA PHE E 421 -14.39 30.39 3.28
C PHE E 421 -15.51 31.42 3.35
N ASN E 422 -16.00 31.69 4.55
CA ASN E 422 -17.08 32.66 4.78
C ASN E 422 -16.53 33.75 5.70
N ASP E 423 -16.16 34.88 5.11
CA ASP E 423 -15.65 36.03 5.86
C ASP E 423 -14.57 35.63 6.86
N TRP E 424 -13.63 34.79 6.41
CA TRP E 424 -12.52 34.35 7.24
C TRP E 424 -11.40 35.36 7.16
N ALA E 425 -10.92 35.81 8.32
CA ALA E 425 -9.96 36.91 8.42
C ALA E 425 -8.54 36.34 8.53
N PHE E 426 -7.94 36.06 7.37
CA PHE E 426 -6.52 35.68 7.34
C PHE E 426 -5.67 36.85 7.82
N MET E 427 -4.85 36.62 8.83
CA MET E 427 -4.06 37.67 9.47
C MET E 427 -2.58 37.48 9.18
N THR E 428 -1.86 38.60 9.07
CA THR E 428 -0.42 38.59 8.86
C THR E 428 0.27 39.60 9.78
N THR E 429 1.41 39.19 10.34
CA THR E 429 2.24 40.06 11.16
C THR E 429 3.54 40.46 10.47
N HIS E 430 3.69 40.12 9.19
CA HIS E 430 4.97 40.32 8.50
C HIS E 430 5.14 41.75 8.01
N SER E 431 4.07 42.53 7.95
CA SER E 431 4.13 43.94 7.58
C SER E 431 4.08 44.86 8.80
N TRP E 432 4.46 44.36 9.96
CA TRP E 432 4.46 45.17 11.18
C TRP E 432 5.32 46.41 11.00
N ASP E 433 4.77 47.56 11.37
CA ASP E 433 5.41 48.88 11.30
C ASP E 433 5.59 49.40 9.88
N GLU E 434 4.99 48.76 8.88
CA GLU E 434 5.11 49.25 7.52
C GLU E 434 4.11 50.36 7.26
N ASP E 435 4.36 51.11 6.18
CA ASP E 435 3.41 52.10 5.68
C ASP E 435 2.39 51.39 4.80
N PRO E 436 1.11 51.34 5.20
CA PRO E 436 0.13 50.60 4.39
C PRO E 436 -0.32 51.31 3.12
N SER E 437 0.07 52.55 2.90
CA SER E 437 -0.38 53.29 1.73
C SER E 437 0.31 52.76 0.47
N GLY E 438 -0.48 52.50 -0.57
CA GLY E 438 0.03 52.05 -1.84
C GLY E 438 -0.81 50.91 -2.37
N GLU E 439 -0.23 50.14 -3.28
CA GLU E 439 -0.92 49.05 -3.95
C GLU E 439 -0.77 47.76 -3.14
N TRP E 440 -1.89 47.18 -2.74
CA TRP E 440 -1.94 45.85 -2.15
C TRP E 440 -2.36 44.86 -3.23
N VAL E 441 -1.73 43.68 -3.22
CA VAL E 441 -2.00 42.64 -4.20
C VAL E 441 -2.41 41.38 -3.46
N LEU E 442 -3.56 40.83 -3.83
CA LEU E 442 -4.02 39.55 -3.32
C LEU E 442 -3.88 38.51 -4.43
N GLU E 443 -3.34 37.35 -4.07
CA GLU E 443 -3.11 36.26 -5.01
C GLU E 443 -3.82 35.01 -4.51
N ILE E 444 -4.63 34.41 -5.38
CA ILE E 444 -5.33 33.15 -5.10
C ILE E 444 -5.07 32.23 -6.29
N GLU E 445 -4.37 31.12 -6.05
CA GLU E 445 -4.00 30.20 -7.11
C GLU E 445 -4.32 28.76 -6.72
N ASN E 446 -4.67 27.98 -7.74
CA ASN E 446 -4.90 26.55 -7.59
C ASN E 446 -3.57 25.82 -7.70
N THR E 447 -3.17 25.15 -6.61
CA THR E 447 -1.88 24.48 -6.58
C THR E 447 -1.90 23.10 -7.24
N SER E 448 -3.08 22.55 -7.51
CA SER E 448 -3.21 21.25 -8.15
C SER E 448 -3.51 21.42 -9.64
N GLU E 449 -3.38 20.33 -10.37
CA GLU E 449 -3.62 20.31 -11.81
C GLU E 449 -5.08 20.07 -12.17
N ALA E 450 -5.93 19.78 -11.19
CA ALA E 450 -7.33 19.50 -11.45
C ALA E 450 -8.09 20.75 -11.87
N ASN E 451 -9.18 20.54 -12.59
CA ASN E 451 -10.05 21.63 -13.04
C ASN E 451 -10.98 22.00 -11.89
N ASN E 452 -10.52 22.93 -11.05
CA ASN E 452 -11.28 23.44 -9.93
C ASN E 452 -11.96 24.76 -10.32
N TYR E 453 -12.99 25.13 -9.55
CA TYR E 453 -13.79 26.29 -9.88
C TYR E 453 -14.30 26.92 -8.60
N GLY E 454 -14.54 28.23 -8.66
CA GLY E 454 -15.04 28.96 -7.52
C GLY E 454 -15.01 30.45 -7.77
N THR E 455 -15.62 31.18 -6.84
CA THR E 455 -15.78 32.62 -6.97
C THR E 455 -15.38 33.29 -5.66
N LEU E 456 -14.61 34.37 -5.77
CA LEU E 456 -14.30 35.24 -4.64
C LEU E 456 -15.35 36.35 -4.61
N THR E 457 -16.18 36.37 -3.56
CA THR E 457 -17.30 37.29 -3.50
C THR E 457 -17.08 38.47 -2.57
N LYS E 458 -16.08 38.42 -1.70
CA LYS E 458 -15.79 39.55 -0.81
C LYS E 458 -14.34 39.50 -0.37
N PHE E 459 -13.66 40.65 -0.44
CA PHE E 459 -12.27 40.79 0.00
C PHE E 459 -12.18 42.12 0.73
N THR E 460 -12.23 42.07 2.06
CA THR E 460 -12.10 43.25 2.90
C THR E 460 -10.70 43.29 3.49
N LEU E 461 -9.95 44.35 3.19
CA LEU E 461 -8.61 44.53 3.71
C LEU E 461 -8.71 45.35 4.99
N VAL E 462 -8.38 44.72 6.11
CA VAL E 462 -8.49 45.34 7.43
C VAL E 462 -7.08 45.66 7.92
N LEU E 463 -6.81 46.94 8.13
CA LEU E 463 -5.51 47.41 8.57
C LEU E 463 -5.61 47.87 10.02
N TYR E 464 -4.62 47.47 10.82
CA TYR E 464 -4.50 47.91 12.21
C TYR E 464 -3.18 48.63 12.39
N GLY E 465 -3.17 49.64 13.25
CA GLY E 465 -1.94 50.34 13.55
C GLY E 465 -2.21 51.74 14.09
N THR E 466 -1.20 52.59 13.96
CA THR E 466 -1.21 53.95 14.48
C THR E 466 -0.77 54.91 13.39
N ALA E 467 -0.83 56.20 13.72
CA ALA E 467 -0.40 57.25 12.80
C ALA E 467 0.96 57.81 13.21
N GLN F 15 -23.23 16.09 20.80
CA GLN F 15 -22.75 17.31 20.17
C GLN F 15 -23.32 18.55 20.85
N PHE F 16 -24.64 18.73 20.74
CA PHE F 16 -25.31 19.84 21.39
C PHE F 16 -25.60 19.49 22.84
N VAL F 17 -25.56 20.50 23.71
CA VAL F 17 -25.84 20.32 25.13
C VAL F 17 -27.07 21.15 25.47
N ASN F 18 -27.57 20.94 26.70
CA ASN F 18 -28.76 21.66 27.16
C ASN F 18 -28.38 22.93 27.91
N GLU F 19 -27.56 23.75 27.27
CA GLU F 19 -27.14 25.04 27.80
C GLU F 19 -27.33 26.07 26.70
N TRP F 20 -27.87 27.23 27.05
CA TRP F 20 -28.12 28.30 26.09
C TRP F 20 -27.45 29.59 26.55
N ALA F 21 -26.72 30.22 25.64
CA ALA F 21 -26.10 31.51 25.89
C ALA F 21 -26.94 32.61 25.25
N ALA F 22 -27.23 33.65 26.03
CA ALA F 22 -28.06 34.76 25.55
C ALA F 22 -27.45 36.09 25.98
N GLU F 23 -27.49 37.06 25.09
CA GLU F 23 -27.08 38.43 25.40
C GLU F 23 -28.31 39.21 25.85
N ILE F 24 -28.30 39.69 27.09
CA ILE F 24 -29.45 40.34 27.70
C ILE F 24 -29.01 41.69 28.26
N PRO F 25 -29.27 42.79 27.53
CA PRO F 25 -28.81 44.11 28.02
C PRO F 25 -29.50 44.58 29.29
N GLY F 26 -30.62 44.00 29.67
CA GLY F 26 -31.36 44.47 30.84
C GLY F 26 -30.64 44.23 32.16
N GLY F 27 -29.65 43.35 32.17
CA GLY F 27 -28.90 43.07 33.38
C GLY F 27 -29.33 41.78 34.04
N PRO F 28 -28.77 41.51 35.22
CA PRO F 28 -29.12 40.25 35.90
C PRO F 28 -30.59 40.14 36.22
N GLU F 29 -31.24 41.26 36.56
CA GLU F 29 -32.67 41.22 36.85
C GLU F 29 -33.46 40.69 35.66
N ALA F 30 -33.10 41.11 34.44
CA ALA F 30 -33.80 40.64 33.26
C ALA F 30 -33.51 39.16 33.00
N ALA F 31 -32.25 38.76 33.09
CA ALA F 31 -31.91 37.36 32.89
C ALA F 31 -32.59 36.48 33.92
N SER F 32 -32.81 37.00 35.13
CA SER F 32 -33.52 36.24 36.15
C SER F 32 -35.00 36.12 35.80
N ALA F 33 -35.62 37.21 35.35
CA ALA F 33 -37.04 37.17 34.97
C ALA F 33 -37.25 36.28 33.75
N ILE F 34 -36.38 36.38 32.75
CA ILE F 34 -36.47 35.53 31.57
C ILE F 34 -36.40 34.07 31.98
N ALA F 35 -35.44 33.75 32.85
CA ALA F 35 -35.27 32.37 33.30
C ALA F 35 -36.54 31.83 33.94
N GLU F 36 -37.14 32.61 34.85
CA GLU F 36 -38.34 32.16 35.54
C GLU F 36 -39.53 32.10 34.59
N GLU F 37 -39.74 33.17 33.83
CA GLU F 37 -40.90 33.27 32.95
C GLU F 37 -40.85 32.23 31.84
N LEU F 38 -39.71 32.10 31.16
CA LEU F 38 -39.63 31.18 30.03
C LEU F 38 -39.39 29.75 30.45
N GLY F 39 -38.93 29.52 31.69
CA GLY F 39 -38.78 28.17 32.18
C GLY F 39 -37.37 27.65 32.08
N TYR F 40 -36.40 28.52 32.37
CA TYR F 40 -34.99 28.16 32.35
C TYR F 40 -34.41 28.27 33.75
N ASP F 41 -33.18 27.76 33.89
CA ASP F 41 -32.40 27.89 35.11
C ASP F 41 -31.21 28.79 34.77
N LEU F 42 -31.21 30.00 35.34
CA LEU F 42 -30.13 30.94 35.10
C LEU F 42 -28.88 30.48 35.84
N LEU F 43 -27.84 30.14 35.08
CA LEU F 43 -26.58 29.71 35.66
C LEU F 43 -25.68 30.88 36.03
N GLY F 44 -25.93 32.05 35.45
CA GLY F 44 -25.24 33.27 35.81
C GLY F 44 -24.55 33.89 34.62
N GLN F 45 -23.75 34.91 34.91
CA GLN F 45 -23.00 35.62 33.89
C GLN F 45 -21.90 34.73 33.35
N ILE F 46 -21.61 34.85 32.05
CA ILE F 46 -20.58 34.05 31.42
C ILE F 46 -19.25 34.81 31.53
N GLY F 47 -18.36 34.29 32.37
CA GLY F 47 -17.06 34.90 32.55
C GLY F 47 -17.15 36.36 32.94
N SER F 48 -16.44 37.20 32.19
CA SER F 48 -16.43 38.64 32.39
C SER F 48 -17.39 39.37 31.47
N LEU F 49 -18.14 38.66 30.65
CA LEU F 49 -19.07 39.25 29.69
C LEU F 49 -20.27 39.82 30.45
N GLU F 50 -20.27 41.14 30.65
CA GLU F 50 -21.26 41.78 31.52
C GLU F 50 -22.69 41.32 31.33
N ASN F 51 -23.20 41.36 30.09
CA ASN F 51 -24.61 41.10 29.84
C ASN F 51 -24.82 39.80 29.07
N HIS F 52 -23.94 38.82 29.28
CA HIS F 52 -24.07 37.50 28.68
C HIS F 52 -24.27 36.49 29.80
N TYR F 53 -25.37 35.74 29.73
CA TYR F 53 -25.74 34.78 30.75
C TYR F 53 -25.93 33.41 30.12
N LEU F 54 -25.77 32.38 30.94
CA LEU F 54 -25.92 30.99 30.53
C LEU F 54 -27.17 30.42 31.16
N PHE F 55 -27.99 29.75 30.36
CA PHE F 55 -29.25 29.17 30.82
C PHE F 55 -29.24 27.67 30.59
N LYS F 56 -29.83 26.94 31.54
CA LYS F 56 -30.07 25.52 31.43
C LYS F 56 -31.57 25.31 31.39
N HIS F 57 -32.00 24.24 30.73
CA HIS F 57 -33.43 24.01 30.50
C HIS F 57 -33.84 22.58 30.84
N SER F 67 -30.34 19.50 18.00
CA SER F 67 -30.34 20.92 18.31
C SER F 67 -31.76 21.43 18.51
N ALA F 68 -32.08 21.83 19.74
CA ALA F 68 -33.42 22.30 20.09
C ALA F 68 -33.57 23.74 19.62
N PHE F 69 -33.78 23.88 18.30
CA PHE F 69 -33.94 25.21 17.71
C PHE F 69 -35.21 25.90 18.18
N HIS F 70 -36.26 25.14 18.56
CA HIS F 70 -37.45 25.80 19.06
C HIS F 70 -37.17 26.45 20.41
N ILE F 71 -36.38 25.78 21.26
CA ILE F 71 -35.99 26.36 22.55
C ILE F 71 -35.15 27.61 22.33
N THR F 72 -34.27 27.59 21.33
CA THR F 72 -33.48 28.78 21.01
C THR F 72 -34.39 29.91 20.57
N LYS F 73 -35.32 29.61 19.66
CA LYS F 73 -36.22 30.64 19.15
C LYS F 73 -37.02 31.26 20.28
N ARG F 74 -37.56 30.44 21.18
CA ARG F 74 -38.31 30.98 22.32
C ARG F 74 -37.47 32.00 23.09
N LEU F 75 -36.19 31.68 23.30
CA LEU F 75 -35.29 32.58 24.00
C LEU F 75 -34.95 33.81 23.16
N SER F 76 -34.61 33.59 21.89
CA SER F 76 -34.22 34.72 21.03
C SER F 76 -35.39 35.68 20.85
N ASP F 77 -36.60 35.15 20.68
CA ASP F 77 -37.74 36.00 20.37
C ASP F 77 -38.08 36.97 21.49
N ASP F 78 -37.71 36.65 22.74
CA ASP F 78 -37.98 37.58 23.83
C ASP F 78 -37.30 38.92 23.54
N ASP F 79 -38.04 40.00 23.76
CA ASP F 79 -37.54 41.34 23.41
C ASP F 79 -36.43 41.82 24.32
N ARG F 80 -36.19 41.14 25.44
CA ARG F 80 -35.04 41.43 26.29
C ARG F 80 -33.79 40.70 25.84
N VAL F 81 -33.93 39.71 24.96
CA VAL F 81 -32.83 38.91 24.45
C VAL F 81 -32.47 39.43 23.07
N ILE F 82 -31.23 39.89 22.92
CA ILE F 82 -30.74 40.40 21.63
C ILE F 82 -30.20 39.27 20.76
N TRP F 83 -29.54 38.31 21.39
CA TRP F 83 -28.86 37.22 20.70
C TRP F 83 -28.89 36.01 21.61
N ALA F 84 -29.14 34.84 21.02
CA ALA F 84 -29.17 33.60 21.77
C ALA F 84 -28.59 32.48 20.92
N GLU F 85 -28.03 31.48 21.58
CA GLU F 85 -27.38 30.38 20.85
C GLU F 85 -27.23 29.19 21.80
N GLN F 86 -27.50 28.01 21.29
CA GLN F 86 -27.33 26.79 22.08
C GLN F 86 -25.87 26.36 22.08
N GLN F 87 -25.39 25.92 23.24
CA GLN F 87 -24.01 25.50 23.38
C GLN F 87 -23.83 24.08 22.85
N TYR F 88 -22.66 23.81 22.29
CA TYR F 88 -22.37 22.47 21.78
C TYR F 88 -20.90 22.12 21.93
N GLU F 89 -20.65 20.85 22.24
CA GLU F 89 -19.30 20.34 22.43
C GLU F 89 -18.48 20.48 21.16
N LYS F 90 -17.26 20.98 21.30
CA LYS F 90 -16.32 21.14 20.19
C LYS F 90 -15.03 20.42 20.51
N GLU F 91 -14.42 19.84 19.48
CA GLU F 91 -13.16 19.11 19.65
C GLU F 91 -12.00 20.10 19.75
N ARG F 92 -11.31 20.10 20.89
CA ARG F 92 -10.16 20.98 21.12
C ARG F 92 -8.98 20.13 21.53
N SER F 93 -7.93 20.15 20.71
CA SER F 93 -6.74 19.35 20.95
C SER F 93 -5.73 20.15 21.76
N LYS F 94 -5.10 19.48 22.72
CA LYS F 94 -3.94 20.02 23.41
C LYS F 94 -2.73 19.81 22.50
N ARG F 95 -1.83 20.77 22.49
CA ARG F 95 -0.69 20.72 21.59
C ARG F 95 0.53 20.06 22.24
#